data_6X4N
# 
_entry.id   6X4N 
# 
_audit_conform.dict_name       mmcif_pdbx.dic 
_audit_conform.dict_version    5.380 
_audit_conform.dict_location   http://mmcif.pdb.org/dictionaries/ascii/mmcif_pdbx.dic 
# 
loop_
_database_2.database_id 
_database_2.database_code 
_database_2.pdbx_database_accession 
_database_2.pdbx_DOI 
PDB   6X4N         pdb_00006x4n 10.2210/pdb6x4n/pdb 
WWPDB D_1000249577 ?            ?                   
# 
_pdbx_database_status.status_code                     REL 
_pdbx_database_status.status_code_sf                  REL 
_pdbx_database_status.status_code_mr                  ? 
_pdbx_database_status.entry_id                        6X4N 
_pdbx_database_status.recvd_initial_deposition_date   2020-05-22 
_pdbx_database_status.SG_entry                        N 
_pdbx_database_status.deposit_site                    RCSB 
_pdbx_database_status.process_site                    RCSB 
_pdbx_database_status.status_code_cs                  ? 
_pdbx_database_status.status_code_nmr_data            ? 
_pdbx_database_status.methods_development_category    ? 
_pdbx_database_status.pdb_format_compatible           Y 
# 
loop_
_audit_author.name 
_audit_author.pdbx_ordinal 
_audit_author.identifier_ORCID 
'Appleby, T.C.'  1 ? 
'Paulsen, J.L.'  2 ? 
'Schmitz, U.'    3 ? 
'Shivakumar, D.' 4 ? 
# 
_citation.abstract                  ? 
_citation.abstract_id_CAS           ? 
_citation.book_id_ISBN              ? 
_citation.book_publisher            ? 
_citation.book_publisher_city       ? 
_citation.book_title                ? 
_citation.coordinate_linkage        ? 
_citation.country                   US 
_citation.database_id_Medline       ? 
_citation.details                   ? 
_citation.id                        primary 
_citation.journal_abbrev            J.Chem.Inf.Model. 
_citation.journal_id_ASTM           ? 
_citation.journal_id_CSD            ? 
_citation.journal_id_ISSN           1549-960X 
_citation.journal_full              ? 
_citation.journal_issue             ? 
_citation.journal_volume            60 
_citation.language                  ? 
_citation.page_first                3489 
_citation.page_last                 3498 
_citation.title                     'Evaluation of Free Energy Calculations for the Prioritization of Macrocycle Synthesis.' 
_citation.year                      2020 
_citation.database_id_CSD           ? 
_citation.pdbx_database_id_DOI      10.1021/acs.jcim.0c00132 
_citation.pdbx_database_id_PubMed   32539379 
_citation.unpublished_flag          ? 
# 
loop_
_citation_author.citation_id 
_citation_author.name 
_citation_author.ordinal 
_citation_author.identifier_ORCID 
primary 'Paulsen, J.L.'    1 0000-0003-3169-356X 
primary 'Yu, H.S.'         2 ?                   
primary 'Sindhikara, D.'   3 ?                   
primary 'Wang, L.'         4 0000-0002-8170-6798 
primary 'Appleby, T.'      5 ?                   
primary 'Villasenor, A.G.' 6 ?                   
primary 'Schmitz, U.'      7 ?                   
primary 'Shivakumar, D.'   8 ?                   
# 
_cell.angle_alpha                  90.000 
_cell.angle_alpha_esd              ? 
_cell.angle_beta                   90.000 
_cell.angle_beta_esd               ? 
_cell.angle_gamma                  90.000 
_cell.angle_gamma_esd              ? 
_cell.entry_id                     6X4N 
_cell.details                      ? 
_cell.formula_units_Z              ? 
_cell.length_a                     43.019 
_cell.length_a_esd                 ? 
_cell.length_b                     54.331 
_cell.length_b_esd                 ? 
_cell.length_c                     87.143 
_cell.length_c_esd                 ? 
_cell.volume                       203676.309 
_cell.volume_esd                   ? 
_cell.Z_PDB                        4 
_cell.reciprocal_angle_alpha       ? 
_cell.reciprocal_angle_beta        ? 
_cell.reciprocal_angle_gamma       ? 
_cell.reciprocal_angle_alpha_esd   ? 
_cell.reciprocal_angle_beta_esd    ? 
_cell.reciprocal_angle_gamma_esd   ? 
_cell.reciprocal_length_a          ? 
_cell.reciprocal_length_b          ? 
_cell.reciprocal_length_c          ? 
_cell.reciprocal_length_a_esd      ? 
_cell.reciprocal_length_b_esd      ? 
_cell.reciprocal_length_c_esd      ? 
_cell.pdbx_unique_axis             ? 
# 
_symmetry.entry_id                         6X4N 
_symmetry.cell_setting                     ? 
_symmetry.Int_Tables_number                19 
_symmetry.space_group_name_Hall            'P 2ac 2ab' 
_symmetry.space_group_name_H-M             'P 21 21 21' 
_symmetry.pdbx_full_space_group_name_H-M   ? 
# 
loop_
_entity.id 
_entity.type 
_entity.src_method 
_entity.pdbx_description 
_entity.formula_weight 
_entity.pdbx_number_of_molecules 
_entity.pdbx_ec 
_entity.pdbx_mutation 
_entity.pdbx_fragment 
_entity.details 
1 polymer     man 'Peptidyl-prolyl cis-trans isomerase A' 18231.701 1   5.2.1.8 ? ? ? 
2 non-polymer syn 
;(2R,5S,11S,14S,18E)-2,11,17,17-tetramethyl-14-(propan-2-yl)-3-oxa-9,12,15,26,29-pentaazatetracyclo[18.5.3.1~5,9~.0~23,27~]nonacosa-1(25),18,20(28),21,23,26-hexaene-4,10,13,16-tetrone
;
549.661   1   ?       ? ? ? 
3 water       nat water 18.015    207 ?       ? ? ? 
# 
_entity_name_com.entity_id   1 
_entity_name_com.name        'PPIase A,Cyclophilin A,Cyclosporin A-binding protein,Rotamase A' 
# 
_entity_poly.entity_id                      1 
_entity_poly.type                           'polypeptide(L)' 
_entity_poly.nstd_linkage                   no 
_entity_poly.nstd_monomer                   no 
_entity_poly.pdbx_seq_one_letter_code       
;GHMVNPTVFFDIAVDGEPLGRVSFELFADKVPKTAENFRALSTGEKGFGYKGSCFHRIIPGFMCQGGDFTRHNGTGGKSI
YGEKFEDENFILKHTGPGILSMANAGPNTNGSQFFICTAKTEWLDGKHVVFGKVKEGMNIVEAMERFGSRNGKTSKKITI
ADCGQLE
;
_entity_poly.pdbx_seq_one_letter_code_can   
;GHMVNPTVFFDIAVDGEPLGRVSFELFADKVPKTAENFRALSTGEKGFGYKGSCFHRIIPGFMCQGGDFTRHNGTGGKSI
YGEKFEDENFILKHTGPGILSMANAGPNTNGSQFFICTAKTEWLDGKHVVFGKVKEGMNIVEAMERFGSRNGKTSKKITI
ADCGQLE
;
_entity_poly.pdbx_strand_id                 A 
_entity_poly.pdbx_target_identifier         ? 
# 
loop_
_entity_poly_seq.entity_id 
_entity_poly_seq.num 
_entity_poly_seq.mon_id 
_entity_poly_seq.hetero 
1 1   GLY n 
1 2   HIS n 
1 3   MET n 
1 4   VAL n 
1 5   ASN n 
1 6   PRO n 
1 7   THR n 
1 8   VAL n 
1 9   PHE n 
1 10  PHE n 
1 11  ASP n 
1 12  ILE n 
1 13  ALA n 
1 14  VAL n 
1 15  ASP n 
1 16  GLY n 
1 17  GLU n 
1 18  PRO n 
1 19  LEU n 
1 20  GLY n 
1 21  ARG n 
1 22  VAL n 
1 23  SER n 
1 24  PHE n 
1 25  GLU n 
1 26  LEU n 
1 27  PHE n 
1 28  ALA n 
1 29  ASP n 
1 30  LYS n 
1 31  VAL n 
1 32  PRO n 
1 33  LYS n 
1 34  THR n 
1 35  ALA n 
1 36  GLU n 
1 37  ASN n 
1 38  PHE n 
1 39  ARG n 
1 40  ALA n 
1 41  LEU n 
1 42  SER n 
1 43  THR n 
1 44  GLY n 
1 45  GLU n 
1 46  LYS n 
1 47  GLY n 
1 48  PHE n 
1 49  GLY n 
1 50  TYR n 
1 51  LYS n 
1 52  GLY n 
1 53  SER n 
1 54  CYS n 
1 55  PHE n 
1 56  HIS n 
1 57  ARG n 
1 58  ILE n 
1 59  ILE n 
1 60  PRO n 
1 61  GLY n 
1 62  PHE n 
1 63  MET n 
1 64  CYS n 
1 65  GLN n 
1 66  GLY n 
1 67  GLY n 
1 68  ASP n 
1 69  PHE n 
1 70  THR n 
1 71  ARG n 
1 72  HIS n 
1 73  ASN n 
1 74  GLY n 
1 75  THR n 
1 76  GLY n 
1 77  GLY n 
1 78  LYS n 
1 79  SER n 
1 80  ILE n 
1 81  TYR n 
1 82  GLY n 
1 83  GLU n 
1 84  LYS n 
1 85  PHE n 
1 86  GLU n 
1 87  ASP n 
1 88  GLU n 
1 89  ASN n 
1 90  PHE n 
1 91  ILE n 
1 92  LEU n 
1 93  LYS n 
1 94  HIS n 
1 95  THR n 
1 96  GLY n 
1 97  PRO n 
1 98  GLY n 
1 99  ILE n 
1 100 LEU n 
1 101 SER n 
1 102 MET n 
1 103 ALA n 
1 104 ASN n 
1 105 ALA n 
1 106 GLY n 
1 107 PRO n 
1 108 ASN n 
1 109 THR n 
1 110 ASN n 
1 111 GLY n 
1 112 SER n 
1 113 GLN n 
1 114 PHE n 
1 115 PHE n 
1 116 ILE n 
1 117 CYS n 
1 118 THR n 
1 119 ALA n 
1 120 LYS n 
1 121 THR n 
1 122 GLU n 
1 123 TRP n 
1 124 LEU n 
1 125 ASP n 
1 126 GLY n 
1 127 LYS n 
1 128 HIS n 
1 129 VAL n 
1 130 VAL n 
1 131 PHE n 
1 132 GLY n 
1 133 LYS n 
1 134 VAL n 
1 135 LYS n 
1 136 GLU n 
1 137 GLY n 
1 138 MET n 
1 139 ASN n 
1 140 ILE n 
1 141 VAL n 
1 142 GLU n 
1 143 ALA n 
1 144 MET n 
1 145 GLU n 
1 146 ARG n 
1 147 PHE n 
1 148 GLY n 
1 149 SER n 
1 150 ARG n 
1 151 ASN n 
1 152 GLY n 
1 153 LYS n 
1 154 THR n 
1 155 SER n 
1 156 LYS n 
1 157 LYS n 
1 158 ILE n 
1 159 THR n 
1 160 ILE n 
1 161 ALA n 
1 162 ASP n 
1 163 CYS n 
1 164 GLY n 
1 165 GLN n 
1 166 LEU n 
1 167 GLU n 
# 
_entity_src_gen.entity_id                          1 
_entity_src_gen.pdbx_src_id                        1 
_entity_src_gen.pdbx_alt_source_flag               sample 
_entity_src_gen.pdbx_seq_type                      'Biological sequence' 
_entity_src_gen.pdbx_beg_seq_num                   1 
_entity_src_gen.pdbx_end_seq_num                   167 
_entity_src_gen.gene_src_common_name               Human 
_entity_src_gen.gene_src_genus                     ? 
_entity_src_gen.pdbx_gene_src_gene                 'PPIA, CYPA' 
_entity_src_gen.gene_src_species                   ? 
_entity_src_gen.gene_src_strain                    ? 
_entity_src_gen.gene_src_tissue                    ? 
_entity_src_gen.gene_src_tissue_fraction           ? 
_entity_src_gen.gene_src_details                   ? 
_entity_src_gen.pdbx_gene_src_fragment             ? 
_entity_src_gen.pdbx_gene_src_scientific_name      'Homo sapiens' 
_entity_src_gen.pdbx_gene_src_ncbi_taxonomy_id     9606 
_entity_src_gen.pdbx_gene_src_variant              ? 
_entity_src_gen.pdbx_gene_src_cell_line            ? 
_entity_src_gen.pdbx_gene_src_atcc                 ? 
_entity_src_gen.pdbx_gene_src_organ                ? 
_entity_src_gen.pdbx_gene_src_organelle            ? 
_entity_src_gen.pdbx_gene_src_cell                 ? 
_entity_src_gen.pdbx_gene_src_cellular_location    ? 
_entity_src_gen.host_org_common_name               ? 
_entity_src_gen.pdbx_host_org_scientific_name      'Escherichia coli' 
_entity_src_gen.pdbx_host_org_ncbi_taxonomy_id     562 
_entity_src_gen.host_org_genus                     ? 
_entity_src_gen.pdbx_host_org_gene                 ? 
_entity_src_gen.pdbx_host_org_organ                ? 
_entity_src_gen.host_org_species                   ? 
_entity_src_gen.pdbx_host_org_tissue               ? 
_entity_src_gen.pdbx_host_org_tissue_fraction      ? 
_entity_src_gen.pdbx_host_org_strain               ? 
_entity_src_gen.pdbx_host_org_variant              ? 
_entity_src_gen.pdbx_host_org_cell_line            ? 
_entity_src_gen.pdbx_host_org_atcc                 ? 
_entity_src_gen.pdbx_host_org_culture_collection   ? 
_entity_src_gen.pdbx_host_org_cell                 ? 
_entity_src_gen.pdbx_host_org_organelle            ? 
_entity_src_gen.pdbx_host_org_cellular_location    ? 
_entity_src_gen.pdbx_host_org_vector_type          ? 
_entity_src_gen.pdbx_host_org_vector               ? 
_entity_src_gen.host_org_details                   ? 
_entity_src_gen.expression_system_id               ? 
_entity_src_gen.plasmid_name                       ? 
_entity_src_gen.plasmid_details                    ? 
_entity_src_gen.pdbx_description                   ? 
# 
_struct_ref.id                         1 
_struct_ref.db_name                    UNP 
_struct_ref.db_code                    PPIA_HUMAN 
_struct_ref.pdbx_db_accession          P62937 
_struct_ref.pdbx_db_isoform            ? 
_struct_ref.entity_id                  1 
_struct_ref.pdbx_seq_one_letter_code   
;MVNPTVFFDIAVDGEPLGRVSFELFADKVPKTAENFRALSTGEKGFGYKGSCFHRIIPGFMCQGGDFTRHNGTGGKSIYG
EKFEDENFILKHTGPGILSMANAGPNTNGSQFFICTAKTEWLDGKHVVFGKVKEGMNIVEAMERFGSRNGKTSKKITIAD
CGQLE
;
_struct_ref.pdbx_align_begin           1 
# 
_struct_ref_seq.align_id                      1 
_struct_ref_seq.ref_id                        1 
_struct_ref_seq.pdbx_PDB_id_code              6X4N 
_struct_ref_seq.pdbx_strand_id                A 
_struct_ref_seq.seq_align_beg                 3 
_struct_ref_seq.pdbx_seq_align_beg_ins_code   ? 
_struct_ref_seq.seq_align_end                 167 
_struct_ref_seq.pdbx_seq_align_end_ins_code   ? 
_struct_ref_seq.pdbx_db_accession             P62937 
_struct_ref_seq.db_align_beg                  1 
_struct_ref_seq.pdbx_db_align_beg_ins_code    ? 
_struct_ref_seq.db_align_end                  165 
_struct_ref_seq.pdbx_db_align_end_ins_code    ? 
_struct_ref_seq.pdbx_auth_seq_align_beg       1 
_struct_ref_seq.pdbx_auth_seq_align_end       165 
# 
loop_
_struct_ref_seq_dif.align_id 
_struct_ref_seq_dif.pdbx_pdb_id_code 
_struct_ref_seq_dif.mon_id 
_struct_ref_seq_dif.pdbx_pdb_strand_id 
_struct_ref_seq_dif.seq_num 
_struct_ref_seq_dif.pdbx_pdb_ins_code 
_struct_ref_seq_dif.pdbx_seq_db_name 
_struct_ref_seq_dif.pdbx_seq_db_accession_code 
_struct_ref_seq_dif.db_mon_id 
_struct_ref_seq_dif.pdbx_seq_db_seq_num 
_struct_ref_seq_dif.details 
_struct_ref_seq_dif.pdbx_auth_seq_num 
_struct_ref_seq_dif.pdbx_ordinal 
1 6X4N GLY A 1 ? UNP P62937 ? ? 'expression tag' -1 1 
1 6X4N HIS A 2 ? UNP P62937 ? ? 'expression tag' 0  2 
# 
loop_
_chem_comp.id 
_chem_comp.type 
_chem_comp.mon_nstd_flag 
_chem_comp.name 
_chem_comp.pdbx_synonyms 
_chem_comp.formula 
_chem_comp.formula_weight 
ALA 'L-peptide linking' y ALANINE ? 'C3 H7 N O2'     89.093  
ARG 'L-peptide linking' y ARGININE ? 'C6 H15 N4 O2 1' 175.209 
ASN 'L-peptide linking' y ASPARAGINE ? 'C4 H8 N2 O3'    132.118 
ASP 'L-peptide linking' y 'ASPARTIC ACID' ? 'C4 H7 N O4'     133.103 
CYS 'L-peptide linking' y CYSTEINE ? 'C3 H7 N O2 S'   121.158 
GLN 'L-peptide linking' y GLUTAMINE ? 'C5 H10 N2 O3'   146.144 
GLU 'L-peptide linking' y 'GLUTAMIC ACID' ? 'C5 H9 N O4'     147.129 
GLY 'peptide linking'   y GLYCINE ? 'C2 H5 N O2'     75.067  
HIS 'L-peptide linking' y HISTIDINE ? 'C6 H10 N3 O2 1' 156.162 
HOH non-polymer         . WATER ? 'H2 O'           18.015  
ILE 'L-peptide linking' y ISOLEUCINE ? 'C6 H13 N O2'    131.173 
LEU 'L-peptide linking' y LEUCINE ? 'C6 H13 N O2'    131.173 
LYS 'L-peptide linking' y LYSINE ? 'C6 H15 N2 O2 1' 147.195 
MET 'L-peptide linking' y METHIONINE ? 'C5 H11 N O2 S'  149.211 
PHE 'L-peptide linking' y PHENYLALANINE ? 'C9 H11 N O2'    165.189 
PRO 'L-peptide linking' y PROLINE ? 'C5 H9 N O2'     115.130 
SER 'L-peptide linking' y SERINE ? 'C3 H7 N O3'     105.093 
THR 'L-peptide linking' y THREONINE ? 'C4 H9 N O3'     119.119 
TRP 'L-peptide linking' y TRYPTOPHAN ? 'C11 H12 N2 O2'  204.225 
TYR 'L-peptide linking' y TYROSINE ? 'C9 H11 N O3'    181.189 
UOD non-polymer         . 
;(2R,5S,11S,14S,18E)-2,11,17,17-tetramethyl-14-(propan-2-yl)-3-oxa-9,12,15,26,29-pentaazatetracyclo[18.5.3.1~5,9~.0~23,27~]nonacosa-1(25),18,20(28),21,23,26-hexaene-4,10,13,16-tetrone
;
? 'C30 H39 N5 O5'  549.661 
VAL 'L-peptide linking' y VALINE ? 'C5 H11 N O2'    117.146 
# 
_exptl.absorpt_coefficient_mu     ? 
_exptl.absorpt_correction_T_max   ? 
_exptl.absorpt_correction_T_min   ? 
_exptl.absorpt_correction_type    ? 
_exptl.absorpt_process_details    ? 
_exptl.entry_id                   6X4N 
_exptl.crystals_number            1 
_exptl.details                    ? 
_exptl.method                     'X-RAY DIFFRACTION' 
_exptl.method_details             ? 
# 
_exptl_crystal.colour                      ? 
_exptl_crystal.density_diffrn              ? 
_exptl_crystal.density_Matthews            2.79 
_exptl_crystal.density_method              ? 
_exptl_crystal.density_percent_sol         55.96 
_exptl_crystal.description                 ? 
_exptl_crystal.F_000                       ? 
_exptl_crystal.id                          1 
_exptl_crystal.preparation                 ? 
_exptl_crystal.size_max                    ? 
_exptl_crystal.size_mid                    ? 
_exptl_crystal.size_min                    ? 
_exptl_crystal.size_rad                    ? 
_exptl_crystal.colour_lustre               ? 
_exptl_crystal.colour_modifier             ? 
_exptl_crystal.colour_primary              ? 
_exptl_crystal.density_meas                ? 
_exptl_crystal.density_meas_esd            ? 
_exptl_crystal.density_meas_gt             ? 
_exptl_crystal.density_meas_lt             ? 
_exptl_crystal.density_meas_temp           ? 
_exptl_crystal.density_meas_temp_esd       ? 
_exptl_crystal.density_meas_temp_gt        ? 
_exptl_crystal.density_meas_temp_lt        ? 
_exptl_crystal.pdbx_crystal_image_url      ? 
_exptl_crystal.pdbx_crystal_image_format   ? 
_exptl_crystal.pdbx_mosaicity              ? 
_exptl_crystal.pdbx_mosaicity_esd          ? 
# 
_exptl_crystal_grow.apparatus       ? 
_exptl_crystal_grow.atmosphere      ? 
_exptl_crystal_grow.crystal_id      1 
_exptl_crystal_grow.details         ? 
_exptl_crystal_grow.method          'VAPOR DIFFUSION, HANGING DROP' 
_exptl_crystal_grow.method_ref      ? 
_exptl_crystal_grow.pH              8.5 
_exptl_crystal_grow.pressure        ? 
_exptl_crystal_grow.pressure_esd    ? 
_exptl_crystal_grow.seeding         ? 
_exptl_crystal_grow.seeding_ref     ? 
_exptl_crystal_grow.temp            277 
_exptl_crystal_grow.temp_details    ? 
_exptl_crystal_grow.temp_esd        ? 
_exptl_crystal_grow.time            ? 
_exptl_crystal_grow.pdbx_details    '20 mM Tris-HCl, pH 8.5, 2 mM DTT, 2 mM EDTA, 20-35% PEG3350, 5% ethanol' 
_exptl_crystal_grow.pdbx_pH_range   ? 
# 
_diffrn.ambient_environment              ? 
_diffrn.ambient_temp                     100 
_diffrn.ambient_temp_details             ? 
_diffrn.ambient_temp_esd                 ? 
_diffrn.crystal_id                       1 
_diffrn.crystal_support                  ? 
_diffrn.crystal_treatment                ? 
_diffrn.details                          ? 
_diffrn.id                               1 
_diffrn.ambient_pressure                 ? 
_diffrn.ambient_pressure_esd             ? 
_diffrn.ambient_pressure_gt              ? 
_diffrn.ambient_pressure_lt              ? 
_diffrn.ambient_temp_gt                  ? 
_diffrn.ambient_temp_lt                  ? 
_diffrn.pdbx_serial_crystal_experiment   N 
# 
_diffrn_detector.details                      ? 
_diffrn_detector.detector                     CCD 
_diffrn_detector.diffrn_id                    1 
_diffrn_detector.type                         'ADSC QUANTUM 315r' 
_diffrn_detector.area_resol_mean              ? 
_diffrn_detector.dtime                        ? 
_diffrn_detector.pdbx_frames_total            ? 
_diffrn_detector.pdbx_collection_time_total   ? 
_diffrn_detector.pdbx_collection_date         2012-04-19 
_diffrn_detector.pdbx_frequency               ? 
# 
_diffrn_radiation.collimation                      ? 
_diffrn_radiation.diffrn_id                        1 
_diffrn_radiation.filter_edge                      ? 
_diffrn_radiation.inhomogeneity                    ? 
_diffrn_radiation.monochromator                    'Si(111)' 
_diffrn_radiation.polarisn_norm                    ? 
_diffrn_radiation.polarisn_ratio                   ? 
_diffrn_radiation.probe                            ? 
_diffrn_radiation.type                             ? 
_diffrn_radiation.xray_symbol                      ? 
_diffrn_radiation.wavelength_id                    1 
_diffrn_radiation.pdbx_monochromatic_or_laue_m_l   M 
_diffrn_radiation.pdbx_wavelength_list             ? 
_diffrn_radiation.pdbx_wavelength                  ? 
_diffrn_radiation.pdbx_diffrn_protocol             'SINGLE WAVELENGTH' 
_diffrn_radiation.pdbx_analyzer                    ? 
_diffrn_radiation.pdbx_scattering_type             x-ray 
# 
_diffrn_radiation_wavelength.id           1 
_diffrn_radiation_wavelength.wavelength   0.976 
_diffrn_radiation_wavelength.wt           1.0 
# 
_diffrn_source.current                     ? 
_diffrn_source.details                     ? 
_diffrn_source.diffrn_id                   1 
_diffrn_source.power                       ? 
_diffrn_source.size                        ? 
_diffrn_source.source                      SYNCHROTRON 
_diffrn_source.target                      ? 
_diffrn_source.type                        'ALS BEAMLINE 5.0.2' 
_diffrn_source.voltage                     ? 
_diffrn_source.take-off_angle              ? 
_diffrn_source.pdbx_wavelength_list        0.976 
_diffrn_source.pdbx_wavelength             ? 
_diffrn_source.pdbx_synchrotron_beamline   5.0.2 
_diffrn_source.pdbx_synchrotron_site       ALS 
# 
_reflns.B_iso_Wilson_estimate            12.61 
_reflns.entry_id                         6X4N 
_reflns.data_reduction_details           ? 
_reflns.data_reduction_method            ? 
_reflns.d_resolution_high                1.51 
_reflns.d_resolution_low                 33.99 
_reflns.details                          ? 
_reflns.limit_h_max                      ? 
_reflns.limit_h_min                      ? 
_reflns.limit_k_max                      ? 
_reflns.limit_k_min                      ? 
_reflns.limit_l_max                      ? 
_reflns.limit_l_min                      ? 
_reflns.number_all                       ? 
_reflns.number_obs                       31680 
_reflns.observed_criterion               ? 
_reflns.observed_criterion_F_max         ? 
_reflns.observed_criterion_F_min         ? 
_reflns.observed_criterion_I_max         ? 
_reflns.observed_criterion_I_min         ? 
_reflns.observed_criterion_sigma_F       ? 
_reflns.observed_criterion_sigma_I       ? 
_reflns.percent_possible_obs             96.3 
_reflns.R_free_details                   ? 
_reflns.Rmerge_F_all                     ? 
_reflns.Rmerge_F_obs                     ? 
_reflns.Friedel_coverage                 ? 
_reflns.number_gt                        ? 
_reflns.threshold_expression             ? 
_reflns.pdbx_redundancy                  7.8 
_reflns.pdbx_Rmerge_I_obs                ? 
_reflns.pdbx_Rmerge_I_all                ? 
_reflns.pdbx_Rsym_value                  0.055 
_reflns.pdbx_netI_over_av_sigmaI         ? 
_reflns.pdbx_netI_over_sigmaI            47.77 
_reflns.pdbx_res_netI_over_av_sigmaI_2   ? 
_reflns.pdbx_res_netI_over_sigmaI_2      ? 
_reflns.pdbx_chi_squared                 ? 
_reflns.pdbx_scaling_rejects             ? 
_reflns.pdbx_d_res_high_opt              ? 
_reflns.pdbx_d_res_low_opt               ? 
_reflns.pdbx_d_res_opt_method            ? 
_reflns.phase_calculation_details        ? 
_reflns.pdbx_Rrim_I_all                  ? 
_reflns.pdbx_Rpim_I_all                  ? 
_reflns.pdbx_d_opt                       ? 
_reflns.pdbx_number_measured_all         ? 
_reflns.pdbx_diffrn_id                   1 
_reflns.pdbx_ordinal                     1 
_reflns.pdbx_CC_half                     ? 
_reflns.pdbx_CC_star                     ? 
_reflns.pdbx_R_split                     ? 
# 
_reflns_shell.d_res_high                  1.51 
_reflns_shell.d_res_low                   1.55 
_reflns_shell.meanI_over_sigI_all         ? 
_reflns_shell.meanI_over_sigI_obs         ? 
_reflns_shell.number_measured_all         ? 
_reflns_shell.number_measured_obs         ? 
_reflns_shell.number_possible             ? 
_reflns_shell.number_unique_all           ? 
_reflns_shell.number_unique_obs           2044 
_reflns_shell.percent_possible_all        ? 
_reflns_shell.percent_possible_obs        ? 
_reflns_shell.Rmerge_F_all                ? 
_reflns_shell.Rmerge_F_obs                ? 
_reflns_shell.Rmerge_I_all                ? 
_reflns_shell.Rmerge_I_obs                ? 
_reflns_shell.meanI_over_sigI_gt          ? 
_reflns_shell.meanI_over_uI_all           ? 
_reflns_shell.meanI_over_uI_gt            ? 
_reflns_shell.number_measured_gt          ? 
_reflns_shell.number_unique_gt            ? 
_reflns_shell.percent_possible_gt         ? 
_reflns_shell.Rmerge_F_gt                 ? 
_reflns_shell.Rmerge_I_gt                 ? 
_reflns_shell.pdbx_redundancy             ? 
_reflns_shell.pdbx_Rsym_value             0.342 
_reflns_shell.pdbx_chi_squared            ? 
_reflns_shell.pdbx_netI_over_sigmaI_all   ? 
_reflns_shell.pdbx_netI_over_sigmaI_obs   ? 
_reflns_shell.pdbx_Rrim_I_all             ? 
_reflns_shell.pdbx_Rpim_I_all             ? 
_reflns_shell.pdbx_rejects                ? 
_reflns_shell.pdbx_ordinal                1 
_reflns_shell.pdbx_diffrn_id              1 
_reflns_shell.pdbx_CC_half                ? 
_reflns_shell.pdbx_CC_star                ? 
_reflns_shell.pdbx_R_split                ? 
# 
_refine.aniso_B[1][1]                            ? 
_refine.aniso_B[1][2]                            ? 
_refine.aniso_B[1][3]                            ? 
_refine.aniso_B[2][2]                            ? 
_refine.aniso_B[2][3]                            ? 
_refine.aniso_B[3][3]                            ? 
_refine.B_iso_max                                ? 
_refine.B_iso_mean                               15.08 
_refine.B_iso_min                                ? 
_refine.correlation_coeff_Fo_to_Fc               ? 
_refine.correlation_coeff_Fo_to_Fc_free          ? 
_refine.details                                  ? 
_refine.diff_density_max                         ? 
_refine.diff_density_max_esd                     ? 
_refine.diff_density_min                         ? 
_refine.diff_density_min_esd                     ? 
_refine.diff_density_rms                         ? 
_refine.diff_density_rms_esd                     ? 
_refine.entry_id                                 6X4N 
_refine.pdbx_refine_id                           'X-RAY DIFFRACTION' 
_refine.ls_abs_structure_details                 ? 
_refine.ls_abs_structure_Flack                   ? 
_refine.ls_abs_structure_Flack_esd               ? 
_refine.ls_abs_structure_Rogers                  ? 
_refine.ls_abs_structure_Rogers_esd              ? 
_refine.ls_d_res_high                            1.51 
_refine.ls_d_res_low                             33.99 
_refine.ls_extinction_coef                       ? 
_refine.ls_extinction_coef_esd                   ? 
_refine.ls_extinction_expression                 ? 
_refine.ls_extinction_method                     ? 
_refine.ls_goodness_of_fit_all                   ? 
_refine.ls_goodness_of_fit_all_esd               ? 
_refine.ls_goodness_of_fit_obs                   ? 
_refine.ls_goodness_of_fit_obs_esd               ? 
_refine.ls_hydrogen_treatment                    ? 
_refine.ls_matrix_type                           ? 
_refine.ls_number_constraints                    ? 
_refine.ls_number_parameters                     ? 
_refine.ls_number_reflns_all                     ? 
_refine.ls_number_reflns_obs                     31638 
_refine.ls_number_reflns_R_free                  2000 
_refine.ls_number_reflns_R_work                  29638 
_refine.ls_number_restraints                     ? 
_refine.ls_percent_reflns_obs                    96.30 
_refine.ls_percent_reflns_R_free                 6.32 
_refine.ls_R_factor_all                          ? 
_refine.ls_R_factor_obs                          0.1598 
_refine.ls_R_factor_R_free                       0.1805 
_refine.ls_R_factor_R_free_error                 ? 
_refine.ls_R_factor_R_free_error_details         ? 
_refine.ls_R_factor_R_work                       0.1584 
_refine.ls_R_Fsqd_factor_obs                     ? 
_refine.ls_R_I_factor_obs                        ? 
_refine.ls_redundancy_reflns_all                 ? 
_refine.ls_redundancy_reflns_obs                 ? 
_refine.ls_restrained_S_all                      ? 
_refine.ls_restrained_S_obs                      ? 
_refine.ls_shift_over_esd_max                    ? 
_refine.ls_shift_over_esd_mean                   ? 
_refine.ls_structure_factor_coef                 ? 
_refine.ls_weighting_details                     ? 
_refine.ls_weighting_scheme                      ? 
_refine.ls_wR_factor_all                         ? 
_refine.ls_wR_factor_obs                         ? 
_refine.ls_wR_factor_R_free                      ? 
_refine.ls_wR_factor_R_work                      ? 
_refine.occupancy_max                            ? 
_refine.occupancy_min                            ? 
_refine.solvent_model_details                    'FLAT BULK SOLVENT MODEL' 
_refine.solvent_model_param_bsol                 ? 
_refine.solvent_model_param_ksol                 ? 
_refine.pdbx_R_complete                          ? 
_refine.ls_R_factor_gt                           ? 
_refine.ls_goodness_of_fit_gt                    ? 
_refine.ls_goodness_of_fit_ref                   ? 
_refine.ls_shift_over_su_max                     ? 
_refine.ls_shift_over_su_max_lt                  ? 
_refine.ls_shift_over_su_mean                    ? 
_refine.ls_shift_over_su_mean_lt                 ? 
_refine.pdbx_ls_sigma_I                          ? 
_refine.pdbx_ls_sigma_F                          1.33 
_refine.pdbx_ls_sigma_Fsqd                       ? 
_refine.pdbx_data_cutoff_high_absF               ? 
_refine.pdbx_data_cutoff_high_rms_absF           ? 
_refine.pdbx_data_cutoff_low_absF                ? 
_refine.pdbx_isotropic_thermal_model             ? 
_refine.pdbx_ls_cross_valid_method               'FREE R-VALUE' 
_refine.pdbx_method_to_determine_struct          'MOLECULAR REPLACEMENT' 
_refine.pdbx_starting_model                      'PDB entry 2CPL' 
_refine.pdbx_stereochemistry_target_values       'GeoStd + Monomer Library + CDL v1.2' 
_refine.pdbx_R_Free_selection_details            ? 
_refine.pdbx_stereochem_target_val_spec_case     ? 
_refine.pdbx_overall_ESU_R                       ? 
_refine.pdbx_overall_ESU_R_Free                  ? 
_refine.pdbx_solvent_vdw_probe_radii             1.1100 
_refine.pdbx_solvent_ion_probe_radii             ? 
_refine.pdbx_solvent_shrinkage_radii             0.9000 
_refine.pdbx_real_space_R                        ? 
_refine.pdbx_density_correlation                 ? 
_refine.pdbx_pd_number_of_powder_patterns        ? 
_refine.pdbx_pd_number_of_points                 ? 
_refine.pdbx_pd_meas_number_of_points            ? 
_refine.pdbx_pd_proc_ls_prof_R_factor            ? 
_refine.pdbx_pd_proc_ls_prof_wR_factor           ? 
_refine.pdbx_pd_Marquardt_correlation_coeff      ? 
_refine.pdbx_pd_Fsqrd_R_factor                   ? 
_refine.pdbx_pd_ls_matrix_band_width             ? 
_refine.pdbx_overall_phase_error                 16.0931 
_refine.pdbx_overall_SU_R_free_Cruickshank_DPI   ? 
_refine.pdbx_overall_SU_R_free_Blow_DPI          ? 
_refine.pdbx_overall_SU_R_Blow_DPI               ? 
_refine.pdbx_TLS_residual_ADP_flag               ? 
_refine.pdbx_diffrn_id                           1 
_refine.overall_SU_B                             ? 
_refine.overall_SU_ML                            0.1247 
_refine.overall_SU_R_Cruickshank_DPI             ? 
_refine.overall_SU_R_free                        ? 
_refine.overall_FOM_free_R_set                   ? 
_refine.overall_FOM_work_R_set                   ? 
_refine.pdbx_average_fsc_overall                 ? 
_refine.pdbx_average_fsc_work                    ? 
_refine.pdbx_average_fsc_free                    ? 
# 
_refine_hist.pdbx_refine_id                   'X-RAY DIFFRACTION' 
_refine_hist.cycle_id                         LAST 
_refine_hist.details                          ? 
_refine_hist.d_res_high                       1.51 
_refine_hist.d_res_low                        33.99 
_refine_hist.number_atoms_solvent             207 
_refine_hist.number_atoms_total               1495 
_refine_hist.number_reflns_all                ? 
_refine_hist.number_reflns_obs                ? 
_refine_hist.number_reflns_R_free             ? 
_refine_hist.number_reflns_R_work             ? 
_refine_hist.R_factor_all                     ? 
_refine_hist.R_factor_obs                     ? 
_refine_hist.R_factor_R_free                  ? 
_refine_hist.R_factor_R_work                  ? 
_refine_hist.pdbx_number_residues_total       ? 
_refine_hist.pdbx_B_iso_mean_ligand           ? 
_refine_hist.pdbx_B_iso_mean_solvent          ? 
_refine_hist.pdbx_number_atoms_protein        1248 
_refine_hist.pdbx_number_atoms_nucleic_acid   0 
_refine_hist.pdbx_number_atoms_ligand         40 
_refine_hist.pdbx_number_atoms_lipid          ? 
_refine_hist.pdbx_number_atoms_carb           ? 
_refine_hist.pdbx_pseudo_atom_details         ? 
# 
loop_
_refine_ls_restr.pdbx_refine_id 
_refine_ls_restr.criterion 
_refine_ls_restr.dev_ideal 
_refine_ls_restr.dev_ideal_target 
_refine_ls_restr.number 
_refine_ls_restr.rejects 
_refine_ls_restr.type 
_refine_ls_restr.weight 
_refine_ls_restr.pdbx_restraint_function 
'X-RAY DIFFRACTION' ? 0.0150 ? 1320 ? f_bond_d           ? ? 
'X-RAY DIFFRACTION' ? 1.3815 ? 1780 ? f_angle_d          ? ? 
'X-RAY DIFFRACTION' ? 0.0890 ? 183  ? f_chiral_restr     ? ? 
'X-RAY DIFFRACTION' ? 0.0101 ? 234  ? f_plane_restr      ? ? 
'X-RAY DIFFRACTION' ? 6.3199 ? 185  ? f_dihedral_angle_d ? ? 
# 
loop_
_refine_ls_shell.pdbx_refine_id 
_refine_ls_shell.d_res_high 
_refine_ls_shell.d_res_low 
_refine_ls_shell.number_reflns_all 
_refine_ls_shell.number_reflns_obs 
_refine_ls_shell.number_reflns_R_free 
_refine_ls_shell.number_reflns_R_work 
_refine_ls_shell.percent_reflns_obs 
_refine_ls_shell.percent_reflns_R_free 
_refine_ls_shell.R_factor_all 
_refine_ls_shell.R_factor_obs 
_refine_ls_shell.R_factor_R_free 
_refine_ls_shell.R_factor_R_free_error 
_refine_ls_shell.R_factor_R_work 
_refine_ls_shell.redundancy_reflns_all 
_refine_ls_shell.redundancy_reflns_obs 
_refine_ls_shell.wR_factor_all 
_refine_ls_shell.wR_factor_obs 
_refine_ls_shell.wR_factor_R_free 
_refine_ls_shell.wR_factor_R_work 
_refine_ls_shell.pdbx_R_complete 
_refine_ls_shell.pdbx_total_number_of_bins_used 
_refine_ls_shell.pdbx_phase_error 
_refine_ls_shell.pdbx_fsc_work 
_refine_ls_shell.pdbx_fsc_free 
'X-RAY DIFFRACTION' 1.51 1.55  . . 127 1892 87.63 . . . 0.1936 . 0.1484 . . . . . . . . . . . 
'X-RAY DIFFRACTION' 1.55 1.59  . . 139 2061 95.32 . . . 0.1954 . 0.1397 . . . . . . . . . . . 
'X-RAY DIFFRACTION' 1.59 1.64  . . 140 2054 95.47 . . . 0.1472 . 0.1398 . . . . . . . . . . . 
'X-RAY DIFFRACTION' 1.64 1.69  . . 139 2070 95.42 . . . 0.1753 . 0.1322 . . . . . . . . . . . 
'X-RAY DIFFRACTION' 1.69 1.75  . . 141 2078 95.94 . . . 0.1959 . 0.1527 . . . . . . . . . . . 
'X-RAY DIFFRACTION' 1.75 1.82  . . 142 2113 96.37 . . . 0.1825 . 0.1528 . . . . . . . . . . . 
'X-RAY DIFFRACTION' 1.82 1.90  . . 140 2076 96.60 . . . 0.1754 . 0.1588 . . . . . . . . . . . 
'X-RAY DIFFRACTION' 1.90 2.00  . . 143 2118 96.79 . . . 0.1990 . 0.1603 . . . . . . . . . . . 
'X-RAY DIFFRACTION' 2.00 2.13  . . 144 2128 96.80 . . . 0.1966 . 0.1567 . . . . . . . . . . . 
'X-RAY DIFFRACTION' 2.13 2.29  . . 144 2136 97.44 . . . 0.1959 . 0.1686 . . . . . . . . . . . 
'X-RAY DIFFRACTION' 2.29 2.52  . . 146 2168 97.93 . . . 0.2183 . 0.1716 . . . . . . . . . . . 
'X-RAY DIFFRACTION' 2.52 2.89  . . 148 2180 98.31 . . . 0.1879 . 0.1771 . . . . . . . . . . . 
'X-RAY DIFFRACTION' 2.89 3.64  . . 149 2230 98.84 . . . 0.1868 . 0.1751 . . . . . . . . . . . 
'X-RAY DIFFRACTION' 3.64 33.99 . . 158 2334 98.89 . . . 0.1371 . 0.1381 . . . . . . . . . . . 
# 
_struct.entry_id                     6X4N 
_struct.title                        
;Human cyclophilin A bound to a series of acylcic and macrocyclic inhibitors: (2R,5S,11S,14S,18E)-2,11,17,17-tetramethyl-14-(propan-2-yl)-3-oxa-9,12,15,26,29-pentaazatetracyclo[18.5.3.1~5,9~.0~23,27~]nonacosa-1(25),18,20(28),21,23,26-hexaene-4,10,13,16-tetrone (compound 24)
;
_struct.pdbx_model_details           ? 
_struct.pdbx_formula_weight          ? 
_struct.pdbx_formula_weight_method   ? 
_struct.pdbx_model_type_details      ? 
_struct.pdbx_CASP_flag               N 
# 
_struct_keywords.entry_id        6X4N 
_struct_keywords.text            
'Cyclophilin A, Sanglifehrin A, prolyl isomerase, macrocylcic inhibitor, peptidomimetic, ISOMERASE-ISOMERASE INHIBITOR complex' 
_struct_keywords.pdbx_keywords   'ISOMERASE/ISOMERASE INHIBITOR' 
# 
loop_
_struct_asym.id 
_struct_asym.pdbx_blank_PDB_chainid_flag 
_struct_asym.pdbx_modified 
_struct_asym.entity_id 
_struct_asym.details 
A N N 1 ? 
B N N 2 ? 
C N N 3 ? 
# 
loop_
_struct_conf.conf_type_id 
_struct_conf.id 
_struct_conf.pdbx_PDB_helix_id 
_struct_conf.beg_label_comp_id 
_struct_conf.beg_label_asym_id 
_struct_conf.beg_label_seq_id 
_struct_conf.pdbx_beg_PDB_ins_code 
_struct_conf.end_label_comp_id 
_struct_conf.end_label_asym_id 
_struct_conf.end_label_seq_id 
_struct_conf.pdbx_end_PDB_ins_code 
_struct_conf.beg_auth_comp_id 
_struct_conf.beg_auth_asym_id 
_struct_conf.beg_auth_seq_id 
_struct_conf.end_auth_comp_id 
_struct_conf.end_auth_asym_id 
_struct_conf.end_auth_seq_id 
_struct_conf.pdbx_PDB_helix_class 
_struct_conf.details 
_struct_conf.pdbx_PDB_helix_length 
HELX_P HELX_P1 AA1 VAL A 31  ? GLY A 44  ? VAL A 29  GLY A 42  1 ? 14 
HELX_P HELX_P2 AA2 THR A 121 ? ASP A 125 ? THR A 119 ASP A 123 5 ? 5  
HELX_P HELX_P3 AA3 GLY A 137 ? ARG A 146 ? GLY A 135 ARG A 144 1 ? 10 
# 
_struct_conf_type.id          HELX_P 
_struct_conf_type.criteria    ? 
_struct_conf_type.reference   ? 
# 
_struct_sheet.id               AA1 
_struct_sheet.type             ? 
_struct_sheet.number_strands   8 
_struct_sheet.details          ? 
# 
loop_
_struct_sheet_order.sheet_id 
_struct_sheet_order.range_id_1 
_struct_sheet_order.range_id_2 
_struct_sheet_order.offset 
_struct_sheet_order.sense 
AA1 1 2 ? anti-parallel 
AA1 2 3 ? anti-parallel 
AA1 3 4 ? anti-parallel 
AA1 4 5 ? anti-parallel 
AA1 5 6 ? anti-parallel 
AA1 6 7 ? anti-parallel 
AA1 7 8 ? anti-parallel 
# 
loop_
_struct_sheet_range.sheet_id 
_struct_sheet_range.id 
_struct_sheet_range.beg_label_comp_id 
_struct_sheet_range.beg_label_asym_id 
_struct_sheet_range.beg_label_seq_id 
_struct_sheet_range.pdbx_beg_PDB_ins_code 
_struct_sheet_range.end_label_comp_id 
_struct_sheet_range.end_label_asym_id 
_struct_sheet_range.end_label_seq_id 
_struct_sheet_range.pdbx_end_PDB_ins_code 
_struct_sheet_range.beg_auth_comp_id 
_struct_sheet_range.beg_auth_asym_id 
_struct_sheet_range.beg_auth_seq_id 
_struct_sheet_range.end_auth_comp_id 
_struct_sheet_range.end_auth_asym_id 
_struct_sheet_range.end_auth_seq_id 
AA1 1 PHE A 55  ? ILE A 59  ? PHE A 53  ILE A 57  
AA1 2 MET A 63  ? GLY A 66  ? MET A 61  GLY A 64  
AA1 3 PHE A 114 ? CYS A 117 ? PHE A 112 CYS A 115 
AA1 4 ILE A 99  ? MET A 102 ? ILE A 97  MET A 100 
AA1 5 VAL A 130 ? GLU A 136 ? VAL A 128 GLU A 134 
AA1 6 GLU A 17  ? LEU A 26  ? GLU A 15  LEU A 24  
AA1 7 THR A 7   ? VAL A 14  ? THR A 5   VAL A 12  
AA1 8 ILE A 158 ? GLN A 165 ? ILE A 156 GLN A 163 
# 
loop_
_pdbx_struct_sheet_hbond.sheet_id 
_pdbx_struct_sheet_hbond.range_id_1 
_pdbx_struct_sheet_hbond.range_id_2 
_pdbx_struct_sheet_hbond.range_1_label_atom_id 
_pdbx_struct_sheet_hbond.range_1_label_comp_id 
_pdbx_struct_sheet_hbond.range_1_label_asym_id 
_pdbx_struct_sheet_hbond.range_1_label_seq_id 
_pdbx_struct_sheet_hbond.range_1_PDB_ins_code 
_pdbx_struct_sheet_hbond.range_1_auth_atom_id 
_pdbx_struct_sheet_hbond.range_1_auth_comp_id 
_pdbx_struct_sheet_hbond.range_1_auth_asym_id 
_pdbx_struct_sheet_hbond.range_1_auth_seq_id 
_pdbx_struct_sheet_hbond.range_2_label_atom_id 
_pdbx_struct_sheet_hbond.range_2_label_comp_id 
_pdbx_struct_sheet_hbond.range_2_label_asym_id 
_pdbx_struct_sheet_hbond.range_2_label_seq_id 
_pdbx_struct_sheet_hbond.range_2_PDB_ins_code 
_pdbx_struct_sheet_hbond.range_2_auth_atom_id 
_pdbx_struct_sheet_hbond.range_2_auth_comp_id 
_pdbx_struct_sheet_hbond.range_2_auth_asym_id 
_pdbx_struct_sheet_hbond.range_2_auth_seq_id 
AA1 1 2 N ARG A 57  ? N ARG A 55  O GLN A 65  ? O GLN A 63  
AA1 2 3 N CYS A 64  ? N CYS A 62  O ILE A 116 ? O ILE A 114 
AA1 3 4 O CYS A 117 ? O CYS A 115 N ILE A 99  ? N ILE A 97  
AA1 4 5 N LEU A 100 ? N LEU A 98  O GLY A 132 ? O GLY A 130 
AA1 5 6 O LYS A 135 ? O LYS A 133 N SER A 23  ? N SER A 21  
AA1 6 7 O GLY A 20  ? O GLY A 18  N ILE A 12  ? N ILE A 10  
AA1 7 8 N ASP A 11  ? N ASP A 9   O ASP A 162 ? O ASP A 160 
# 
_struct_site.id                   AC1 
_struct_site.pdbx_evidence_code   Software 
_struct_site.pdbx_auth_asym_id    A 
_struct_site.pdbx_auth_comp_id    UOD 
_struct_site.pdbx_auth_seq_id     400 
_struct_site.pdbx_auth_ins_code   ? 
_struct_site.pdbx_num_residues    13 
_struct_site.details              'binding site for residue UOD A 400' 
# 
loop_
_struct_site_gen.id 
_struct_site_gen.site_id 
_struct_site_gen.pdbx_num_res 
_struct_site_gen.label_comp_id 
_struct_site_gen.label_asym_id 
_struct_site_gen.label_seq_id 
_struct_site_gen.pdbx_auth_ins_code 
_struct_site_gen.auth_comp_id 
_struct_site_gen.auth_asym_id 
_struct_site_gen.auth_seq_id 
_struct_site_gen.label_atom_id 
_struct_site_gen.label_alt_id 
_struct_site_gen.symmetry 
_struct_site_gen.details 
1  AC1 13 ARG A 57  ? ARG A 55  . ? 1_555 ? 
2  AC1 13 MET A 63  ? MET A 61  . ? 1_555 ? 
3  AC1 13 GLN A 65  ? GLN A 63  . ? 1_555 ? 
4  AC1 13 GLY A 74  ? GLY A 72  . ? 1_555 ? 
5  AC1 13 ASP A 87  ? ASP A 85  . ? 4_555 ? 
6  AC1 13 PHE A 90  ? PHE A 88  . ? 4_555 ? 
7  AC1 13 ALA A 103 ? ALA A 101 . ? 1_555 ? 
8  AC1 13 ASN A 104 ? ASN A 102 . ? 1_555 ? 
9  AC1 13 GLN A 113 ? GLN A 111 . ? 1_555 ? 
10 AC1 13 PHE A 115 ? PHE A 113 . ? 1_555 ? 
11 AC1 13 HIS A 128 ? HIS A 126 . ? 1_555 ? 
12 AC1 13 HOH C .   ? HOH A 513 . ? 1_555 ? 
13 AC1 13 HOH C .   ? HOH A 561 . ? 1_555 ? 
# 
_atom_sites.entry_id                    6X4N 
_atom_sites.Cartn_transf_matrix[1][1]   ? 
_atom_sites.Cartn_transf_matrix[1][2]   ? 
_atom_sites.Cartn_transf_matrix[1][3]   ? 
_atom_sites.Cartn_transf_matrix[2][1]   ? 
_atom_sites.Cartn_transf_matrix[2][2]   ? 
_atom_sites.Cartn_transf_matrix[2][3]   ? 
_atom_sites.Cartn_transf_matrix[3][1]   ? 
_atom_sites.Cartn_transf_matrix[3][2]   ? 
_atom_sites.Cartn_transf_matrix[3][3]   ? 
_atom_sites.Cartn_transf_vector[1]      ? 
_atom_sites.Cartn_transf_vector[2]      ? 
_atom_sites.Cartn_transf_vector[3]      ? 
_atom_sites.fract_transf_matrix[1][1]   -0.01208912 
_atom_sites.fract_transf_matrix[1][2]   0.01871807 
_atom_sites.fract_transf_matrix[1][3]   -0.00662297 
_atom_sites.fract_transf_matrix[2][1]   -0.01523467 
_atom_sites.fract_transf_matrix[2][2]   -0.01026017 
_atom_sites.fract_transf_matrix[2][3]   -0.00118932 
_atom_sites.fract_transf_matrix[3][1]   -0.00241948 
_atom_sites.fract_transf_matrix[3][2]   0.00232042 
_atom_sites.fract_transf_matrix[3][3]   0.01097440 
_atom_sites.fract_transf_vector[1]      -0.090443 
_atom_sites.fract_transf_vector[2]      0.176926 
_atom_sites.fract_transf_vector[3]      -0.157202 
_atom_sites.solution_primary            ? 
_atom_sites.solution_secondary          ? 
_atom_sites.solution_hydrogens          ? 
_atom_sites.special_details             ? 
# 
loop_
_atom_type.symbol 
_atom_type.scat_dispersion_real 
_atom_type.scat_dispersion_imag 
_atom_type.scat_Cromer_Mann_a1 
_atom_type.scat_Cromer_Mann_a2 
_atom_type.scat_Cromer_Mann_a3 
_atom_type.scat_Cromer_Mann_a4 
_atom_type.scat_Cromer_Mann_b1 
_atom_type.scat_Cromer_Mann_b2 
_atom_type.scat_Cromer_Mann_b3 
_atom_type.scat_Cromer_Mann_b4 
_atom_type.scat_Cromer_Mann_c 
_atom_type.scat_source 
_atom_type.scat_dispersion_source 
C ? ? 3.54356 2.42580 ? ? 25.62398 1.50364  ? ? 0.0 
;2-Gaussian fit: Grosse-Kunstleve RW, Sauter NK, Adams PD: Newsletter of the IUCr Commission on Crystallographic Computing 2004, 3, 22-31.
;
? 
N ? ? 4.01032 2.96436 ? ? 19.97189 1.75589  ? ? 0.0 
;2-Gaussian fit: Grosse-Kunstleve RW, Sauter NK, Adams PD: Newsletter of the IUCr Commission on Crystallographic Computing 2004, 3, 22-31.
;
? 
O ? ? 4.49882 3.47563 ? ? 15.80542 1.70748  ? ? 0.0 
;2-Gaussian fit: Grosse-Kunstleve RW, Sauter NK, Adams PD: Newsletter of the IUCr Commission on Crystallographic Computing 2004, 3, 22-31.
;
? 
S ? ? 9.55732 6.39887 ? ? 1.23737  29.19336 ? ? 0.0 
;2-Gaussian fit: Grosse-Kunstleve RW, Sauter NK, Adams PD: Newsletter of the IUCr Commission on Crystallographic Computing 2004, 3, 22-31.
;
? 
# 
loop_
_atom_site.group_PDB 
_atom_site.id 
_atom_site.type_symbol 
_atom_site.label_atom_id 
_atom_site.label_alt_id 
_atom_site.label_comp_id 
_atom_site.label_asym_id 
_atom_site.label_entity_id 
_atom_site.label_seq_id 
_atom_site.pdbx_PDB_ins_code 
_atom_site.Cartn_x 
_atom_site.Cartn_y 
_atom_site.Cartn_z 
_atom_site.occupancy 
_atom_site.B_iso_or_equiv 
_atom_site.pdbx_formal_charge 
_atom_site.auth_seq_id 
_atom_site.auth_comp_id 
_atom_site.auth_asym_id 
_atom_site.auth_atom_id 
_atom_site.pdbx_PDB_model_num 
ATOM   1    N N   . HIS A 1 2   ? 24.47064  -11.25679 3.69441   1.000 24.22682 ? 0   HIS A N   1 
ATOM   2    C CA  . HIS A 1 2   ? 23.68880  -10.23350 4.40042   1.000 29.62500 ? 0   HIS A CA  1 
ATOM   3    C C   . HIS A 1 2   ? 22.41743  -9.96554  3.59168   1.000 37.10940 ? 0   HIS A C   1 
ATOM   4    O O   . HIS A 1 2   ? 22.48733  -9.86200  2.35754   1.000 34.38478 ? 0   HIS A O   1 
ATOM   5    C CB  . HIS A 1 2   ? 24.47209  -8.92513  4.57456   1.000 31.09320 ? 0   HIS A CB  1 
ATOM   6    C CG  . HIS A 1 2   ? 25.62044  -9.02296  5.52373   1.000 29.67464 ? 0   HIS A CG  1 
ATOM   7    N ND1 . HIS A 1 2   ? 26.81281  -8.35955  5.31020   1.000 34.45457 ? 0   HIS A ND1 1 
ATOM   8    C CD2 . HIS A 1 2   ? 25.75955  -9.68342  6.70089   1.000 25.75615 ? 0   HIS A CD2 1 
ATOM   9    C CE1 . HIS A 1 2   ? 27.64151  -8.61968  6.30763   1.000 29.58571 ? 0   HIS A CE1 1 
ATOM   10   N NE2 . HIS A 1 2   ? 27.02428  -9.41436  7.16690   1.000 31.94172 ? 0   HIS A NE2 1 
ATOM   11   N N   . MET A 1 3   ? 21.27571  -9.84832  4.28072   1.000 32.79784 ? 1   MET A N   1 
ATOM   12   C CA  . MET A 1 3   ? 20.00274  -9.60637  3.61229   1.000 31.68949 ? 1   MET A CA  1 
ATOM   13   C C   . MET A 1 3   ? 19.84503  -8.11684  3.30701   1.000 30.85663 ? 1   MET A C   1 
ATOM   14   O O   . MET A 1 3   ? 20.26248  -7.27147  4.09195   1.000 31.74148 ? 1   MET A O   1 
ATOM   15   C CB  . MET A 1 3   ? 18.85937  -10.11152 4.49603   1.000 32.31367 ? 1   MET A CB  1 
ATOM   16   N N   . VAL A 1 4   ? 19.27750  -7.79686  2.14182   1.000 28.12065 ? 2   VAL A N   1 
ATOM   17   C CA  . VAL A 1 4   ? 19.01637  -6.42129  1.70884   1.000 29.78685 ? 2   VAL A CA  1 
ATOM   18   C C   . VAL A 1 4   ? 17.50000  -6.23958  1.62589   1.000 20.09700 ? 2   VAL A C   1 
ATOM   19   O O   . VAL A 1 4   ? 16.81175  -7.07890  1.04213   1.000 22.57539 ? 2   VAL A O   1 
ATOM   20   C CB  . VAL A 1 4   ? 19.66829  -6.12920  0.34071   1.000 28.66300 ? 2   VAL A CB  1 
ATOM   21   C CG1 . VAL A 1 4   ? 19.30839  -4.74967  -0.13750  1.000 24.37163 ? 2   VAL A CG1 1 
ATOM   22   C CG2 . VAL A 1 4   ? 21.18175  -6.28057  0.41594   1.000 34.23065 ? 2   VAL A CG2 1 
ATOM   23   N N   . ASN A 1 5   ? 16.97406  -5.16936  2.22368   1.000 17.35310 ? 3   ASN A N   1 
ATOM   24   C CA  . ASN A 1 5   ? 15.52067  -4.97657  2.17222   1.000 14.36737 ? 3   ASN A CA  1 
ATOM   25   C C   . ASN A 1 5   ? 15.07484  -4.84314  0.72184   1.000 15.81227 ? 3   ASN A C   1 
ATOM   26   O O   . ASN A 1 5   ? 15.72841  -4.15440  -0.05840  1.000 19.01622 ? 3   ASN A O   1 
ATOM   27   C CB  . ASN A 1 5   ? 15.10591  -3.71871  2.92556   1.000 12.50567 ? 3   ASN A CB  1 
ATOM   28   C CG  . ASN A 1 5   ? 15.01153  -3.93779  4.44975   1.000 11.72181 ? 3   ASN A CG  1 
ATOM   29   O OD1 . ASN A 1 5   ? 14.94827  -5.06403  4.92788   1.000 14.52422 ? 3   ASN A OD1 1 
ATOM   30   N ND2 . ASN A 1 5   ? 15.00830  -2.83587  5.19531   1.000 15.18530 ? 3   ASN A ND2 1 
ATOM   31   N N   . PRO A 1 6   ? 13.97532  -5.45237  0.32499   1.000 11.64187 ? 4   PRO A N   1 
ATOM   32   C CA  . PRO A 1 6   ? 13.56177  -5.37155  -1.07731  1.000 12.79248 ? 4   PRO A CA  1 
ATOM   33   C C   . PRO A 1 6   ? 12.95591  -4.02124  -1.41797  1.000 12.28709 ? 4   PRO A C   1 
ATOM   34   O O   . PRO A 1 6   ? 12.46460  -3.28266  -0.55893  1.000 12.92948 ? 4   PRO A O   1 
ATOM   35   C CB  . PRO A 1 6   ? 12.51741  -6.48722  -1.22259  1.000 17.92222 ? 4   PRO A CB  1 
ATOM   36   C CG  . PRO A 1 6   ? 12.09683  -6.82915  0.11794   1.000 19.33662 ? 4   PRO A CG  1 
ATOM   37   C CD  . PRO A 1 6   ? 13.17839  -6.42646  1.07895   1.000 14.66538 ? 4   PRO A CD  1 
ATOM   38   N N   . THR A 1 7   ? 13.02637  -3.68619  -2.70385  1.000 13.16314 ? 5   THR A N   1 
ATOM   39   C CA  . THR A 1 7   ? 12.42165  -2.48512  -3.25337  1.000 11.58960 ? 5   THR A CA  1 
ATOM   40   C C   . THR A 1 7   ? 11.37219  -2.88844  -4.27009  1.000 11.42026 ? 5   THR A C   1 
ATOM   41   O O   . THR A 1 7   ? 11.65360  -3.70311  -5.16648  1.000 13.65142 ? 5   THR A O   1 
ATOM   42   C CB  . THR A 1 7   ? 13.48643  -1.60626  -3.93505  1.000 16.70271 ? 5   THR A CB  1 
ATOM   43   O OG1 . THR A 1 7   ? 14.50352  -1.29685  -2.97329  1.000 18.90528 ? 5   THR A OG1 1 
ATOM   44   C CG2 . THR A 1 7   ? 12.89417  -0.30155  -4.44050  1.000 18.80911 ? 5   THR A CG2 1 
ATOM   45   N N   . VAL A 1 8   ? 10.16976  -2.33767  -4.15329  1.000 9.86732  ? 6   VAL A N   1 
ATOM   46   C CA  . VAL A 1 8   ? 9.16576   -2.58397  -5.18666  1.000 11.82006 ? 6   VAL A CA  1 
ATOM   47   C C   . VAL A 1 8   ? 8.71921   -1.25601  -5.77501  1.000 11.26799 ? 6   VAL A C   1 
ATOM   48   O O   . VAL A 1 8   ? 8.90742   -0.18580  -5.19089  1.000 10.73099 ? 6   VAL A O   1 
ATOM   49   C CB  . VAL A 1 8   ? 7.94436   -3.37343  -4.66536  1.000 17.29953 ? 6   VAL A CB  1 
ATOM   50   C CG1 . VAL A 1 8   ? 8.37110   -4.75990  -4.17006  1.000 18.68449 ? 6   VAL A CG1 1 
ATOM   51   C CG2 . VAL A 1 8   ? 7.32884   -2.64423  -3.62157  1.000 17.97069 ? 6   VAL A CG2 1 
ATOM   52   N N   . PHE A 1 9   ? 8.11793   -1.32314  -6.96106  1.000 10.80061 ? 7   PHE A N   1 
ATOM   53   C CA  . PHE A 1 9   ? 7.61380   -0.11853  -7.61081  1.000 10.01644 ? 7   PHE A CA  1 
ATOM   54   C C   . PHE A 1 9   ? 6.15767   -0.30515  -8.03473  1.000 10.06271 ? 7   PHE A C   1 
ATOM   55   O O   . PHE A 1 9   ? 5.71660   -1.40943  -8.36328  1.000 10.30962 ? 7   PHE A O   1 
ATOM   56   C CB  . PHE A 1 9   ? 8.44316   0.28329   -8.88126  1.000 13.45805 ? 7   PHE A CB  1 
ATOM   57   C CG  . PHE A 1 9   ? 8.22511   -0.64210  -10.06402 1.000 10.87475 ? 7   PHE A CG  1 
ATOM   58   C CD1 . PHE A 1 9   ? 7.19552   -0.41286  -10.99000 1.000 10.92762 ? 7   PHE A CD1 1 
ATOM   59   C CD2 . PHE A 1 9   ? 9.00877   -1.78917  -10.21712 1.000 13.56141 ? 7   PHE A CD2 1 
ATOM   60   C CE1 . PHE A 1 9   ? 6.95236   -1.29637  -12.00593 1.000 13.70799 ? 7   PHE A CE1 1 
ATOM   61   C CE2 . PHE A 1 9   ? 8.79280   -2.67531  -11.28730 1.000 14.32111 ? 7   PHE A CE2 1 
ATOM   62   C CZ  . PHE A 1 9   ? 7.75969   -2.42631  -12.16853 1.000 14.21585 ? 7   PHE A CZ  1 
ATOM   63   N N   . PHE A 1 10  ? 5.45270   0.82915   -8.06920  1.000 9.56094  ? 8   PHE A N   1 
ATOM   64   C CA  . PHE A 1 10  ? 4.16132   0.95742   -8.72292  1.000 9.02056  ? 8   PHE A CA  1 
ATOM   65   C C   . PHE A 1 10  ? 4.26680   2.01650   -9.80543  1.000 8.62555  ? 8   PHE A C   1 
ATOM   66   O O   . PHE A 1 10  ? 4.68551   3.15484   -9.51847  1.000 9.84467  ? 8   PHE A O   1 
ATOM   67   C CB  . PHE A 1 10  ? 3.06056   1.46870   -7.74960  1.000 9.94395  ? 8   PHE A CB  1 
ATOM   68   C CG  . PHE A 1 10  ? 2.65052   0.55724   -6.62696  1.000 8.60147  ? 8   PHE A CG  1 
ATOM   69   C CD1 . PHE A 1 10  ? 3.00615   -0.78821  -6.56748  1.000 9.80589  ? 8   PHE A CD1 1 
ATOM   70   C CD2 . PHE A 1 10  ? 1.82656   1.09385   -5.64616  1.000 9.11248  ? 8   PHE A CD2 1 
ATOM   71   C CE1 . PHE A 1 10  ? 2.55420   -1.61995  -5.50261  1.000 9.25595  ? 8   PHE A CE1 1 
ATOM   72   C CE2 . PHE A 1 10  ? 1.35033   0.29706   -4.61492  1.000 9.17446  ? 8   PHE A CE2 1 
ATOM   73   C CZ  . PHE A 1 10  ? 1.70902   -1.07661  -4.55306  1.000 9.74883  ? 8   PHE A CZ  1 
ATOM   74   N N   . ASP A 1 11  ? 3.82187   1.68856   -11.01912 1.000 9.28920  ? 9   ASP A N   1 
ATOM   75   C CA  . ASP A 1 11  ? 3.59929   2.70652   -12.03933 1.000 8.64658  ? 9   ASP A CA  1 
ATOM   76   C C   . ASP A 1 11  ? 2.13182   3.10618   -11.99403 1.000 11.28041 ? 9   ASP A C   1 
ATOM   77   O O   . ASP A 1 11  ? 1.25464   2.25357   -12.18320 1.000 12.61748 ? 9   ASP A O   1 
ATOM   78   C CB  . ASP A 1 11  ? 4.00201   2.15004   -13.39777 1.000 10.35173 ? 9   ASP A CB  1 
ATOM   79   C CG  . ASP A 1 11  ? 5.51226   2.00972   -13.53489 1.000 13.18007 ? 9   ASP A CG  1 
ATOM   80   O OD1 . ASP A 1 11  ? 6.22804   2.80058   -12.89912 1.000 15.65037 ? 9   ASP A OD1 1 
ATOM   81   O OD2 . ASP A 1 11  ? 5.94547   1.13354   -14.34784 1.000 19.88214 ? 9   ASP A OD2 1 
ATOM   82   N N   . ILE A 1 12  ? 1.86591   4.36858   -11.70830 1.000 9.72672  ? 10  ILE A N   1 
ATOM   83   C CA  . ILE A 1 12  ? 0.53084   4.89558   -11.42569 1.000 8.86151  ? 10  ILE A CA  1 
ATOM   84   C C   . ILE A 1 12  ? -0.05292  5.49649   -12.68736 1.000 10.16715 ? 10  ILE A C   1 
ATOM   85   O O   . ILE A 1 12  ? 0.66994   6.18603   -13.43272 1.000 12.02711 ? 10  ILE A O   1 
ATOM   86   C CB  . ILE A 1 12  ? 0.59313   5.97197   -10.32265 1.000 9.93674  ? 10  ILE A CB  1 
ATOM   87   C CG1 . ILE A 1 12  ? 1.15015   5.40462   -8.99329  1.000 10.44700 ? 10  ILE A CG1 1 
ATOM   88   C CG2 . ILE A 1 12  ? -0.80212  6.55340   -10.06700 1.000 11.52997 ? 10  ILE A CG2 1 
ATOM   89   C CD1 . ILE A 1 12  ? 0.31888   4.26893   -8.42556  1.000 12.39481 ? 10  ILE A CD1 1 
ATOM   90   N N   . ALA A 1 13  ? -1.35591  5.30555   -12.90597 1.000 10.27393 ? 11  ALA A N   1 
ATOM   91   C CA  . ALA A 1 13  ? -2.06702  5.93419   -14.01370 1.000 10.81756 ? 11  ALA A CA  1 
ATOM   92   C C   . ALA A 1 13  ? -3.31490  6.63766   -13.48741 1.000 11.18031 ? 11  ALA A C   1 
ATOM   93   O O   . ALA A 1 13  ? -3.85904  6.27299   -12.44309 1.000 11.10986 ? 11  ALA A O   1 
ATOM   94   C CB  . ALA A 1 13  ? -2.48473  4.89533   -15.08222 1.000 10.48464 ? 11  ALA A CB  1 
ATOM   95   N N   . VAL A 1 14  ? -3.75838  7.65949   -14.21031 1.000 11.05044 ? 12  VAL A N   1 
ATOM   96   C CA  . VAL A 1 14  ? -4.91693  8.49157   -13.86212 1.000 10.93206 ? 12  VAL A CA  1 
ATOM   97   C C   . VAL A 1 14  ? -5.85630  8.45149   -15.05823 1.000 12.35943 ? 12  VAL A C   1 
ATOM   98   O O   . VAL A 1 14  ? -5.49477  8.95333   -16.14027 1.000 14.88068 ? 12  VAL A O   1 
ATOM   99   C CB  . VAL A 1 14  ? -4.49541  9.93490   -13.58299 1.000 12.11973 ? 12  VAL A CB  1 
ATOM   100  C CG1 . VAL A 1 14  ? -5.71710  10.78043  -13.25363 1.000 13.75807 ? 12  VAL A CG1 1 
ATOM   101  C CG2 . VAL A 1 14  ? -3.48485  9.98539   -12.46011 1.000 13.74236 ? 12  VAL A CG2 1 
ATOM   102  N N   . ASP A 1 15  ? -7.01465  7.81639   -14.89982 1.000 13.57198 ? 13  ASP A N   1 
ATOM   103  C CA  . ASP A 1 15  ? -7.92455  7.53065   -16.02994 1.000 14.52799 ? 13  ASP A CA  1 
ATOM   104  C C   . ASP A 1 15  ? -7.15709  6.93249   -17.19844 1.000 17.88339 ? 13  ASP A C   1 
ATOM   105  O O   . ASP A 1 15  ? -7.36548  7.30144   -18.35425 1.000 19.14490 ? 13  ASP A O   1 
ATOM   106  C CB  . ASP A 1 15  ? -8.68056  8.78004   -16.44195 1.000 17.01613 ? 13  ASP A CB  1 
ATOM   107  C CG  . ASP A 1 15  ? -9.87952  9.06793   -15.54263 1.000 23.41820 ? 13  ASP A CG  1 
ATOM   108  O OD1 . ASP A 1 15  ? -10.27662 8.19086   -14.71920 1.000 19.88975 ? 13  ASP A OD1 1 
ATOM   109  O OD2 . ASP A 1 15  ? -10.43230 10.20488  -15.64090 1.000 30.09112 ? 13  ASP A OD2 1 
ATOM   110  N N   . GLY A 1 16  ? -6.26773  5.99134   -16.88672 1.000 13.54955 ? 14  GLY A N   1 
ATOM   111  C CA  . GLY A 1 16  ? -5.46087  5.28995   -17.85340 1.000 14.76813 ? 14  GLY A CA  1 
ATOM   112  C C   . GLY A 1 16  ? -4.23664  6.02107   -18.34608 1.000 16.71417 ? 14  GLY A C   1 
ATOM   113  O O   . GLY A 1 16  ? -3.40728  5.39136   -19.02549 1.000 24.46473 ? 14  GLY A O   1 
ATOM   114  N N   . GLU A 1 17  ? -4.08420  7.28006   -18.07654 1.000 14.01610 ? 15  GLU A N   1 
ATOM   115  C CA  . GLU A 1 17  ? -2.92676  8.06093   -18.54305 1.000 16.33587 ? 15  GLU A CA  1 
ATOM   116  C C   . GLU A 1 17  ? -1.75657  7.94104   -17.56666 1.000 13.42915 ? 15  GLU A C   1 
ATOM   117  O O   . GLU A 1 17  ? -1.93525  8.17036   -16.36534 1.000 12.66626 ? 15  GLU A O   1 
ATOM   118  C CB  . GLU A 1 17  ? -3.27288  9.51686   -18.68960 1.000 19.24897 ? 15  GLU A CB  1 
ATOM   119  C CG  . GLU A 1 17  ? -4.34786  9.75235   -19.72969 1.000 28.48404 ? 15  GLU A CG  1 
ATOM   120  C CD  . GLU A 1 17  ? -3.94179  9.22879   -21.12833 1.000 39.78429 ? 15  GLU A CD  1 
ATOM   121  O OE1 . GLU A 1 17  ? -2.75952  9.41319   -21.55390 1.000 41.92920 ? 15  GLU A OE1 1 
ATOM   122  O OE2 . GLU A 1 17  ? -4.80356  8.59196   -21.79331 1.000 47.16127 ? 15  GLU A OE2 1 
ATOM   123  N N   . PRO A 1 18  ? -0.55993  7.61604   -18.01939 1.000 12.89707 ? 16  PRO A N   1 
ATOM   124  C CA  . PRO A 1 18  ? 0.56220   7.45291   -17.08261 1.000 14.02694 ? 16  PRO A CA  1 
ATOM   125  C C   . PRO A 1 18  ? 0.85773   8.71792   -16.30771 1.000 13.94704 ? 16  PRO A C   1 
ATOM   126  O O   . PRO A 1 18  ? 0.85872   9.82428   -16.84165 1.000 15.90903 ? 16  PRO A O   1 
ATOM   127  C CB  . PRO A 1 18  ? 1.73578   7.06681   -17.99707 1.000 16.34445 ? 16  PRO A CB  1 
ATOM   128  C CG  . PRO A 1 18  ? 1.06183   6.46612   -19.17172 1.000 19.58380 ? 16  PRO A CG  1 
ATOM   129  C CD  . PRO A 1 18  ? -0.19706  7.22199   -19.39503 1.000 15.37975 ? 16  PRO A CD  1 
ATOM   130  N N   . LEU A 1 19  ? 1.13687   8.55603   -15.01126 1.000 11.89177 ? 17  LEU A N   1 
ATOM   131  C CA  . LEU A 1 19  ? 1.48829   9.66936   -14.14702 1.000 10.85137 ? 17  LEU A CA  1 
ATOM   132  C C   . LEU A 1 19  ? 2.95248   9.60829   -13.72413 1.000 12.76028 ? 17  LEU A C   1 
ATOM   133  O O   . LEU A 1 19  ? 3.72214   10.51613  -14.03142 1.000 16.18150 ? 17  LEU A O   1 
ATOM   134  C CB  . LEU A 1 19  ? 0.52395   9.64895   -12.92973 1.000 10.46575 ? 17  LEU A CB  1 
ATOM   135  C CG  . LEU A 1 19  ? 0.84200   10.68903  -11.88203 1.000 12.46912 ? 17  LEU A CG  1 
ATOM   136  C CD1 . LEU A 1 19  ? 0.61627   12.12493  -12.40368 1.000 15.71009 ? 17  LEU A CD1 1 
ATOM   137  C CD2 . LEU A 1 19  ? 0.03460   10.46072  -10.61171 1.000 12.22463 ? 17  LEU A CD2 1 
ATOM   138  N N   . GLY A 1 20  ? 3.39199   8.51809   -13.12155 1.000 9.49355  ? 18  GLY A N   1 
ATOM   139  C CA  . GLY A 1 20  ? 4.77234   8.35683   -12.71199 1.000 9.46747  ? 18  GLY A CA  1 
ATOM   140  C C   . GLY A 1 20  ? 4.92238   7.11265   -11.86829 1.000 9.88282  ? 18  GLY A C   1 
ATOM   141  O O   . GLY A 1 20  ? 3.98119   6.33205   -11.71503 1.000 11.58400 ? 18  GLY A O   1 
ATOM   142  N N   . ARG A 1 21  ? 6.11073   6.95371   -11.30641 1.000 8.84682  ? 19  ARG A N   1 
ATOM   143  C CA  . ARG A 1 21  ? 6.45412   5.77705   -10.52125 1.000 8.41790  ? 19  ARG A CA  1 
ATOM   144  C C   . ARG A 1 21  ? 6.63009   6.13539   -9.05218  1.000 9.98678  ? 19  ARG A C   1 
ATOM   145  O O   . ARG A 1 21  ? 7.26725   7.13156   -8.72260  1.000 9.64507  ? 19  ARG A O   1 
ATOM   146  C CB  . ARG A 1 21  ? 7.73165   5.12955   -11.07448 1.000 10.04654 ? 19  ARG A CB  1 
ATOM   147  C CG  . ARG A 1 21  ? 8.21958   3.91389   -10.27509 1.000 13.02278 ? 19  ARG A CG  1 
ATOM   148  C CD  . ARG A 1 21  ? 9.39717   3.22052   -11.01679 1.000 11.54929 ? 19  ARG A CD  1 
ATOM   149  N NE  . ARG A 1 21  ? 8.87407   2.45388   -12.14864 1.000 12.73689 ? 19  ARG A NE  1 
ATOM   150  C CZ  . ARG A 1 21  ? 9.57649   1.53598   -12.80884 1.000 11.57710 ? 19  ARG A CZ  1 
ATOM   151  N NH1 . ARG A 1 21  ? 10.82408  1.34307   -12.46593 1.000 13.36323 ? 19  ARG A NH1 1 
ATOM   152  N NH2 . ARG A 1 21  ? 9.03058   0.80287   -13.74390 1.000 13.87678 ? 19  ARG A NH2 1 
ATOM   153  N N   . VAL A 1 22  ? 6.11926   5.27469   -8.17325  1.000 10.18656 ? 20  VAL A N   1 
ATOM   154  C CA  . VAL A 1 22  ? 6.40167   5.32574   -6.73220  1.000 9.05533  ? 20  VAL A CA  1 
ATOM   155  C C   . VAL A 1 22  ? 7.17237   4.05392   -6.40389  1.000 8.98910  ? 20  VAL A C   1 
ATOM   156  O O   . VAL A 1 22  ? 6.73081   2.95375   -6.76715  1.000 11.06198 ? 20  VAL A O   1 
ATOM   157  C CB  . VAL A 1 22  ? 5.10696   5.38866   -5.89466  1.000 10.84078 ? 20  VAL A CB  1 
ATOM   158  C CG1 . VAL A 1 22  ? 5.45371   5.49777   -4.38587  1.000 11.31516 ? 20  VAL A CG1 1 
ATOM   159  C CG2 . VAL A 1 22  ? 4.21775   6.56732   -6.29738  1.000 11.25442 ? 20  VAL A CG2 1 
ATOM   160  N N   . SER A 1 23  ? 8.29520   4.17810   -5.68392  1.000 8.90943  ? 21  SER A N   1 
ATOM   161  C CA  . SER A 1 23  ? 8.99432   2.98917   -5.22351  1.000 11.09101 ? 21  SER A CA  1 
ATOM   162  C C   . SER A 1 23  ? 9.01369   2.98106   -3.70212  1.000 10.24871 ? 21  SER A C   1 
ATOM   163  O O   . SER A 1 23  ? 8.85889   4.02025   -3.05774  1.000 11.06096 ? 21  SER A O   1 
ATOM   164  C CB  . SER A 1 23  ? 10.43316  2.88768   -5.72647  1.000 11.82439 ? 21  SER A CB  1 
ATOM   165  O OG  . SER A 1 23  ? 11.20310  3.93267   -5.20358  1.000 18.26496 ? 21  SER A OG  1 
ATOM   166  N N   . PHE A 1 24  ? 9.13246   1.78342   -3.13952  1.000 9.33251  ? 22  PHE A N   1 
ATOM   167  C CA  . PHE A 1 24  ? 9.02885   1.55193   -1.70730  1.000 8.89193  ? 22  PHE A CA  1 
ATOM   168  C C   . PHE A 1 24  ? 10.15327  0.66448   -1.23495  1.000 9.39405  ? 22  PHE A C   1 
ATOM   169  O O   . PHE A 1 24  ? 10.46689  -0.34443  -1.89844  1.000 11.55117 ? 22  PHE A O   1 
ATOM   170  C CB  . PHE A 1 24  ? 7.73514   0.83263   -1.31516  1.000 9.63568  ? 22  PHE A CB  1 
ATOM   171  C CG  . PHE A 1 24  ? 6.48772   1.43455   -1.86832  1.000 8.78514  ? 22  PHE A CG  1 
ATOM   172  C CD1 . PHE A 1 24  ? 5.79926   2.41603   -1.16917  1.000 9.46308  ? 22  PHE A CD1 1 
ATOM   173  C CD2 . PHE A 1 24  ? 5.98700   0.98529   -3.08955  1.000 10.35907 ? 22  PHE A CD2 1 
ATOM   174  C CE1 . PHE A 1 24  ? 4.61851   2.95215   -1.68370  1.000 9.66698  ? 22  PHE A CE1 1 
ATOM   175  C CE2 . PHE A 1 24  ? 4.80328   1.50077   -3.61803  1.000 11.25965 ? 22  PHE A CE2 1 
ATOM   176  C CZ  . PHE A 1 24  ? 4.11054   2.48514   -2.89169  1.000 10.83154 ? 22  PHE A CZ  1 
ATOM   177  N N   . GLU A 1 25  ? 10.72250  1.01393   -0.08852  1.000 9.50151  ? 23  GLU A N   1 
ATOM   178  C CA  . GLU A 1 25  ? 11.55595  0.06832   0.65567   1.000 9.58410  ? 23  GLU A CA  1 
ATOM   179  C C   . GLU A 1 25  ? 10.63558  -0.73395  1.56252   1.000 9.65095  ? 23  GLU A C   1 
ATOM   180  O O   . GLU A 1 25  ? 9.80073   -0.14636  2.25704   1.000 10.70067 ? 23  GLU A O   1 
ATOM   181  C CB  . GLU A 1 25  ? 12.59771  0.80994   1.48829   1.000 12.11095 ? 23  GLU A CB  1 
ATOM   182  C CG  . GLU A 1 25  ? 13.43952  -0.13413  2.34536   1.000 15.09103 ? 23  GLU A CG  1 
ATOM   183  C CD  . GLU A 1 25  ? 14.48769  0.56633   3.22085   1.000 18.68803 ? 23  GLU A CD  1 
ATOM   184  O OE1 . GLU A 1 25  ? 14.63177  1.80659   3.14653   1.000 20.44015 ? 23  GLU A OE1 1 
ATOM   185  O OE2 . GLU A 1 25  ? 15.15843  -0.15592  4.02219   1.000 20.01923 ? 23  GLU A OE2 1 
ATOM   186  N N   . LEU A 1 26  ? 10.77484  -2.05904  1.54621   1.000 9.15196  ? 24  LEU A N   1 
ATOM   187  C CA  . LEU A 1 26  ? 10.04436  -2.95591  2.44338   1.000 9.26763  ? 24  LEU A CA  1 
ATOM   188  C C   . LEU A 1 26  ? 10.97055  -3.41773  3.54848   1.000 11.32147 ? 24  LEU A C   1 
ATOM   189  O O   . LEU A 1 26  ? 12.06233  -3.92900  3.27134   1.000 11.71076 ? 24  LEU A O   1 
ATOM   190  C CB  . LEU A 1 26  ? 9.44945   -4.15206  1.68965   1.000 10.81988 ? 24  LEU A CB  1 
ATOM   191  C CG  . LEU A 1 26  ? 8.70560   -3.82141  0.38618   1.000 9.76927  ? 24  LEU A CG  1 
ATOM   192  C CD1 . LEU A 1 26  ? 8.17056   -5.07716  -0.26057  1.000 10.03010 ? 24  LEU A CD1 1 
ATOM   193  C CD2 . LEU A 1 26  ? 7.56264   -2.82817  0.67547   1.000 11.65784 ? 24  LEU A CD2 1 
ATOM   194  N N   . PHE A 1 27  ? 10.52888  -3.23048  4.79936   1.000 10.56312 ? 25  PHE A N   1 
ATOM   195  C CA  . PHE A 1 27  ? 11.37564  -3.45381  5.96769   1.000 11.57501 ? 25  PHE A CA  1 
ATOM   196  C C   . PHE A 1 27  ? 11.34225  -4.92348  6.37176   1.000 14.04992 ? 25  PHE A C   1 
ATOM   197  O O   . PHE A 1 27  ? 10.87515  -5.28496  7.45437   1.000 13.52318 ? 25  PHE A O   1 
ATOM   198  C CB  . PHE A 1 27  ? 10.93765  -2.54558  7.11833   1.000 12.23846 ? 25  PHE A CB  1 
ATOM   199  C CG  . PHE A 1 27  ? 11.06360  -1.08597  6.78396   1.000 13.95807 ? 25  PHE A CG  1 
ATOM   200  C CD1 . PHE A 1 27  ? 12.23245  -0.60300  6.22452   1.000 20.43814 ? 25  PHE A CD1 1 
ATOM   201  C CD2 . PHE A 1 27  ? 10.00142  -0.21585  7.03248   1.000 17.31544 ? 25  PHE A CD2 1 
ATOM   202  C CE1 . PHE A 1 27  ? 12.35980  0.75346   5.90495   1.000 22.46858 ? 25  PHE A CE1 1 
ATOM   203  C CE2 . PHE A 1 27  ? 10.12579  1.14442   6.69329   1.000 16.82771 ? 25  PHE A CE2 1 
ATOM   204  C CZ  . PHE A 1 27  ? 11.30304  1.59145   6.13183   1.000 16.84932 ? 25  PHE A CZ  1 
ATOM   205  N N   . ALA A 1 28  ? 11.85227  -5.77622  5.47867   1.000 11.67941 ? 26  ALA A N   1 
ATOM   206  C CA  . ALA A 1 28  ? 11.94014  -7.22601  5.71491   1.000 11.48175 ? 26  ALA A CA  1 
ATOM   207  C C   . ALA A 1 28  ? 12.83969  -7.56193  6.90339   1.000 11.67015 ? 26  ALA A C   1 
ATOM   208  O O   . ALA A 1 28  ? 12.61120  -8.59319  7.56396   1.000 15.71224 ? 26  ALA A O   1 
ATOM   209  C CB  . ALA A 1 28  ? 12.43065  -7.92966  4.44488   1.000 13.55201 ? 26  ALA A CB  1 
ATOM   210  N N   . ASP A 1 29  ? 13.76629  -6.67059  7.25500   1.000 13.75636 ? 27  ASP A N   1 
ATOM   211  C CA  . ASP A 1 29  ? 14.56787  -6.87551  8.45001   1.000 15.16686 ? 27  ASP A CA  1 
ATOM   212  C C   . ASP A 1 29  ? 13.74692  -6.77582  9.73482   1.000 16.33460 ? 27  ASP A C   1 
ATOM   213  O O   . ASP A 1 29  ? 14.14711  -7.35603  10.75007  1.000 23.19603 ? 27  ASP A O   1 
ATOM   214  C CB  . ASP A 1 29  ? 15.75825  -5.89151  8.44653   1.000 16.95687 ? 27  ASP A CB  1 
ATOM   215  C CG  . ASP A 1 29  ? 15.34793  -4.41030  8.39090   1.000 24.20639 ? 27  ASP A CG  1 
ATOM   216  O OD1 . ASP A 1 29  ? 14.22503  -4.04019  7.97177   1.000 18.18063 ? 27  ASP A OD1 1 
ATOM   217  O OD2 . ASP A 1 29  ? 16.16707  -3.55342  8.78156   1.000 32.33782 ? 27  ASP A OD2 1 
ATOM   218  N N   . LYS A 1 30  ? 12.61293  -6.06997  9.72993   1.000 12.97640 ? 28  LYS A N   1 
ATOM   219  C CA  . LYS A 1 30  ? 11.78618  -5.92341  10.92988  1.000 11.85158 ? 28  LYS A CA  1 
ATOM   220  C C   . LYS A 1 30  ? 10.47664  -6.68735  10.85703  1.000 11.70247 ? 28  LYS A C   1 
ATOM   221  O O   . LYS A 1 30  ? 9.98186   -7.15803  11.88992  1.000 13.08796 ? 28  LYS A O   1 
ATOM   222  C CB  . LYS A 1 30  ? 11.43688  -4.45479  11.18553  1.000 18.89627 ? 28  LYS A CB  1 
ATOM   223  C CG  . LYS A 1 30  ? 12.60443  -3.50277  11.15011  1.000 27.03977 ? 28  LYS A CG  1 
ATOM   224  C CD  . LYS A 1 30  ? 13.33001  -3.52290  12.43713  1.000 26.56636 ? 28  LYS A CD  1 
ATOM   225  C CE  . LYS A 1 30  ? 14.57244  -2.62565  12.40482  1.000 34.08997 ? 28  LYS A CE  1 
ATOM   226  N NZ  . LYS A 1 30  ? 14.30943  -1.25862  11.89847  1.000 40.53199 ? 28  LYS A NZ  1 
ATOM   227  N N   . VAL A 1 31  ? 9.86676   -6.77469  9.67332   1.000 12.36840 ? 29  VAL A N   1 
ATOM   228  C CA  . VAL A 1 31  ? 8.55681   -7.43662  9.50861   1.000 11.86005 ? 29  VAL A CA  1 
ATOM   229  C C   . VAL A 1 31  ? 8.65565   -8.31473  8.26587   1.000 11.87715 ? 29  VAL A C   1 
ATOM   230  O O   . VAL A 1 31  ? 8.01214   -8.04981  7.22159   1.000 10.20010 ? 29  VAL A O   1 
ATOM   231  C CB  . VAL A 1 31  ? 7.35822   -6.46164  9.39314   1.000 12.36806 ? 29  VAL A CB  1 
ATOM   232  C CG1 . VAL A 1 31  ? 6.91484   -5.99721  10.74967  1.000 14.80745 ? 29  VAL A CG1 1 
ATOM   233  C CG2 . VAL A 1 31  ? 7.67926   -5.30655  8.50216   1.000 16.97585 ? 29  VAL A CG2 1 
ATOM   234  N N   . PRO A 1 32  ? 9.38043   -9.43002  8.34945   1.000 10.98188 ? 30  PRO A N   1 
ATOM   235  C CA  . PRO A 1 32  ? 9.60713   -10.23523 7.13951   1.000 10.94454 ? 30  PRO A CA  1 
ATOM   236  C C   . PRO A 1 32  ? 8.34440   -10.82924 6.55164   1.000 11.72416 ? 30  PRO A C   1 
ATOM   237  O O   . PRO A 1 32  ? 8.22834   -10.87553 5.30992   1.000 12.93841 ? 30  PRO A O   1 
ATOM   238  C CB  . PRO A 1 32  ? 10.61067  -11.31466 7.60522   1.000 13.84785 ? 30  PRO A CB  1 
ATOM   239  C CG  . PRO A 1 32  ? 10.48283  -11.31857 9.14473   1.000 12.99155 ? 30  PRO A CG  1 
ATOM   240  C CD  . PRO A 1 32  ? 10.15290  -9.89337  9.52531   1.000 12.20946 ? 30  PRO A CD  1 
ATOM   241  N N   . LYS A 1 33  ? 7.38051   -11.26001 7.37848   1.000 11.37613 ? 31  LYS A N   1 
ATOM   242  C CA  . LYS A 1 33  ? 6.21771   -11.94250 6.81156   1.000 10.27122 ? 31  LYS A CA  1 
ATOM   243  C C   . LYS A 1 33  ? 5.34513   -10.93413 6.08655   1.000 12.28624 ? 31  LYS A C   1 
ATOM   244  O O   . LYS A 1 33  ? 4.84324   -11.18108 4.97745   1.000 10.88752 ? 31  LYS A O   1 
ATOM   245  C CB  . LYS A 1 33  ? 5.45862   -12.65581 7.94096   1.000 11.79740 ? 31  LYS A CB  1 
ATOM   246  C CG  . LYS A 1 33  ? 4.24435   -13.44325 7.44398   1.000 13.51030 ? 31  LYS A CG  1 
ATOM   247  C CD  . LYS A 1 33  ? 3.58331   -14.29069 8.52620   1.000 15.56062 ? 31  LYS A CD  1 
ATOM   248  C CE  . LYS A 1 33  ? 2.45249   -15.07244 7.92618   1.000 14.01383 ? 31  LYS A CE  1 
ATOM   249  N NZ  . LYS A 1 33  ? 2.07928   -16.15686 8.88370   1.000 21.46704 ? 31  LYS A NZ  1 
ATOM   250  N N   . THR A 1 34  ? 5.21871   -9.75042  6.66857   1.000 10.90261 ? 32  THR A N   1 
ATOM   251  C CA  . THR A 1 34  ? 4.38551   -8.71473  6.04563   1.000 9.58382  ? 32  THR A CA  1 
ATOM   252  C C   . THR A 1 34  ? 5.05053   -8.12515  4.79562   1.000 9.41604  ? 32  THR A C   1 
ATOM   253  O O   . THR A 1 34  ? 4.38925   -7.88667  3.76840   1.000 9.12275  ? 32  THR A O   1 
ATOM   254  C CB  . THR A 1 34  ? 4.13064   -7.62606  7.09011   1.000 9.22495  ? 32  THR A CB  1 
ATOM   255  O OG1 . THR A 1 34  ? 3.61898   -8.23511  8.28019   1.000 9.78303  ? 32  THR A OG1 1 
ATOM   256  C CG2 . THR A 1 34  ? 3.12821   -6.56330  6.62237   1.000 9.37763  ? 32  THR A CG2 1 
ATOM   257  N N   . ALA A 1 35  ? 6.35560   -7.89815  4.87672   1.000 9.36161  ? 33  ALA A N   1 
ATOM   258  C CA  . ALA A 1 35  ? 7.07734   -7.41592  3.69685   1.000 10.15558 ? 33  ALA A CA  1 
ATOM   259  C C   . ALA A 1 35  ? 6.99394   -8.41622  2.55638   1.000 10.69575 ? 33  ALA A C   1 
ATOM   260  O O   . ALA A 1 35  ? 6.77872   -8.01480  1.40096   1.000 10.69773 ? 33  ALA A O   1 
ATOM   261  C CB  . ALA A 1 35  ? 8.53911   -7.14652  4.07877   1.000 12.31610 ? 33  ALA A CB  1 
ATOM   262  N N   . GLU A 1 36  ? 7.10496   -9.72068  2.85210   1.000 10.17755 ? 34  GLU A N   1 
ATOM   263  C CA  . GLU A 1 36  ? 7.07876   -10.74220 1.80435   1.000 12.05410 ? 34  GLU A CA  1 
ATOM   264  C C   . GLU A 1 36  ? 5.72514   -10.78867 1.10349   1.000 8.82214  ? 34  GLU A C   1 
ATOM   265  O O   . GLU A 1 36  ? 5.63700   -10.97436 -0.12719  1.000 11.37094 ? 34  GLU A O   1 
ATOM   266  C CB  . GLU A 1 36  ? 7.43120   -12.10344 2.40906   1.000 12.16568 ? 34  GLU A CB  1 
ATOM   267  C CG  . GLU A 1 36  ? 7.31124   -13.28382 1.43682   1.000 14.43847 ? 34  GLU A CG  1 
ATOM   268  C CD  . GLU A 1 36  ? 8.16745   -13.18245 0.17191   1.000 16.67522 ? 34  GLU A CD  1 
ATOM   269  O OE1 . GLU A 1 36  ? 9.11686   -12.38878 0.11571   1.000 16.27190 ? 34  GLU A OE1 1 
ATOM   270  O OE2 . GLU A 1 36  ? 7.85095   -13.91431 -0.81334  1.000 20.42043 ? 34  GLU A OE2 1 
ATOM   271  N N   . ASN A 1 37  ? 4.63604   -10.60102 1.85098   1.000 10.09718 ? 35  ASN A N   1 
ATOM   272  C CA  . ASN A 1 37  ? 3.30624   -10.55860 1.23107   1.000 10.09873 ? 35  ASN A CA  1 
ATOM   273  C C   . ASN A 1 37  ? 3.20312   -9.42118  0.22087   1.000 9.41883  ? 35  ASN A C   1 
ATOM   274  O O   . ASN A 1 37  ? 2.75610   -9.62443  -0.90966  1.000 9.68999  ? 35  ASN A O   1 
ATOM   275  C CB  . ASN A 1 37  ? 2.26071   -10.38109 2.35039   1.000 9.12148  ? 35  ASN A CB  1 
ATOM   276  C CG  . ASN A 1 37  ? 0.85744   -10.28089 1.83909   1.000 9.20558  ? 35  ASN A CG  1 
ATOM   277  O OD1 . ASN A 1 37  ? 0.34977   -11.21171 1.18157   1.000 11.13688 ? 35  ASN A OD1 1 
ATOM   278  N ND2 . ASN A 1 37  ? 0.18216   -9.18737  2.14707   1.000 10.67508 ? 35  ASN A ND2 1 
ATOM   279  N N   . PHE A 1 38  ? 3.62665   -8.22205  0.61430   1.000 8.78049  ? 36  PHE A N   1 
ATOM   280  C CA  . PHE A 1 38  ? 3.51826   -7.07754  -0.28836  1.000 7.57232  ? 36  PHE A CA  1 
ATOM   281  C C   . PHE A 1 38  ? 4.46111   -7.22912  -1.46957  1.000 9.43933  ? 36  PHE A C   1 
ATOM   282  O O   . PHE A 1 38  ? 4.06622   -6.93642  -2.60986  1.000 9.13612  ? 36  PHE A O   1 
ATOM   283  C CB  . PHE A 1 38  ? 3.80464   -5.80582  0.49279   1.000 9.06905  ? 36  PHE A CB  1 
ATOM   284  C CG  . PHE A 1 38  ? 3.56417   -4.52022  -0.28134  1.000 7.69867  ? 36  PHE A CG  1 
ATOM   285  C CD1 . PHE A 1 38  ? 2.31353   -3.87367  -0.20764  1.000 9.63918  ? 36  PHE A CD1 1 
ATOM   286  C CD2 . PHE A 1 38  ? 4.57145   -3.94136  -1.02642  1.000 10.52383 ? 36  PHE A CD2 1 
ATOM   287  C CE1 . PHE A 1 38  ? 2.10007   -2.68452  -0.89223  1.000 10.23170 ? 36  PHE A CE1 1 
ATOM   288  C CE2 . PHE A 1 38  ? 4.35690   -2.74977  -1.69163  1.000 10.35871 ? 36  PHE A CE2 1 
ATOM   289  C CZ  . PHE A 1 38  ? 3.12727   -2.11313  -1.61761  1.000 10.36986 ? 36  PHE A CZ  1 
ATOM   290  N N   . ARG A 1 39  ? 5.66554   -7.76645  -1.22654  1.000 9.51441  ? 37  ARG A N   1 
ATOM   291  C CA  . ARG A 1 39  ? 6.61051   -8.01004  -2.31729  1.000 9.03412  ? 37  ARG A CA  1 
ATOM   292  C C   . ARG A 1 39  ? 6.00845   -8.94627  -3.36725  1.000 9.85690  ? 37  ARG A C   1 
ATOM   293  O O   . ARG A 1 39  ? 5.99069   -8.64400  -4.57642  1.000 9.72949  ? 37  ARG A O   1 
ATOM   294  C CB  . ARG A 1 39  ? 7.91527   -8.56462  -1.73933  1.000 10.37216 ? 37  ARG A CB  1 
ATOM   295  C CG  . ARG A 1 39  ? 9.04747   -8.66373  -2.81520  1.000 10.23605 ? 37  ARG A CG  1 
ATOM   296  C CD  . ARG A 1 39  ? 10.14626  -9.66889  -2.39026  1.000 11.13913 ? 37  ARG A CD  1 
ATOM   297  N NE  . ARG A 1 39  ? 9.59149   -11.01460 -2.35654  1.000 11.60586 ? 37  ARG A NE  1 
ATOM   298  C CZ  . ARG A 1 39  ? 9.26041   -11.74003 -3.43153  1.000 11.87714 ? 37  ARG A CZ  1 
ATOM   299  N NH1 . ARG A 1 39  ? 9.57543   -11.33146 -4.66148  1.000 13.24620 ? 37  ARG A NH1 1 
ATOM   300  N NH2 . ARG A 1 39  ? 8.66358   -12.91980 -3.24646  1.000 16.19596 ? 37  ARG A NH2 1 
ATOM   301  N N   . ALA A 1 40  ? 5.49137   -10.09663 -2.92014  1.000 10.72251 ? 38  ALA A N   1 
ATOM   302  C CA  . ALA A 1 40  ? 4.94377   -11.10664 -3.82036  1.000 10.14203 ? 38  ALA A CA  1 
ATOM   303  C C   . ALA A 1 40  ? 3.69732   -10.59680 -4.53034  1.000 9.07120  ? 38  ALA A C   1 
ATOM   304  O O   . ALA A 1 40  ? 3.48178   -10.88790 -5.71289  1.000 11.56677 ? 38  ALA A O   1 
ATOM   305  C CB  . ALA A 1 40  ? 4.64341   -12.39773 -3.06130  1.000 11.14699 ? 38  ALA A CB  1 
ATOM   306  N N   . LEU A 1 41  ? 2.83977   -9.81757  -3.84511  1.000 8.74509  ? 39  LEU A N   1 
ATOM   307  C CA  . LEU A 1 41  ? 1.67202   -9.27596  -4.54264  1.000 9.75195  ? 39  LEU A CA  1 
ATOM   308  C C   . LEU A 1 41  ? 2.06020   -8.22989  -5.58392  1.000 8.78187  ? 39  LEU A C   1 
ATOM   309  O O   . LEU A 1 41  ? 1.33403   -8.04529  -6.58110  1.000 10.42199 ? 39  LEU A O   1 
ATOM   310  C CB  . LEU A 1 41  ? 0.69414   -8.66016  -3.51190  1.000 9.29615  ? 39  LEU A CB  1 
ATOM   311  C CG  . LEU A 1 41  ? 0.04520   -9.69321  -2.57816  1.000 8.05789  ? 39  LEU A CG  1 
ATOM   312  C CD1 . LEU A 1 41  ? -0.69867  -8.93686  -1.44132  1.000 10.71020 ? 39  LEU A CD1 1 
ATOM   313  C CD2 . LEU A 1 41  ? -0.92785  -10.64700 -3.31219  1.000 11.13507 ? 39  LEU A CD2 1 
ATOM   314  N N   . SER A 1 42  ? 3.18006   -7.55163  -5.36948  1.000 10.11468 ? 40  SER A N   1 
ATOM   315  C CA  . SER A 1 42  ? 3.70809   -6.59248  -6.33873  1.000 9.22152  ? 40  SER A CA  1 
ATOM   316  C C   . SER A 1 42  ? 4.33092   -7.26231  -7.54452  1.000 10.91288 ? 40  SER A C   1 
ATOM   317  O O   . SER A 1 42  ? 4.27044   -6.67832  -8.62792  1.000 12.06181 ? 40  SER A O   1 
ATOM   318  C CB  . SER A 1 42  ? 4.74298   -5.68313  -5.67168  1.000 10.78371 ? 40  SER A CB  1 
ATOM   319  O OG  . SER A 1 42  ? 4.09209   -4.85636  -4.68366  1.000 11.32704 ? 40  SER A OG  1 
ATOM   320  N N   . THR A 1 43  ? 4.92256   -8.45117  -7.40518  1.000 11.18955 ? 41  THR A N   1 
ATOM   321  C CA  . THR A 1 43  ? 5.47607   -9.14696  -8.58283  1.000 12.49047 ? 41  THR A CA  1 
ATOM   322  C C   . THR A 1 43  ? 4.43541   -9.98842  -9.28026  1.000 13.40244 ? 41  THR A C   1 
ATOM   323  O O   . THR A 1 43  ? 4.60571   -10.31587 -10.46915 1.000 15.76122 ? 41  THR A O   1 
ATOM   324  C CB  . THR A 1 43  ? 6.64271   -10.06800 -8.21844  1.000 11.56639 ? 41  THR A CB  1 
ATOM   325  O OG1 . THR A 1 43  ? 6.18772   -11.13940 -7.36354  1.000 12.99581 ? 41  THR A OG1 1 
ATOM   326  C CG2 . THR A 1 43  ? 7.77985   -9.30799  -7.55456  1.000 14.31021 ? 41  THR A CG2 1 
ATOM   327  N N   . GLY A 1 44  ? 3.38130   -10.37482 -8.57820  1.000 12.95632 ? 42  GLY A N   1 
ATOM   328  C CA  . GLY A 1 44  ? 2.37328   -11.27516 -9.08439  1.000 13.19871 ? 42  GLY A CA  1 
ATOM   329  C C   . GLY A 1 44  ? 2.82115   -12.71257 -9.12519  1.000 14.56253 ? 42  GLY A C   1 
ATOM   330  O O   . GLY A 1 44  ? 2.13765   -13.52157 -9.75447  1.000 17.40049 ? 42  GLY A O   1 
ATOM   331  N N   . GLU A 1 45  ? 3.94116   -13.04816 -8.46335  1.000 14.67448 ? 43  GLU A N   1 
ATOM   332  C CA  . GLU A 1 45  ? 4.54070   -14.36091 -8.69881  1.000 17.58129 ? 43  GLU A CA  1 
ATOM   333  C C   . GLU A 1 45  ? 3.70636   -15.51361 -8.14644  1.000 18.15025 ? 43  GLU A C   1 
ATOM   334  O O   . GLU A 1 45  ? 3.92864   -16.65344 -8.56183  1.000 19.21913 ? 43  GLU A O   1 
ATOM   335  C CB  . GLU A 1 45  ? 5.94699   -14.41245 -8.10486  1.000 14.55437 ? 43  GLU A CB  1 
ATOM   336  C CG  . GLU A 1 45  ? 5.96918   -14.22771 -6.59239  1.000 15.61138 ? 43  GLU A CG  1 
ATOM   337  C CD  . GLU A 1 45  ? 7.39292   -13.91498 -6.10792  1.000 18.63514 ? 43  GLU A CD  1 
ATOM   338  O OE1 . GLU A 1 45  ? 7.92114   -12.83252 -6.46094  1.000 19.51974 ? 43  GLU A OE1 1 
ATOM   339  O OE2 . GLU A 1 45  ? 7.97611   -14.77187 -5.40122  1.000 22.23343 ? 43  GLU A OE2 1 
ATOM   340  N N   . LYS A 1 46  ? 2.74862   -15.28182 -7.26497  1.000 14.10336 ? 44  LYS A N   1 
ATOM   341  C CA  . LYS A 1 46  ? 1.83825   -16.36280 -6.85955  1.000 15.32356 ? 44  LYS A CA  1 
ATOM   342  C C   . LYS A 1 46  ? 0.63148   -16.48503 -7.78021  1.000 14.96575 ? 44  LYS A C   1 
ATOM   343  O O   . LYS A 1 46  ? -0.18789  -17.36361 -7.53973  1.000 18.23980 ? 44  LYS A O   1 
ATOM   344  C CB  . LYS A 1 46  ? 1.34100   -16.17138 -5.41838  1.000 17.58925 ? 44  LYS A CB  1 
ATOM   345  C CG  . LYS A 1 46  ? 2.42339   -15.83210 -4.45885  1.000 21.54203 ? 44  LYS A CG  1 
ATOM   346  C CD  . LYS A 1 46  ? 3.32520   -16.97152 -4.13775  1.000 19.37926 ? 44  LYS A CD  1 
ATOM   347  C CE  . LYS A 1 46  ? 4.26710   -16.55032 -2.99846  1.000 25.61062 ? 44  LYS A CE  1 
ATOM   348  N NZ  . LYS A 1 46  ? 5.34286   -17.57264 -2.75117  1.000 30.36566 ? 44  LYS A NZ  1 
ATOM   349  N N   . GLY A 1 47  ? 0.50454   -15.64448 -8.81014  1.000 13.49910 ? 45  GLY A N   1 
ATOM   350  C CA  . GLY A 1 47  ? -0.63514  -15.73441 -9.71767  1.000 12.20956 ? 45  GLY A CA  1 
ATOM   351  C C   . GLY A 1 47  ? -1.75862  -14.76644 -9.45155  1.000 15.70541 ? 45  GLY A C   1 
ATOM   352  O O   . GLY A 1 47  ? -2.80760  -14.85592 -10.10359 1.000 19.67042 ? 45  GLY A O   1 
ATOM   353  N N   . PHE A 1 48  ? -1.57383  -13.83355 -8.52051  1.000 13.77230 ? 46  PHE A N   1 
ATOM   354  C CA  . PHE A 1 48  ? -2.53269  -12.77599 -8.21124  1.000 13.05438 ? 46  PHE A CA  1 
ATOM   355  C C   . PHE A 1 48  ? -1.74415  -11.64658 -7.57265  1.000 11.16257 ? 46  PHE A C   1 
ATOM   356  O O   . PHE A 1 48  ? -0.59822  -11.81551 -7.16667  1.000 12.86660 ? 46  PHE A O   1 
ATOM   357  C CB  . PHE A 1 48  ? -3.67044  -13.25514 -7.28031  1.000 12.50461 ? 46  PHE A CB  1 
ATOM   358  C CG  . PHE A 1 48  ? -3.19949  -13.92124 -6.02739  1.000 14.04831 ? 46  PHE A CG  1 
ATOM   359  C CD1 . PHE A 1 48  ? -2.95411  -13.20572 -4.85081  1.000 14.43455 ? 46  PHE A CD1 1 
ATOM   360  C CD2 . PHE A 1 48  ? -3.01084  -15.30074 -5.99978  1.000 15.92172 ? 46  PHE A CD2 1 
ATOM   361  C CE1 . PHE A 1 48  ? -2.53241  -13.82391 -3.67828  1.000 15.73241 ? 46  PHE A CE1 1 
ATOM   362  C CE2 . PHE A 1 48  ? -2.59014  -15.94519 -4.81222  1.000 16.86594 ? 46  PHE A CE2 1 
ATOM   363  C CZ  . PHE A 1 48  ? -2.32588  -15.20654 -3.65650  1.000 16.96398 ? 46  PHE A CZ  1 
ATOM   364  N N   . GLY A 1 49  ? -2.34262  -10.46842 -7.54834  1.000 11.78247 ? 47  GLY A N   1 
ATOM   365  C CA  . GLY A 1 49  ? -1.66544  -9.34218  -6.93045  1.000 13.61011 ? 47  GLY A CA  1 
ATOM   366  C C   . GLY A 1 49  ? -2.16825  -8.00391  -7.43494  1.000 9.03217  ? 47  GLY A C   1 
ATOM   367  O O   . GLY A 1 49  ? -3.28265  -7.88691  -7.94192  1.000 10.80298 ? 47  GLY A O   1 
ATOM   368  N N   . TYR A 1 50  ? -1.30652  -6.99797  -7.24410  1.000 9.31643  ? 48  TYR A N   1 
ATOM   369  C CA  . TYR A 1 50  ? -1.74810  -5.60902  -7.33625  1.000 9.73793  ? 48  TYR A CA  1 
ATOM   370  C C   . TYR A 1 50  ? -1.87048  -5.06744  -8.75386  1.000 9.82602  ? 48  TYR A C   1 
ATOM   371  O O   . TYR A 1 50  ? -2.50258  -4.03358  -8.93665  1.000 9.40654  ? 48  TYR A O   1 
ATOM   372  C CB  . TYR A 1 50  ? -0.79639  -4.68234  -6.57247  1.000 10.09149 ? 48  TYR A CB  1 
ATOM   373  C CG  . TYR A 1 50  ? -0.74220  -4.90743  -5.08745  1.000 7.91548  ? 48  TYR A CG  1 
ATOM   374  C CD1 . TYR A 1 50  ? -1.91694  -5.06291  -4.33343  1.000 9.37543  ? 48  TYR A CD1 1 
ATOM   375  C CD2 . TYR A 1 50  ? 0.49124   -4.94861  -4.45393  1.000 8.38193  ? 48  TYR A CD2 1 
ATOM   376  C CE1 . TYR A 1 50  ? -1.85199  -5.26057  -2.96209  1.000 8.63066  ? 48  TYR A CE1 1 
ATOM   377  C CE2 . TYR A 1 50  ? 0.57343   -5.13732  -3.03865  1.000 7.70284  ? 48  TYR A CE2 1 
ATOM   378  C CZ  . TYR A 1 50  ? -0.61176  -5.27658  -2.32664  1.000 8.29409  ? 48  TYR A CZ  1 
ATOM   379  O OH  . TYR A 1 50  ? -0.47970  -5.47084  -0.95450  1.000 8.74342  ? 48  TYR A OH  1 
ATOM   380  N N   . LYS A 1 51  ? -1.24634  -5.68445  -9.75154  1.000 8.76041  ? 49  LYS A N   1 
ATOM   381  C CA  . LYS A 1 51  ? -1.26743  -5.07267  -11.08402 1.000 10.47468 ? 49  LYS A CA  1 
ATOM   382  C C   . LYS A 1 51  ? -2.68977  -4.86294  -11.58947 1.000 10.09193 ? 49  LYS A C   1 
ATOM   383  O O   . LYS A 1 51  ? -3.49428  -5.79188  -11.59961 1.000 11.76080 ? 49  LYS A O   1 
ATOM   384  C CB  . LYS A 1 51  ? -0.48372  -5.95486  -12.07051 1.000 10.39464 ? 49  LYS A CB  1 
ATOM   385  C CG  . LYS A 1 51  ? -0.39592  -5.30174  -13.45711 1.000 11.87070 ? 49  LYS A CG  1 
ATOM   386  C CD  . LYS A 1 51  ? 0.53538   -6.09842  -14.39008 1.000 13.42415 ? 49  LYS A CD  1 
ATOM   387  C CE  . LYS A 1 51  ? 0.60439   -5.32568  -15.69964 1.000 16.73572 ? 49  LYS A CE  1 
ATOM   388  N NZ  . LYS A 1 51  ? 1.50843   -6.07589  -16.62225 1.000 28.57604 ? 49  LYS A NZ  1 
ATOM   389  N N   . GLY A 1 52  ? -3.01139  -3.63174  -11.99045 1.000 10.06035 ? 50  GLY A N   1 
ATOM   390  C CA  . GLY A 1 52  ? -4.34796  -3.34604  -12.47633 1.000 11.29525 ? 50  GLY A CA  1 
ATOM   391  C C   . GLY A 1 52  ? -5.30701  -2.82223  -11.43094 1.000 12.24026 ? 50  GLY A C   1 
ATOM   392  O O   . GLY A 1 52  ? -6.39603  -2.37283  -11.80134 1.000 13.59445 ? 50  GLY A O   1 
ATOM   393  N N   . SER A 1 53  ? -4.97614  -2.95429  -10.15465 1.000 10.08133 ? 51  SER A N   1 
ATOM   394  C CA  . SER A 1 53  ? -5.88480  -2.55418  -9.07940  1.000 9.66031  ? 51  SER A CA  1 
ATOM   395  C C   . SER A 1 53  ? -5.85721  -1.04884  -8.89299  1.000 10.08086 ? 51  SER A C   1 
ATOM   396  O O   . SER A 1 53  ? -5.08684  -0.33613  -9.52660  1.000 11.21961 ? 51  SER A O   1 
ATOM   397  C CB  . SER A 1 53  ? -5.52319  -3.30551  -7.79665  1.000 10.47167 ? 51  SER A CB  1 
ATOM   398  O OG  . SER A 1 53  ? -4.27011  -2.91726  -7.27702  1.000 11.44697 ? 51  SER A OG  1 
ATOM   399  N N   . CYS A 1 54  ? -6.75368  -0.53565  -8.06364  1.000 11.71444 ? 52  CYS A N   1 
ATOM   400  C CA  . CYS A 1 54  ? -6.88395  0.91086   -7.94484  1.000 12.42158 ? 52  CYS A CA  1 
ATOM   401  C C   . CYS A 1 54  ? -6.72373  1.36219   -6.50192  1.000 11.90455 ? 52  CYS A C   1 
ATOM   402  O O   . CYS A 1 54  ? -6.73488  0.57128   -5.56536  1.000 11.42627 ? 52  CYS A O   1 
ATOM   403  C CB  . CYS A 1 54  ? -8.25500  1.38773   -8.47191  1.000 10.98601 ? 52  CYS A CB  1 
ATOM   404  S SG  . CYS A 1 54  ? -9.66676  1.06498   -7.36895  1.000 19.84160 ? 52  CYS A SG  1 
ATOM   405  N N   . PHE A 1 55  ? -6.53311  2.65542   -6.36253  1.000 9.15742  ? 53  PHE A N   1 
ATOM   406  C CA  . PHE A 1 55  ? -6.61978  3.30051   -5.04735  1.000 8.24293  ? 53  PHE A CA  1 
ATOM   407  C C   . PHE A 1 55  ? -8.06415  3.72915   -4.85241  1.000 10.41223 ? 53  PHE A C   1 
ATOM   408  O O   . PHE A 1 55  ? -8.52418  4.71066   -5.44054  1.000 12.80954 ? 53  PHE A O   1 
ATOM   409  C CB  . PHE A 1 55  ? -5.64575  4.48290   -4.96215  1.000 10.96978 ? 53  PHE A CB  1 
ATOM   410  C CG  . PHE A 1 55  ? -4.21457  4.05911   -4.76981  1.000 9.51175  ? 53  PHE A CG  1 
ATOM   411  C CD1 . PHE A 1 55  ? -3.42488  3.63284   -5.83489  1.000 12.91997 ? 53  PHE A CD1 1 
ATOM   412  C CD2 . PHE A 1 55  ? -3.68617  4.01502   -3.46416  1.000 9.71319  ? 53  PHE A CD2 1 
ATOM   413  C CE1 . PHE A 1 55  ? -2.12436  3.19790   -5.61010  1.000 11.57373 ? 53  PHE A CE1 1 
ATOM   414  C CE2 . PHE A 1 55  ? -2.40103  3.61679   -3.23247  1.000 11.16447 ? 53  PHE A CE2 1 
ATOM   415  C CZ  . PHE A 1 55  ? -1.60805  3.18149   -4.31033  1.000 10.20904 ? 53  PHE A CZ  1 
ATOM   416  N N   . HIS A 1 56  ? -8.76473  3.02417   -3.98554  1.000 9.40977  ? 54  HIS A N   1 
ATOM   417  C CA  . HIS A 1 56  ? -10.20325 3.23008   -3.87756  1.000 10.52485 ? 54  HIS A CA  1 
ATOM   418  C C   . HIS A 1 56  ? -10.56156 4.36045   -2.92648  1.000 11.27230 ? 54  HIS A C   1 
ATOM   419  O O   . HIS A 1 56  ? -11.69079 4.85245   -2.99635  1.000 14.03779 ? 54  HIS A O   1 
ATOM   420  C CB  . HIS A 1 56  ? -10.91387 1.92641   -3.46481  1.000 11.03123 ? 54  HIS A CB  1 
ATOM   421  C CG  . HIS A 1 56  ? -10.48494 1.38140   -2.14035  1.000 11.46459 ? 54  HIS A CG  1 
ATOM   422  N ND1 . HIS A 1 56  ? -9.40592  0.53516   -1.99413  1.000 10.98355 ? 54  HIS A ND1 1 
ATOM   423  C CD2 . HIS A 1 56  ? -10.97443 1.59463   -0.89075  1.000 11.77865 ? 54  HIS A CD2 1 
ATOM   424  C CE1 . HIS A 1 56  ? -9.27346  0.21928   -0.71145  1.000 10.69965 ? 54  HIS A CE1 1 
ATOM   425  N NE2 . HIS A 1 56  ? -10.22054 0.84011   -0.02835  1.000 11.14749 ? 54  HIS A NE2 1 
ATOM   426  N N   . ARG A 1 57  ? -9.64364  4.80583   -2.08094  1.000 9.16398  ? 55  ARG A N   1 
ATOM   427  C CA  . ARG A 1 57  ? -9.93299  5.88267   -1.14735  1.000 9.20198  ? 55  ARG A CA  1 
ATOM   428  C C   . ARG A 1 57  ? -8.68929  6.75443   -1.02639  1.000 10.03718 ? 55  ARG A C   1 
ATOM   429  O O   . ARG A 1 57  ? -7.60508  6.26282   -0.70967  1.000 11.34070 ? 55  ARG A O   1 
ATOM   430  C CB  . ARG A 1 57  ? -10.32104 5.29717   0.21168   1.000 12.77687 ? 55  ARG A CB  1 
ATOM   431  C CG  . ARG A 1 57  ? -10.67238 6.37955   1.19027   1.000 15.25253 ? 55  ARG A CG  1 
ATOM   432  C CD  . ARG A 1 57  ? -11.34535 5.83194   2.47734   1.000 18.85813 ? 55  ARG A CD  1 
ATOM   433  N NE  . ARG A 1 57  ? -12.47161 5.03108   2.06583   1.000 20.29481 ? 55  ARG A NE  1 
ATOM   434  C CZ  . ARG A 1 57  ? -12.55008 3.72350   2.25135   1.000 15.32533 ? 55  ARG A CZ  1 
ATOM   435  N NH1 . ARG A 1 57  ? -11.62783 3.09013   2.91692   1.000 18.51216 ? 55  ARG A NH1 1 
ATOM   436  N NH2 . ARG A 1 57  ? -13.59590 3.06526   1.73685   1.000 18.01985 ? 55  ARG A NH2 1 
ATOM   437  N N   . ILE A 1 58  ? -8.80061  8.02869   -1.34012  1.000 7.93837  ? 56  ILE A N   1 
ATOM   438  C CA  . ILE A 1 58  ? -7.67369  8.96237   -1.20705  1.000 8.47300  ? 56  ILE A CA  1 
ATOM   439  C C   . ILE A 1 58  ? -8.20305  10.18040  -0.45000  1.000 8.14933  ? 56  ILE A C   1 
ATOM   440  O O   . ILE A 1 58  ? -9.09938  10.87941  -0.96410  1.000 9.21790  ? 56  ILE A O   1 
ATOM   441  C CB  . ILE A 1 58  ? -7.12870  9.38245   -2.56908  1.000 9.52799  ? 56  ILE A CB  1 
ATOM   442  C CG1 . ILE A 1 58  ? -6.52729  8.16195   -3.27925  1.000 10.49039 ? 56  ILE A CG1 1 
ATOM   443  C CG2 . ILE A 1 58  ? -6.05662  10.45881  -2.40528  1.000 11.20806 ? 56  ILE A CG2 1 
ATOM   444  C CD1 . ILE A 1 58  ? -5.98451  8.54166   -4.65883  1.000 13.74686 ? 56  ILE A CD1 1 
ATOM   445  N N   . ILE A 1 59  ? -7.73493  10.37189  0.78036   1.000 8.22484  ? 57  ILE A N   1 
ATOM   446  C CA  . ILE A 1 59  ? -8.14479  11.52517  1.57808   1.000 7.89223  ? 57  ILE A CA  1 
ATOM   447  C C   . ILE A 1 59  ? -6.92028  12.43258  1.70086   1.000 10.55940 ? 57  ILE A C   1 
ATOM   448  O O   . ILE A 1 59  ? -5.94516  12.06566  2.38672   1.000 10.55276 ? 57  ILE A O   1 
ATOM   449  C CB  . ILE A 1 59  ? -8.65093  11.07633  2.95416   1.000 8.44198  ? 57  ILE A CB  1 
ATOM   450  C CG1 . ILE A 1 59  ? -9.88277  10.18160  2.77118   1.000 11.56464 ? 57  ILE A CG1 1 
ATOM   451  C CG2 . ILE A 1 59  ? -8.99471  12.31420  3.78933   1.000 9.21855  ? 57  ILE A CG2 1 
ATOM   452  C CD1 . ILE A 1 59  ? -10.28784 9.43106   4.03399   1.000 10.14854 ? 57  ILE A CD1 1 
ATOM   453  N N   . PRO A 1 60  ? -6.90221  13.60763  1.06095   1.000 9.16522  ? 58  PRO A N   1 
ATOM   454  C CA  . PRO A 1 60  ? -5.73603  14.48204  1.13770   1.000 12.60596 ? 58  PRO A CA  1 
ATOM   455  C C   . PRO A 1 60  ? -5.40856  14.87276  2.56776   1.000 12.99089 ? 58  PRO A C   1 
ATOM   456  O O   . PRO A 1 60  ? -6.29308  15.03825  3.41100   1.000 12.00022 ? 58  PRO A O   1 
ATOM   457  C CB  . PRO A 1 60  ? -6.16509  15.69014  0.30477   1.000 12.04959 ? 58  PRO A CB  1 
ATOM   458  C CG  . PRO A 1 60  ? -7.22055  15.15709  -0.60146  1.000 11.57970 ? 58  PRO A CG  1 
ATOM   459  C CD  . PRO A 1 60  ? -7.95319  14.12295  0.17319   1.000 11.69728 ? 58  PRO A CD  1 
ATOM   460  N N   . GLY A 1 61  ? -4.11049  14.90836  2.86359   1.000 11.77362 ? 59  GLY A N   1 
ATOM   461  C CA  . GLY A 1 61  ? -3.73777  15.21525  4.23002   1.000 12.04647 ? 59  GLY A CA  1 
ATOM   462  C C   . GLY A 1 61  ? -3.97698  14.08661  5.20260   1.000 12.22352 ? 59  GLY A C   1 
ATOM   463  O O   . GLY A 1 61  ? -4.05253  14.32496  6.40654   1.000 14.03530 ? 59  GLY A O   1 
ATOM   464  N N   . PHE A 1 62  ? -4.08753  12.85870  4.70602   1.000 10.99611 ? 60  PHE A N   1 
ATOM   465  C CA  . PHE A 1 62  ? -4.31915  11.68686  5.53336   1.000 8.14799  ? 60  PHE A CA  1 
ATOM   466  C C   . PHE A 1 62  ? -3.62458  10.47621  4.90920   1.000 8.41836  ? 60  PHE A C   1 
ATOM   467  O O   . PHE A 1 62  ? -2.53162  10.11050  5.35299   1.000 9.78761  ? 60  PHE A O   1 
ATOM   468  C CB  . PHE A 1 62  ? -5.82394  11.48447  5.74706   1.000 9.51113  ? 60  PHE A CB  1 
ATOM   469  C CG  . PHE A 1 62  ? -6.21122  10.29641  6.62258   1.000 8.06778  ? 60  PHE A CG  1 
ATOM   470  C CD1 . PHE A 1 62  ? -5.28090  9.64217   7.45533   1.000 8.75204  ? 60  PHE A CD1 1 
ATOM   471  C CD2 . PHE A 1 62  ? -7.53952  9.92274   6.66787   1.000 11.49928 ? 60  PHE A CD2 1 
ATOM   472  C CE1 . PHE A 1 62  ? -5.71356  8.55238   8.22410   1.000 10.31914 ? 60  PHE A CE1 1 
ATOM   473  C CE2 . PHE A 1 62  ? -7.93626  8.84471   7.49763   1.000 11.68016 ? 60  PHE A CE2 1 
ATOM   474  C CZ  . PHE A 1 62  ? -7.01289  8.18237   8.23187   1.000 12.48907 ? 60  PHE A CZ  1 
ATOM   475  N N   . MET A 1 63  ? -4.23427  9.86029   3.89583   1.000 9.86312  ? 61  MET A N   1 
ATOM   476  C CA  . MET A 1 63  ? -3.63061  8.65576   3.32587   1.000 8.72023  ? 61  MET A CA  1 
ATOM   477  C C   . MET A 1 63  ? -4.31561  8.31005   2.00947   1.000 8.14942  ? 61  MET A C   1 
ATOM   478  O O   . MET A 1 63  ? -5.40829  8.79062   1.68573   1.000 10.47084 ? 61  MET A O   1 
ATOM   479  C CB  . MET A 1 63  ? -3.67720  7.48702   4.30501   1.000 9.61055  ? 61  MET A CB  1 
ATOM   480  C CG  . MET A 1 63  ? -5.06345  7.09613   4.78571   1.000 11.38718 ? 61  MET A CG  1 
ATOM   481  S SD  . MET A 1 63  ? -5.85777  5.92811   3.60095   1.000 12.32393 ? 61  MET A SD  1 
ATOM   482  C CE  . MET A 1 63  ? -7.45310  6.70207   3.30701   1.000 14.46877 ? 61  MET A CE  1 
ATOM   483  N N   . CYS A 1 64  ? -3.60816  7.45251   1.25641   1.000 8.27550  ? 62  CYS A N   1 
ATOM   484  C CA  . CYS A 1 64  ? -4.09924  6.80572   0.03589   1.000 9.32611  ? 62  CYS A CA  1 
ATOM   485  C C   . CYS A 1 64  ? -4.21242  5.31566   0.31065   1.000 9.45184  ? 62  CYS A C   1 
ATOM   486  O O   . CYS A 1 64  ? -3.20877  4.69044   0.68215   1.000 10.11486 ? 62  CYS A O   1 
ATOM   487  C CB  . CYS A 1 64  ? -3.11403  6.98385   -1.12199  1.000 9.43709  ? 62  CYS A CB  1 
ATOM   488  S SG  . CYS A 1 64  ? -2.77851  8.72533   -1.55468  1.000 13.62645 ? 62  CYS A SG  1 
ATOM   489  N N   . GLN A 1 65  ? -5.38545  4.71882   0.05664   1.000 7.76266  ? 63  GLN A N   1 
ATOM   490  C CA  . GLN A 1 65  ? -5.58087  3.30117   0.35342   1.000 7.71619  ? 63  GLN A CA  1 
ATOM   491  C C   . GLN A 1 65  ? -5.85389  2.52083   -0.92548  1.000 9.16366  ? 63  GLN A C   1 
ATOM   492  O O   . GLN A 1 65  ? -6.66930  2.93281   -1.75316  1.000 9.49139  ? 63  GLN A O   1 
ATOM   493  C CB  . GLN A 1 65  ? -6.70496  3.12970   1.39386   1.000 9.35776  ? 63  GLN A CB  1 
ATOM   494  C CG  . GLN A 1 65  ? -6.94727  1.69373   1.84615   1.000 10.39873 ? 63  GLN A CG  1 
ATOM   495  C CD  . GLN A 1 65  ? -8.00440  1.59637   2.90184   1.000 11.88249 ? 63  GLN A CD  1 
ATOM   496  O OE1 . GLN A 1 65  ? -8.32959  2.59759   3.54361   1.000 13.73992 ? 63  GLN A OE1 1 
ATOM   497  N NE2 . GLN A 1 65  ? -8.59254  0.42818   3.06629   1.000 9.15683  ? 63  GLN A NE2 1 
ATOM   498  N N   . GLY A 1 66  ? -5.19955  1.37456   -1.04175  1.000 7.39634  ? 64  GLY A N   1 
ATOM   499  C CA  . GLY A 1 66  ? -5.35956  0.50424   -2.21234  1.000 7.84053  ? 64  GLY A CA  1 
ATOM   500  C C   . GLY A 1 66  ? -5.24270  -0.96173  -1.86174  1.000 7.99937  ? 64  GLY A C   1 
ATOM   501  O O   . GLY A 1 66  ? -5.33740  -1.36731  -0.68124  1.000 8.02427  ? 64  GLY A O   1 
ATOM   502  N N   . GLY A 1 67  ? -5.09408  -1.79511  -2.88665  1.000 8.07845  ? 65  GLY A N   1 
ATOM   503  C CA  . GLY A 1 67  ? -4.80400  -3.20328  -2.74934  1.000 9.09107  ? 65  GLY A CA  1 
ATOM   504  C C   . GLY A 1 67  ? -5.98039  -4.13314  -2.74617  1.000 8.06120  ? 65  GLY A C   1 
ATOM   505  O O   . GLY A 1 67  ? -5.77119  -5.34641  -2.51902  1.000 9.50870  ? 65  GLY A O   1 
ATOM   506  N N   . ASP A 1 68  ? -7.20695  -3.63812  -3.00489  1.000 8.08762  ? 66  ASP A N   1 
ATOM   507  C CA  . ASP A 1 68  ? -8.35954  -4.55886  -3.07425  1.000 8.12194  ? 66  ASP A CA  1 
ATOM   508  C C   . ASP A 1 68  ? -8.56630  -5.05293  -4.49930  1.000 8.12170  ? 66  ASP A C   1 
ATOM   509  O O   . ASP A 1 68  ? -9.33738  -4.46356  -5.27536  1.000 10.92922 ? 66  ASP A O   1 
ATOM   510  C CB  . ASP A 1 68  ? -9.60989  -3.88383  -2.55560  1.000 10.81304 ? 66  ASP A CB  1 
ATOM   511  C CG  . ASP A 1 68  ? -10.79795 -4.80728  -2.56397  1.000 9.63150  ? 66  ASP A CG  1 
ATOM   512  O OD1 . ASP A 1 68  ? -10.64021 -5.99271  -2.96495  1.000 9.35269  ? 66  ASP A OD1 1 
ATOM   513  O OD2 . ASP A 1 68  ? -11.90093 -4.34057  -2.19878  1.000 9.58777  ? 66  ASP A OD2 1 
ATOM   514  N N   . PHE A 1 69  ? -7.88043  -6.13823  -4.83237  1.000 8.71596  ? 67  PHE A N   1 
ATOM   515  C CA  . PHE A 1 69  ? -7.97234  -6.67706  -6.18135  1.000 9.20512  ? 67  PHE A CA  1 
ATOM   516  C C   . PHE A 1 69  ? -9.04294  -7.73056  -6.32079  1.000 11.66760 ? 67  PHE A C   1 
ATOM   517  O O   . PHE A 1 69  ? -9.17768  -8.28590  -7.42185  1.000 10.94204 ? 67  PHE A O   1 
ATOM   518  C CB  . PHE A 1 69  ? -6.59890  -7.18612  -6.63719  1.000 12.08856 ? 67  PHE A CB  1 
ATOM   519  C CG  . PHE A 1 69  ? -5.99143  -8.21822  -5.76146  1.000 11.27812 ? 67  PHE A CG  1 
ATOM   520  C CD1 . PHE A 1 69  ? -6.36524  -9.55033  -5.85391  1.000 12.88195 ? 67  PHE A CD1 1 
ATOM   521  C CD2 . PHE A 1 69  ? -4.99133  -7.87440  -4.84020  1.000 12.94597 ? 67  PHE A CD2 1 
ATOM   522  C CE1 . PHE A 1 69  ? -5.79772  -10.52299 -5.00222  1.000 13.37898 ? 67  PHE A CE1 1 
ATOM   523  C CE2 . PHE A 1 69  ? -4.39719  -8.84880  -4.05049  1.000 12.59933 ? 67  PHE A CE2 1 
ATOM   524  C CZ  . PHE A 1 69  ? -4.81510  -10.12409 -4.06961  1.000 14.04442 ? 67  PHE A CZ  1 
ATOM   525  N N   . THR A 1 70  ? -9.83330  -8.02793  -5.28326  1.000 9.29863  ? 68  THR A N   1 
ATOM   526  C CA  . THR A 1 70  ? -10.91689 -8.98771  -5.48351  1.000 11.02546 ? 68  THR A CA  1 
ATOM   527  C C   . THR A 1 70  ? -12.29436 -8.36777  -5.46708  1.000 11.73220 ? 68  THR A C   1 
ATOM   528  O O   . THR A 1 70  ? -13.18476 -8.90604  -6.15417  1.000 11.47557 ? 68  THR A O   1 
ATOM   529  C CB  . THR A 1 70  ? -10.90279 -10.11991 -4.45421  1.000 15.55032 ? 68  THR A CB  1 
ATOM   530  O OG1 . THR A 1 70  ? -11.22346 -9.59294  -3.16641  1.000 14.05291 ? 68  THR A OG1 1 
ATOM   531  C CG2 . THR A 1 70  ? -9.52087  -10.85553 -4.43199  1.000 17.43225 ? 68  THR A CG2 1 
ATOM   532  N N   . ARG A 1 71  ? -12.48704 -7.23163  -4.80062  1.000 9.88432  ? 69  ARG A N   1 
ATOM   533  C CA  . ARG A 1 71  ? -13.77425 -6.52463  -4.84106  1.000 10.86649 ? 69  ARG A CA  1 
ATOM   534  C C   . ARG A 1 71  ? -13.66893 -5.06793  -5.25786  1.000 10.29350 ? 69  ARG A C   1 
ATOM   535  O O   . ARG A 1 71  ? -14.70224 -4.43095  -5.49623  1.000 11.98342 ? 69  ARG A O   1 
ATOM   536  C CB  . ARG A 1 71  ? -14.51429 -6.59519  -3.49738  1.000 10.65767 ? 69  ARG A CB  1 
ATOM   537  C CG  . ARG A 1 71  ? -14.80034 -8.00278  -3.13287  1.000 13.07118 ? 69  ARG A CG  1 
ATOM   538  C CD  . ARG A 1 71  ? -15.68981 -8.19774  -1.93376  1.000 15.81721 ? 69  ARG A CD  1 
ATOM   539  N NE  . ARG A 1 71  ? -15.81077 -9.64041  -1.87480  1.000 24.17166 ? 69  ARG A NE  1 
ATOM   540  C CZ  . ARG A 1 71  ? -16.65031 -10.35782 -2.63455  1.000 24.41419 ? 69  ARG A CZ  1 
ATOM   541  N NH1 . ARG A 1 71  ? -17.52576 -9.71605  -3.44372  1.000 20.56178 ? 69  ARG A NH1 1 
ATOM   542  N NH2 . ARG A 1 71  ? -16.60257 -11.69222 -2.54018  1.000 16.97513 ? 69  ARG A NH2 1 
ATOM   543  N N   . HIS A 1 72  ? -12.46227 -4.53048  -5.38682  1.000 9.57516  ? 70  HIS A N   1 
ATOM   544  C CA  . HIS A 1 72  ? -12.22523 -3.24002  -6.05120  1.000 9.77814  ? 70  HIS A CA  1 
ATOM   545  C C   . HIS A 1 72  ? -12.81494 -2.05036  -5.31029  1.000 10.83128 ? 70  HIS A C   1 
ATOM   546  O O   . HIS A 1 72  ? -12.89142 -0.93883  -5.86645  1.000 15.08203 ? 70  HIS A O   1 
ATOM   547  C CB  . HIS A 1 72  ? -12.71688 -3.26736  -7.51378  1.000 11.33640 ? 70  HIS A CB  1 
ATOM   548  C CG  . HIS A 1 72  ? -12.65777 -4.64501  -8.11628  1.000 10.22213 ? 70  HIS A CG  1 
ATOM   549  N ND1 . HIS A 1 72  ? -11.46680 -5.32690  -8.28257  1.000 11.91684 ? 70  HIS A ND1 1 
ATOM   550  C CD2 . HIS A 1 72  ? -13.65262 -5.52352  -8.46827  1.000 11.38500 ? 70  HIS A CD2 1 
ATOM   551  C CE1 . HIS A 1 72  ? -11.72510 -6.55403  -8.74264  1.000 12.16550 ? 70  HIS A CE1 1 
ATOM   552  N NE2 . HIS A 1 72  ? -13.03950 -6.69638  -8.86214  1.000 11.09416 ? 70  HIS A NE2 1 
ATOM   553  N N   . ASN A 1 73  ? -13.13937 -2.18681  -4.02562  1.000 10.80371 ? 71  ASN A N   1 
ATOM   554  C CA  . ASN A 1 73  ? -13.83339 -1.07807  -3.36648  1.000 10.88599 ? 71  ASN A CA  1 
ATOM   555  C C   . ASN A 1 73  ? -13.49500 -0.99231  -1.89140  1.000 11.33356 ? 71  ASN A C   1 
ATOM   556  O O   . ASN A 1 73  ? -14.12904 -0.20480  -1.16777  1.000 12.63300 ? 71  ASN A O   1 
ATOM   557  C CB  . ASN A 1 73  ? -15.36844 -1.24577  -3.55381  1.000 12.58099 ? 71  ASN A CB  1 
ATOM   558  C CG  . ASN A 1 73  ? -15.90797 -2.51787  -2.88982  1.000 10.33283 ? 71  ASN A CG  1 
ATOM   559  O OD1 . ASN A 1 73  ? -15.17317 -3.29179  -2.25555  1.000 10.88462 ? 71  ASN A OD1 1 
ATOM   560  N ND2 . ASN A 1 73  ? -17.21627 -2.73790  -3.01617  1.000 13.79946 ? 71  ASN A ND2 1 
ATOM   561  N N   . GLY A 1 74  ? -12.53222 -1.74313  -1.40968  1.000 9.59977  ? 72  GLY A N   1 
ATOM   562  C CA  . GLY A 1 74  ? -12.19626 -1.71911  -0.00463  1.000 10.31826 ? 72  GLY A CA  1 
ATOM   563  C C   . GLY A 1 74  ? -12.81675 -2.79571  0.86439   1.000 12.16489 ? 72  GLY A C   1 
ATOM   564  O O   . GLY A 1 74  ? -12.53625 -2.83781  2.07638   1.000 11.77413 ? 72  GLY A O   1 
ATOM   565  N N   . THR A 1 75  ? -13.63079 -3.68925  0.29133   1.000 11.08446 ? 73  THR A N   1 
ATOM   566  C CA  . THR A 1 75  ? -14.19207 -4.76188  1.07606   1.000 10.78363 ? 73  THR A CA  1 
ATOM   567  C C   . THR A 1 75  ? -13.46651 -6.08536  0.87749   1.000 12.39776 ? 73  THR A C   1 
ATOM   568  O O   . THR A 1 75  ? -13.72475 -7.02932  1.64824   1.000 16.12991 ? 73  THR A O   1 
ATOM   569  C CB  . THR A 1 75  ? -15.68869 -4.96506  0.76350   1.000 10.57267 ? 73  THR A CB  1 
ATOM   570  O OG1 . THR A 1 75  ? -15.83701 -5.31203  -0.61957  1.000 12.38720 ? 73  THR A OG1 1 
ATOM   571  C CG2 . THR A 1 75  ? -16.46543 -3.74375  1.03639   1.000 12.92217 ? 73  THR A CG2 1 
ATOM   572  N N   . GLY A 1 76  ? -12.51406 -6.17628  -0.06518  1.000 10.00824 ? 74  GLY A N   1 
ATOM   573  C CA  . GLY A 1 76  ? -11.89680 -7.45386  -0.36789  1.000 11.39409 ? 74  GLY A CA  1 
ATOM   574  C C   . GLY A 1 76  ? -10.38876 -7.50957  -0.28974  1.000 13.01317 ? 74  GLY A C   1 
ATOM   575  O O   . GLY A 1 76  ? -9.76303  -6.72533  0.45438   1.000 13.42746 ? 74  GLY A O   1 
ATOM   576  N N   . GLY A 1 77  ? -9.79346  -8.39186  -1.09717  1.000 14.22674 ? 75  GLY A N   1 
ATOM   577  C CA  . GLY A 1 77  ? -8.37037  -8.66603  -1.06314  1.000 16.70928 ? 75  GLY A CA  1 
ATOM   578  C C   . GLY A 1 77  ? -8.05862  -9.95539  -0.30650  1.000 13.30985 ? 75  GLY A C   1 
ATOM   579  O O   . GLY A 1 77  ? -8.90352  -10.55005 0.36438   1.000 16.16649 ? 75  GLY A O   1 
ATOM   580  N N   . LYS A 1 78  ? -6.83905  -10.43495 -0.50138  1.000 10.24298 ? 76  LYS A N   1 
ATOM   581  C CA  . LYS A 1 78  ? -6.35026  -11.65414 0.14902   1.000 13.01379 ? 76  LYS A CA  1 
ATOM   582  C C   . LYS A 1 78  ? -4.82474  -11.62876 0.15140   1.000 10.29380 ? 76  LYS A C   1 
ATOM   583  O O   . LYS A 1 78  ? -4.18093  -11.01056 -0.70295  1.000 11.39235 ? 76  LYS A O   1 
ATOM   584  C CB  . LYS A 1 78  ? -6.84970  -12.96038 -0.51890  1.000 15.12699 ? 76  LYS A CB  1 
ATOM   585  C CG  . LYS A 1 78  ? -6.33611  -13.15615 -1.93352  1.000 13.89293 ? 76  LYS A CG  1 
ATOM   586  C CD  . LYS A 1 78  ? -6.86862  -14.40316 -2.55928  1.000 17.42448 ? 76  LYS A CD  1 
ATOM   587  C CE  . LYS A 1 78  ? -6.27893  -14.60457 -3.93782  1.000 18.84576 ? 76  LYS A CE  1 
ATOM   588  N NZ  . LYS A 1 78  ? -6.84452  -15.85122 -4.52244  1.000 22.07072 ? 76  LYS A NZ  1 
ATOM   589  N N   . SER A 1 79  ? -4.25584  -12.31176 1.12478   1.000 12.22083 ? 77  SER A N   1 
ATOM   590  C CA  . SER A 1 79  ? -2.80785  -12.34755 1.23225   1.000 9.28116  ? 77  SER A CA  1 
ATOM   591  C C   . SER A 1 79  ? -2.25231  -13.57739 0.51466   1.000 11.85165 ? 77  SER A C   1 
ATOM   592  O O   . SER A 1 79  ? -2.98903  -14.47037 0.09256   1.000 13.37446 ? 77  SER A O   1 
ATOM   593  C CB  . SER A 1 79  ? -2.37906  -12.32999 2.71191   1.000 10.33219 ? 77  SER A CB  1 
ATOM   594  O OG  . SER A 1 79  ? -2.43751  -13.65754 3.27874   1.000 11.87890 ? 77  SER A OG  1 
ATOM   595  N N   . ILE A 1 80  ? -0.92425  -13.67119 0.47373   1.000 9.76846  ? 78  ILE A N   1 
ATOM   596  C CA  . ILE A 1 80  ? -0.28081  -14.86985 -0.07579  1.000 10.57472 ? 78  ILE A CA  1 
ATOM   597  C C   . ILE A 1 80  ? -0.32652  -16.03812 0.90427   1.000 13.34207 ? 78  ILE A C   1 
ATOM   598  O O   . ILE A 1 80  ? 0.07909   -17.14755 0.54548   1.000 15.69981 ? 78  ILE A O   1 
ATOM   599  C CB  . ILE A 1 80  ? 1.18187   -14.61290 -0.51003  1.000 12.29612 ? 78  ILE A CB  1 
ATOM   600  C CG1 . ILE A 1 80  ? 2.05150   -14.27709 0.70353   1.000 12.25863 ? 78  ILE A CG1 1 
ATOM   601  C CG2 . ILE A 1 80  ? 1.27074   -13.54034 -1.59960  1.000 14.34779 ? 78  ILE A CG2 1 
ATOM   602  C CD1 . ILE A 1 80  ? 3.56557   -14.17504 0.36978   1.000 12.94412 ? 78  ILE A CD1 1 
ATOM   603  N N   . TYR A 1 81  ? -0.85986  -15.84173 2.10623   1.000 11.78821 ? 79  TYR A N   1 
ATOM   604  C CA  . TYR A 1 81  ? -0.92255  -16.84671 3.15943   1.000 14.57737 ? 79  TYR A CA  1 
ATOM   605  C C   . TYR A 1 81  ? -2.33466  -17.32360 3.38859   1.000 18.95954 ? 79  TYR A C   1 
ATOM   606  O O   . TYR A 1 81  ? -2.58455  -18.00973 4.38920   1.000 21.59648 ? 79  TYR A O   1 
ATOM   607  C CB  . TYR A 1 81  ? -0.41261  -16.25959 4.46751   1.000 14.57314 ? 79  TYR A CB  1 
ATOM   608  C CG  . TYR A 1 81  ? 0.91459   -15.56726 4.34999   1.000 12.36953 ? 79  TYR A CG  1 
ATOM   609  C CD1 . TYR A 1 81  ? 2.05003   -16.28596 4.00176   1.000 13.50522 ? 79  TYR A CD1 1 
ATOM   610  C CD2 . TYR A 1 81  ? 1.05420   -14.17856 4.61280   1.000 11.86609 ? 79  TYR A CD2 1 
ATOM   611  C CE1 . TYR A 1 81  ? 3.27526   -15.67140 3.87721   1.000 12.14544 ? 79  TYR A CE1 1 
ATOM   612  C CE2 . TYR A 1 81  ? 2.28858   -13.57106 4.51452   1.000 12.08885 ? 79  TYR A CE2 1 
ATOM   613  C CZ  . TYR A 1 81  ? 3.39009   -14.32309 4.14030   1.000 11.39789 ? 79  TYR A CZ  1 
ATOM   614  O OH  . TYR A 1 81  ? 4.61911   -13.72383 4.01544   1.000 13.17468 ? 79  TYR A OH  1 
ATOM   615  N N   . GLY A 1 82  ? -3.27006  -16.89554 2.57166   1.000 15.42555 ? 80  GLY A N   1 
ATOM   616  C CA  . GLY A 1 82  ? -4.67955  -17.12262 2.86010   1.000 19.99772 ? 80  GLY A CA  1 
ATOM   617  C C   . GLY A 1 82  ? -5.44121  -15.81650 2.87326   1.000 15.84370 ? 80  GLY A C   1 
ATOM   618  O O   . GLY A 1 82  ? -4.88352  -14.74438 2.65795   1.000 16.12321 ? 80  GLY A O   1 
ATOM   619  N N   . GLU A 1 83  ? -6.73974  -15.90592 3.17162   1.000 14.56149 ? 81  GLU A N   1 
ATOM   620  C CA  . GLU A 1 83  ? -7.55176  -14.68444 3.14379   1.000 15.24991 ? 81  GLU A CA  1 
ATOM   621  C C   . GLU A 1 83  ? -7.02118  -13.63437 4.11625   1.000 15.38714 ? 81  GLU A C   1 
ATOM   622  O O   . GLU A 1 83  ? -6.98893  -12.43336 3.79603   1.000 16.89950 ? 81  GLU A O   1 
ATOM   623  C CB  . GLU A 1 83  ? -9.02657  -14.99538 3.44211   1.000 16.16471 ? 81  GLU A CB  1 
ATOM   624  C CG  . GLU A 1 83  ? -9.97835  -13.84782 3.01510   1.000 26.57681 ? 81  GLU A CG  1 
ATOM   625  N N   . LYS A 1 84  ? -6.57689  -14.06215 5.29620   1.000 12.88954 ? 82  LYS A N   1 
ATOM   626  C CA  . LYS A 1 84  ? -6.06213  -13.14271 6.30076   1.000 11.68334 ? 82  LYS A CA  1 
ATOM   627  C C   . LYS A 1 84  ? -4.81021  -13.72569 6.93778   1.000 13.35221 ? 82  LYS A C   1 
ATOM   628  O O   . LYS A 1 84  ? -4.58188  -14.94082 6.92653   1.000 13.25602 ? 82  LYS A O   1 
ATOM   629  C CB  . LYS A 1 84  ? -7.09988  -12.85649 7.38862   1.000 14.64060 ? 82  LYS A CB  1 
ATOM   630  C CG  . LYS A 1 84  ? -7.48572  -14.03433 8.17543   1.000 22.61198 ? 82  LYS A CG  1 
ATOM   631  N N   . PHE A 1 85  ? -3.97975  -12.84260 7.50213   1.000 9.83787  ? 83  PHE A N   1 
ATOM   632  C CA  . PHE A 1 85  ? -2.87988  -13.28755 8.35538   1.000 9.34654  ? 83  PHE A CA  1 
ATOM   633  C C   . PHE A 1 85  ? -2.69554  -12.29887 9.50837   1.000 8.77347  ? 83  PHE A C   1 
ATOM   634  O O   . PHE A 1 85  ? -3.26645  -11.19495 9.54047   1.000 9.71921  ? 83  PHE A O   1 
ATOM   635  C CB  . PHE A 1 85  ? -1.55060  -13.47780 7.58608   1.000 9.94806  ? 83  PHE A CB  1 
ATOM   636  C CG  . PHE A 1 85  ? -0.93525  -12.20163 7.02139   1.000 9.33284  ? 83  PHE A CG  1 
ATOM   637  C CD1 . PHE A 1 85  ? -1.46592  -11.59156 5.86452   1.000 10.76178 ? 83  PHE A CD1 1 
ATOM   638  C CD2 . PHE A 1 85  ? 0.21989   -11.68147 7.57328   1.000 10.63390 ? 83  PHE A CD2 1 
ATOM   639  C CE1 . PHE A 1 85  ? -0.84832  -10.43939 5.29916   1.000 10.46033 ? 83  PHE A CE1 1 
ATOM   640  C CE2 . PHE A 1 85  ? 0.84562   -10.52691 7.03794   1.000 10.02368 ? 83  PHE A CE2 1 
ATOM   641  C CZ  . PHE A 1 85  ? 0.33465   -9.93574  5.87837   1.000 9.71271  ? 83  PHE A CZ  1 
ATOM   642  N N   . GLU A 1 86  ? -1.94212  -12.74566 10.50366  1.000 9.57499  ? 84  GLU A N   1 
ATOM   643  C CA  . GLU A 1 86  ? -1.83713  -12.05600 11.78775  1.000 10.02038 ? 84  GLU A CA  1 
ATOM   644  C C   . GLU A 1 86  ? -1.06223  -10.73811 11.69839  1.000 10.07174 ? 84  GLU A C   1 
ATOM   645  O O   . GLU A 1 86  ? -0.28305  -10.48080 10.74960  1.000 10.54091 ? 84  GLU A O   1 
ATOM   646  C CB  . GLU A 1 86  ? -1.15263  -12.98237 12.78154  1.000 11.48100 ? 84  GLU A CB  1 
ATOM   647  C CG  . GLU A 1 86  ? 0.29609   -13.23235 12.47247  1.000 11.85392 ? 84  GLU A CG  1 
ATOM   648  C CD  . GLU A 1 86  ? 0.57896   -14.43509 11.54363  1.000 14.00010 ? 84  GLU A CD  1 
ATOM   649  O OE1 . GLU A 1 86  ? -0.33646  -14.89664 10.84768  1.000 14.65760 ? 84  GLU A OE1 1 
ATOM   650  O OE2 . GLU A 1 86  ? 1.73223   -14.93518 11.58501  1.000 18.99144 ? 84  GLU A OE2 1 
ATOM   651  N N   . ASP A 1 87  ? -1.28808  -9.87756  12.68748  1.000 7.98733  ? 85  ASP A N   1 
ATOM   652  C CA  . ASP A 1 87  ? -0.40508  -8.74218  12.90286  1.000 9.10653  ? 85  ASP A CA  1 
ATOM   653  C C   . ASP A 1 87  ? 0.97269   -9.23932  13.32474  1.000 10.28821 ? 85  ASP A C   1 
ATOM   654  O O   . ASP A 1 87  ? 1.09057   -9.88157  14.36632  1.000 11.29707 ? 85  ASP A O   1 
ATOM   655  C CB  . ASP A 1 87  ? -1.00665  -7.80332  13.95789  1.000 9.49007  ? 85  ASP A CB  1 
ATOM   656  C CG  . ASP A 1 87  ? -2.34922  -7.21006  13.53824  1.000 10.28637 ? 85  ASP A CG  1 
ATOM   657  O OD1 . ASP A 1 87  ? -2.42107  -6.70533  12.35651  1.000 11.25567 ? 85  ASP A OD1 1 
ATOM   658  O OD2 . ASP A 1 87  ? -3.30943  -7.17755  14.35988  1.000 11.63092 ? 85  ASP A OD2 1 
ATOM   659  N N   . GLU A 1 88  ? 2.01148   -8.97361  12.53639  1.000 9.86870  ? 86  GLU A N   1 
ATOM   660  C CA  . GLU A 1 88  ? 3.30795   -9.59655  12.80265  1.000 9.49769  ? 86  GLU A CA  1 
ATOM   661  C C   . GLU A 1 88  ? 3.95038   -8.99169  14.04619  1.000 10.68785 ? 86  GLU A C   1 
ATOM   662  O O   . GLU A 1 88  ? 4.39499   -9.71156  14.95470  1.000 13.06457 ? 86  GLU A O   1 
ATOM   663  C CB  . GLU A 1 88  ? 4.18713   -9.41726  11.56190  1.000 11.44569 ? 86  GLU A CB  1 
ATOM   664  C CG  . GLU A 1 88  ? 5.55877   -10.06773 11.62989  1.000 11.10534 ? 86  GLU A CG  1 
ATOM   665  C CD  . GLU A 1 88  ? 6.26490   -10.07537 10.32234  1.000 15.63705 ? 86  GLU A CD  1 
ATOM   666  O OE1 . GLU A 1 88  ? 5.81142   -9.39608  9.37714   1.000 12.98793 ? 86  GLU A OE1 1 
ATOM   667  O OE2 . GLU A 1 88  ? 7.26900   -10.81462 10.22586  1.000 15.36017 ? 86  GLU A OE2 1 
ATOM   668  N N   . ASN A 1 89  ? 4.01359   -7.67012  14.10134  1.000 9.64956  ? 87  ASN A N   1 
ATOM   669  C CA  . ASN A 1 89  ? 4.51988   -6.92691  15.24230  1.000 9.05178  ? 87  ASN A CA  1 
ATOM   670  C C   . ASN A 1 89  ? 4.14071   -5.47264  14.97704  1.000 10.73966 ? 87  ASN A C   1 
ATOM   671  O O   . ASN A 1 89  ? 3.63815   -5.13217  13.89747  1.000 10.63486 ? 87  ASN A O   1 
ATOM   672  C CB  . ASN A 1 89  ? 6.03310   -7.12351  15.44702  1.000 10.41045 ? 87  ASN A CB  1 
ATOM   673  C CG  . ASN A 1 89  ? 6.86316   -6.55295  14.32329  1.000 10.85765 ? 87  ASN A CG  1 
ATOM   674  O OD1 . ASN A 1 89  ? 6.76305   -5.35586  13.97619  1.000 11.27986 ? 87  ASN A OD1 1 
ATOM   675  N ND2 . ASN A 1 89  ? 7.70236   -7.40863  13.73091  1.000 13.48240 ? 87  ASN A ND2 1 
ATOM   676  N N   . PHE A 1 90  ? 4.38480   -4.61644  15.94886  1.000 9.49573  ? 88  PHE A N   1 
ATOM   677  C CA  . PHE A 1 90  ? 4.17013   -3.19167  15.80359  1.000 9.88941  ? 88  PHE A CA  1 
ATOM   678  C C   . PHE A 1 90  ? 5.43630   -2.39497  16.09979  1.000 9.64161  ? 88  PHE A C   1 
ATOM   679  O O   . PHE A 1 90  ? 5.35967   -1.30384  16.66326  1.000 12.85599 ? 88  PHE A O   1 
ATOM   680  C CB  . PHE A 1 90  ? 3.00218   -2.73030  16.67668  1.000 10.51810 ? 88  PHE A CB  1 
ATOM   681  C CG  . PHE A 1 90  ? 1.70037   -3.33140  16.24483  1.000 9.31693  ? 88  PHE A CG  1 
ATOM   682  C CD1 . PHE A 1 90  ? 1.05467   -2.87343  15.07872  1.000 8.99015  ? 88  PHE A CD1 1 
ATOM   683  C CD2 . PHE A 1 90  ? 1.14717   -4.40341  16.93788  1.000 11.02126 ? 88  PHE A CD2 1 
ATOM   684  C CE1 . PHE A 1 90  ? -0.16249  -3.46684  14.67045  1.000 9.26914  ? 88  PHE A CE1 1 
ATOM   685  C CE2 . PHE A 1 90  ? -0.05718  -5.00111  16.53460  1.000 11.61772 ? 88  PHE A CE2 1 
ATOM   686  C CZ  . PHE A 1 90  ? -0.71380  -4.53152  15.39085  1.000 10.31433 ? 88  PHE A CZ  1 
ATOM   687  N N   . ILE A 1 91  ? 6.60277   -2.93819  15.70223  1.000 9.31882  ? 89  ILE A N   1 
ATOM   688  C CA  . ILE A 1 91  ? 7.88042   -2.25801  15.97934  1.000 10.46634 ? 89  ILE A CA  1 
ATOM   689  C C   . ILE A 1 91  ? 7.90228   -0.85323  15.37349  1.000 12.21787 ? 89  ILE A C   1 
ATOM   690  O O   . ILE A 1 91  ? 8.33472   0.12906   16.01357  1.000 15.85873 ? 89  ILE A O   1 
ATOM   691  C CB  . ILE A 1 91  ? 9.03179   -3.10702  15.42292  1.000 11.59466 ? 89  ILE A CB  1 
ATOM   692  C CG1 . ILE A 1 91  ? 9.16085   -4.39125  16.24164  1.000 13.14111 ? 89  ILE A CG1 1 
ATOM   693  C CG2 . ILE A 1 91  ? 10.37290  -2.28900  15.41151  1.000 14.91847 ? 89  ILE A CG2 1 
ATOM   694  C CD1 . ILE A 1 91  ? 10.08821  -5.36233  15.58278  1.000 14.34519 ? 89  ILE A CD1 1 
ATOM   695  N N   . LEU A 1 92  ? 7.44199   -0.72806  14.11757  1.000 10.06786 ? 90  LEU A N   1 
ATOM   696  C CA  . LEU A 1 92  ? 7.51897   0.52354   13.37721  1.000 10.95460 ? 90  LEU A CA  1 
ATOM   697  C C   . LEU A 1 92  ? 6.25107   1.35887   13.54449  1.000 11.22130 ? 90  LEU A C   1 
ATOM   698  O O   . LEU A 1 92  ? 5.13760   0.83645   13.69143  1.000 11.65643 ? 90  LEU A O   1 
ATOM   699  C CB  . LEU A 1 92  ? 7.78073   0.23276   11.89877  1.000 12.06626 ? 90  LEU A CB  1 
ATOM   700  C CG  . LEU A 1 92  ? 9.11733   -0.46281  11.68160  1.000 11.92335 ? 90  LEU A CG  1 
ATOM   701  C CD1 . LEU A 1 92  ? 9.17786   -0.85010  10.25741  1.000 13.63853 ? 90  LEU A CD1 1 
ATOM   702  C CD2 . LEU A 1 92  ? 10.28098  0.48372   12.08777  1.000 16.33675 ? 90  LEU A CD2 1 
ATOM   703  N N   . LYS A 1 93  ? 6.44212   2.67480   13.55240  1.000 10.96744 ? 91  LYS A N   1 
ATOM   704  C CA  . LYS A 1 93  ? 5.35677   3.60762   13.82090  1.000 11.94388 ? 91  LYS A CA  1 
ATOM   705  C C   . LYS A 1 93  ? 5.04271   4.46583   12.59451  1.000 9.83096  ? 91  LYS A C   1 
ATOM   706  O O   . LYS A 1 93  ? 5.81939   4.59269   11.62704  1.000 11.70363 ? 91  LYS A O   1 
ATOM   707  C CB  . LYS A 1 93  ? 5.68582   4.52397   15.02012  1.000 13.54490 ? 91  LYS A CB  1 
ATOM   708  C CG  . LYS A 1 93  ? 6.22678   3.77777   16.28718  1.000 16.37280 ? 91  LYS A CG  1 
ATOM   709  C CD  . LYS A 1 93  ? 5.34728   2.67087   16.77234  1.000 18.55076 ? 91  LYS A CD  1 
ATOM   710  C CE  . LYS A 1 93  ? 5.99140   2.03916   18.03638  1.000 21.07057 ? 91  LYS A CE  1 
ATOM   711  N NZ  . LYS A 1 93  ? 5.29509   0.75833   18.49216  1.000 23.35935 ? 91  LYS A NZ  1 
ATOM   712  N N   . HIS A 1 94  ? 3.89198   5.10878   12.68242  1.000 10.27916 ? 92  HIS A N   1 
ATOM   713  C CA  . HIS A 1 94  ? 3.37313   5.96552   11.61385  1.000 11.41493 ? 92  HIS A CA  1 
ATOM   714  C C   . HIS A 1 94  ? 3.93012   7.36557   11.83788  1.000 13.59047 ? 92  HIS A C   1 
ATOM   715  O O   . HIS A 1 94  ? 3.32151   8.19095   12.52882  1.000 16.18163 ? 92  HIS A O   1 
ATOM   716  C CB  . HIS A 1 94  ? 1.84818   5.98260   11.65698  1.000 11.39845 ? 92  HIS A CB  1 
ATOM   717  C CG  . HIS A 1 94  ? 1.20357   4.65170   11.37021  1.000 8.03831  ? 92  HIS A CG  1 
ATOM   718  N ND1 . HIS A 1 94  ? 1.04850   3.68421   12.33752  1.000 10.08213 ? 92  HIS A ND1 1 
ATOM   719  C CD2 . HIS A 1 94  ? 0.71958   4.11244   10.21805  1.000 10.22009 ? 92  HIS A CD2 1 
ATOM   720  C CE1 . HIS A 1 94  ? 0.47561   2.60925   11.80212  1.000 8.63842  ? 92  HIS A CE1 1 
ATOM   721  N NE2 . HIS A 1 94  ? 0.23210   2.85339   10.51444  1.000 8.87369  ? 92  HIS A NE2 1 
ATOM   722  N N   . THR A 1 95  ? 5.11324   7.60962   11.28358  1.000 11.84656 ? 93  THR A N   1 
ATOM   723  C CA  . THR A 1 95  ? 5.88654   8.79369   11.67833  1.000 14.37614 ? 93  THR A CA  1 
ATOM   724  C C   . THR A 1 95  ? 5.66214   9.98962   10.77762  1.000 14.40210 ? 93  THR A C   1 
ATOM   725  O O   . THR A 1 95  ? 6.05796   11.10407  11.15332  1.000 18.74843 ? 93  THR A O   1 
ATOM   726  C CB  . THR A 1 95  ? 7.38872   8.46658   11.70326  1.000 13.61863 ? 93  THR A CB  1 
ATOM   727  O OG1 . THR A 1 95  ? 7.76371   7.82353   10.46732  1.000 17.13624 ? 93  THR A OG1 1 
ATOM   728  C CG2 . THR A 1 95  ? 7.66892   7.52459   12.88648  1.000 14.99577 ? 93  THR A CG2 1 
ATOM   729  N N   . GLY A 1 96  ? 5.06620   9.81312   9.60210   1.000 12.02793 ? 94  GLY A N   1 
ATOM   730  C CA  . GLY A 1 96  ? 4.91125   10.93417  8.69721   1.000 14.22146 ? 94  GLY A CA  1 
ATOM   731  C C   . GLY A 1 96  ? 4.48664   10.48323  7.31132   1.000 14.39701 ? 94  GLY A C   1 
ATOM   732  O O   . GLY A 1 96  ? 4.27143   9.29299   7.04230   1.000 13.14821 ? 94  GLY A O   1 
ATOM   733  N N   . PRO A 1 97  ? 4.47072   11.42765  6.37108   1.000 12.17640 ? 95  PRO A N   1 
ATOM   734  C CA  . PRO A 1 97  ? 4.15599   11.09477  4.97703   1.000 12.75309 ? 95  PRO A CA  1 
ATOM   735  C C   . PRO A 1 97  ? 5.11467   10.04501  4.43511   1.000 12.83928 ? 95  PRO A C   1 
ATOM   736  O O   . PRO A 1 97  ? 6.32366   10.03428  4.76342   1.000 14.46303 ? 95  PRO A O   1 
ATOM   737  C CB  . PRO A 1 97  ? 4.34077   12.43582  4.24067   1.000 14.44148 ? 95  PRO A CB  1 
ATOM   738  C CG  . PRO A 1 97  ? 4.22169   13.47800  5.32341   1.000 17.66733 ? 95  PRO A CG  1 
ATOM   739  C CD  . PRO A 1 97  ? 4.68580   12.87850  6.58804   1.000 14.90421 ? 95  PRO A CD  1 
ATOM   740  N N   . GLY A 1 98  ? 4.57297   9.15980   3.59447   1.000 10.19550 ? 96  GLY A N   1 
ATOM   741  C CA  . GLY A 1 98  ? 5.37561   8.15814   2.94221   1.000 10.50594 ? 96  GLY A CA  1 
ATOM   742  C C   . GLY A 1 98  ? 5.40049   6.79462   3.63571   1.000 8.93872  ? 96  GLY A C   1 
ATOM   743  O O   . GLY A 1 98  ? 5.77532   5.81068   3.01493   1.000 9.71291  ? 96  GLY A O   1 
ATOM   744  N N   . ILE A 1 99  ? 4.92048   6.68497   4.86892   1.000 9.13019  ? 97  ILE A N   1 
ATOM   745  C CA  . ILE A 1 99  ? 4.85325   5.39945   5.53620   1.000 9.79105  ? 97  ILE A CA  1 
ATOM   746  C C   . ILE A 1 99  ? 3.85055   4.48781   4.84806   1.000 8.63391  ? 97  ILE A C   1 
ATOM   747  O O   . ILE A 1 99  ? 2.74550   4.90744   4.45733   1.000 9.78055  ? 97  ILE A O   1 
ATOM   748  C CB  . ILE A 1 99  ? 4.43617   5.66088   6.98350   1.000 10.05662 ? 97  ILE A CB  1 
ATOM   749  C CG1 . ILE A 1 99  ? 5.57437   6.34332   7.74910   1.000 11.84372 ? 97  ILE A CG1 1 
ATOM   750  C CG2 . ILE A 1 99  ? 3.97774   4.36701   7.63555   1.000 11.48817 ? 97  ILE A CG2 1 
ATOM   751  C CD1 . ILE A 1 99  ? 6.73631   5.43281   8.02617   1.000 17.27864 ? 97  ILE A CD1 1 
ATOM   752  N N   . LEU A 1 100 ? 4.25189   3.22780   4.69615   1.000 7.50251  ? 98  LEU A N   1 
ATOM   753  C CA  . LEU A 1 100 ? 3.46123   2.17669   4.07697   1.000 6.96273  ? 98  LEU A CA  1 
ATOM   754  C C   . LEU A 1 100 ? 3.03036   1.18625   5.15331   1.000 8.63904  ? 98  LEU A C   1 
ATOM   755  O O   . LEU A 1 100 ? 3.88241   0.66838   5.87588   1.000 9.79745  ? 98  LEU A O   1 
ATOM   756  C CB  . LEU A 1 100 ? 4.30892   1.47329   3.00973   1.000 10.37611 ? 98  LEU A CB  1 
ATOM   757  C CG  . LEU A 1 100 ? 3.64329   0.33801   2.25392   1.000 8.83837  ? 98  LEU A CG  1 
ATOM   758  C CD1 . LEU A 1 100 ? 2.41144   0.75231   1.39055   1.000 10.29938 ? 98  LEU A CD1 1 
ATOM   759  C CD2 . LEU A 1 100 ? 4.70546   -0.35897  1.34948   1.000 11.07522 ? 98  LEU A CD2 1 
ATOM   760  N N   . SER A 1 101 ? 1.71569   0.98063   5.29065   1.000 7.05281  ? 99  SER A N   1 
ATOM   761  C CA  . SER A 1 101 ? 1.15425   0.25337   6.42550   1.000 8.01462  ? 99  SER A CA  1 
ATOM   762  C C   . SER A 1 101 ? -0.01541  -0.61348  5.95562   1.000 8.67330  ? 99  SER A C   1 
ATOM   763  O O   . SER A 1 101 ? -0.63846  -0.34308  4.91914   1.000 7.86512  ? 99  SER A O   1 
ATOM   764  C CB  . SER A 1 101 ? 0.74304   1.27501   7.46792   1.000 9.28271  ? 99  SER A CB  1 
ATOM   765  O OG  . SER A 1 101 ? 0.24400   0.62825   8.63779   1.000 9.99422  ? 99  SER A OG  1 
ATOM   766  N N   . MET A 1 102 ? -0.31902  -1.67773  6.71431   1.000 7.18757  ? 100 MET A N   1 
ATOM   767  C CA  . MET A 1 102 ? -1.41996  -2.55981  6.35956   1.000 7.65780  ? 100 MET A CA  1 
ATOM   768  C C   . MET A 1 102 ? -2.77332  -2.01507  6.79023   1.000 8.51348  ? 100 MET A C   1 
ATOM   769  O O   . MET A 1 102 ? -2.95862  -1.61147  7.95143   1.000 9.69684  ? 100 MET A O   1 
ATOM   770  C CB  . MET A 1 102 ? -1.20131  -3.94006  6.98786   1.000 9.68540  ? 100 MET A CB  1 
ATOM   771  C CG  . MET A 1 102 ? -0.07466  -4.77085  6.35652   1.000 11.58254 ? 100 MET A CG  1 
ATOM   772  S SD  . MET A 1 102 ? -0.18818  -4.91579  4.54790   1.000 10.82608 ? 100 MET A SD  1 
ATOM   773  C CE  . MET A 1 102 ? -1.51368  -6.19479  4.31875   1.000 11.15865 ? 100 MET A CE  1 
ATOM   774  N N   . ALA A 1 103 ? -3.72631  -2.07552  5.89816   1.000 7.21627  ? 101 ALA A N   1 
ATOM   775  C CA  . ALA A 1 103 ? -5.11959  -1.82778  6.23565   1.000 8.23351  ? 101 ALA A CA  1 
ATOM   776  C C   . ALA A 1 103 ? -5.68914  -3.07344  6.93388   1.000 8.74398  ? 101 ALA A C   1 
ATOM   777  O O   . ALA A 1 103 ? -5.19358  -4.18522  6.73818   1.000 8.83754  ? 101 ALA A O   1 
ATOM   778  C CB  . ALA A 1 103 ? -5.90128  -1.46228  4.94695   1.000 8.16190  ? 101 ALA A CB  1 
ATOM   779  N N   . ASN A 1 104 ? -6.70383  -2.89883  7.79482   1.000 7.88102  ? 102 ASN A N   1 
ATOM   780  C CA  . ASN A 1 104 ? -7.29797  -4.09388  8.39315   1.000 9.45816  ? 102 ASN A CA  1 
ATOM   781  C C   . ASN A 1 104 ? -8.69107  -3.77576  8.95357   1.000 7.70311  ? 102 ASN A C   1 
ATOM   782  O O   . ASN A 1 104 ? -9.13287  -2.61718  8.97675   1.000 8.93332  ? 102 ASN A O   1 
ATOM   783  C CB  . ASN A 1 104 ? -6.35553  -4.69033  9.48551   1.000 8.44094  ? 102 ASN A CB  1 
ATOM   784  C CG  . ASN A 1 104 ? -6.24604  -3.76451  10.70177  1.000 9.41783  ? 102 ASN A CG  1 
ATOM   785  O OD1 . ASN A 1 104 ? -7.28657  -3.36610  11.27504  1.000 9.13633  ? 102 ASN A OD1 1 
ATOM   786  N ND2 . ASN A 1 104 ? -5.03688  -3.40443  11.08714  1.000 8.81280  ? 102 ASN A ND2 1 
ATOM   787  N N   . ALA A 1 105 ? -9.38106  -4.83081  9.38645   1.000 8.97318  ? 103 ALA A N   1 
ATOM   788  C CA  . ALA A 1 105 ? -10.75584 -4.70707  9.88841   1.000 8.27954  ? 103 ALA A CA  1 
ATOM   789  C C   . ALA A 1 105 ? -10.85813 -5.22403  11.30589  1.000 11.81879 ? 103 ALA A C   1 
ATOM   790  O O   . ALA A 1 105 ? -11.93771 -5.64510  11.73149  1.000 16.11945 ? 103 ALA A O   1 
ATOM   791  C CB  . ALA A 1 105 ? -11.69734 -5.50501  8.98584   1.000 11.45515 ? 103 ALA A CB  1 
ATOM   792  N N   . GLY A 1 106 ? -9.76843  -5.17562  12.05023  1.000 9.93993  ? 104 GLY A N   1 
ATOM   793  C CA  . GLY A 1 106 ? -9.73018  -5.73413  13.39727  1.000 9.13135  ? 104 GLY A CA  1 
ATOM   794  C C   . GLY A 1 106 ? -8.39430  -6.42096  13.60274  1.000 11.39309 ? 104 GLY A C   1 
ATOM   795  O O   . GLY A 1 106 ? -7.57067  -6.53689  12.68598  1.000 9.83194  ? 104 GLY A O   1 
ATOM   796  N N   . PRO A 1 107 ? -8.15175  -6.92389  14.80234  1.000 9.49038  ? 105 PRO A N   1 
ATOM   797  C CA  . PRO A 1 107 ? -6.90177  -7.65485  15.05897  1.000 7.85957  ? 105 PRO A CA  1 
ATOM   798  C C   . PRO A 1 107 ? -6.72178  -8.85822  14.14181  1.000 9.52917  ? 105 PRO A C   1 
ATOM   799  O O   . PRO A 1 107 ? -7.65498  -9.64946  13.91803  1.000 9.93910  ? 105 PRO A O   1 
ATOM   800  C CB  . PRO A 1 107 ? -7.02008  -8.08875  16.52799  1.000 11.65729 ? 105 PRO A CB  1 
ATOM   801  C CG  . PRO A 1 107 ? -8.42916  -7.87265  16.88866  1.000 16.50305 ? 105 PRO A CG  1 
ATOM   802  C CD  . PRO A 1 107 ? -9.04665  -6.85841  15.97519  1.000 10.40852 ? 105 PRO A CD  1 
ATOM   803  N N   . ASN A 1 108 ? -5.48175  -9.01070  13.64546  1.000 7.77552  ? 106 ASN A N   1 
ATOM   804  C CA  . ASN A 1 108 ? -5.09061  -10.20316 12.89756  1.000 6.56877  ? 106 ASN A CA  1 
ATOM   805  C C   . ASN A 1 108 ? -5.97859  -10.46493 11.68311  1.000 8.56275  ? 106 ASN A C   1 
ATOM   806  O O   . ASN A 1 108 ? -6.41383  -11.59450 11.43518  1.000 10.48738 ? 106 ASN A O   1 
ATOM   807  C CB  . ASN A 1 108 ? -5.07232  -11.39537 13.85160  1.000 10.19752 ? 106 ASN A CB  1 
ATOM   808  C CG  . ASN A 1 108 ? -4.15525  -11.11652 15.00142  1.000 8.62643  ? 106 ASN A CG  1 
ATOM   809  O OD1 . ASN A 1 108 ? -2.98436  -10.85430 14.82460  1.000 9.62743  ? 106 ASN A OD1 1 
ATOM   810  N ND2 . ASN A 1 108 ? -4.69203  -11.19153 16.24250  1.000 9.21550  ? 106 ASN A ND2 1 
ATOM   811  N N   . THR A 1 109 ? -6.21476  -9.38326  10.90390  1.000 8.51614  ? 107 THR A N   1 
ATOM   812  C CA  . THR A 1 109 ? -7.04064  -9.49067  9.70094   1.000 9.48021  ? 107 THR A CA  1 
ATOM   813  C C   . THR A 1 109 ? -6.32937  -8.89826  8.49683   1.000 10.36966 ? 107 THR A C   1 
ATOM   814  O O   . THR A 1 109 ? -6.98889  -8.44161  7.57310   1.000 12.92397 ? 107 THR A O   1 
ATOM   815  C CB  . THR A 1 109 ? -8.40881  -8.82727  9.83924   1.000 10.29778 ? 107 THR A CB  1 
ATOM   816  O OG1 . THR A 1 109 ? -8.25647  -7.43200  10.11127  1.000 10.58698 ? 107 THR A OG1 1 
ATOM   817  C CG2 . THR A 1 109 ? -9.21808  -9.45220  10.96040  1.000 11.72153 ? 107 THR A CG2 1 
ATOM   818  N N   . ASN A 1 110 ? -5.01726  -8.91934  8.46248   1.000 7.67439  ? 108 ASN A N   1 
ATOM   819  C CA  . ASN A 1 110 ? -4.30781  -8.39253  7.28205   1.000 8.12399  ? 108 ASN A CA  1 
ATOM   820  C C   . ASN A 1 110 ? -4.58402  -9.24641  6.05699   1.000 9.25763  ? 108 ASN A C   1 
ATOM   821  O O   . ASN A 1 110 ? -4.62263  -10.47088 6.12275   1.000 9.76981  ? 108 ASN A O   1 
ATOM   822  C CB  . ASN A 1 110 ? -2.79849  -8.40591  7.54933   1.000 9.24486  ? 108 ASN A CB  1 
ATOM   823  C CG  . ASN A 1 110 ? -2.45722  -7.53582  8.70500   1.000 9.10548  ? 108 ASN A CG  1 
ATOM   824  O OD1 . ASN A 1 110 ? -2.57479  -6.32920  8.62478   1.000 11.35566 ? 108 ASN A OD1 1 
ATOM   825  N ND2 . ASN A 1 110 ? -2.17563  -8.16785  9.85895   1.000 10.52666 ? 108 ASN A ND2 1 
ATOM   826  N N   . GLY A 1 111 ? -4.72681  -8.59849  4.90446   1.000 8.73129  ? 109 GLY A N   1 
ATOM   827  C CA  . GLY A 1 111 ? -4.97764  -9.26913  3.61762   1.000 8.31531  ? 109 GLY A CA  1 
ATOM   828  C C   . GLY A 1 111 ? -3.99406  -8.73229  2.59283   1.000 7.57897  ? 109 GLY A C   1 
ATOM   829  O O   . GLY A 1 111 ? -2.77857  -8.99751  2.65966   1.000 10.10484 ? 109 GLY A O   1 
ATOM   830  N N   . SER A 1 112 ? -4.54067  -8.01065  1.61964   1.000 8.51521  ? 110 SER A N   1 
ATOM   831  C CA  . SER A 1 112 ? -3.72096  -7.33732  0.62938   1.000 7.41894  ? 110 SER A CA  1 
ATOM   832  C C   . SER A 1 112 ? -3.86132  -5.81777  0.68750   1.000 7.13147  ? 110 SER A C   1 
ATOM   833  O O   . SER A 1 112 ? -2.95933  -5.10170  0.18736   1.000 8.33347  ? 110 SER A O   1 
ATOM   834  C CB  . SER A 1 112 ? -4.10218  -7.83316  -0.76995  1.000 9.63634  ? 110 SER A CB  1 
ATOM   835  O OG  . SER A 1 112 ? -5.48912  -7.58965  -0.98289  1.000 9.79971  ? 110 SER A OG  1 
ATOM   836  N N   . GLN A 1 113 ? -4.89933  -5.28924  1.35994   1.000 7.39842  ? 111 GLN A N   1 
ATOM   837  C CA  . GLN A 1 113 ? -5.04328  -3.84511  1.35435   1.000 7.87068  ? 111 GLN A CA  1 
ATOM   838  C C   . GLN A 1 113 ? -3.99024  -3.15214  2.21654   1.000 6.69602  ? 111 GLN A C   1 
ATOM   839  O O   . GLN A 1 113 ? -3.56004  -3.65397  3.26199   1.000 7.63036  ? 111 GLN A O   1 
ATOM   840  C CB  . GLN A 1 113 ? -6.44026  -3.43096  1.81434   1.000 7.18684  ? 111 GLN A CB  1 
ATOM   841  C CG  . GLN A 1 113 ? -7.55538  -3.72108  0.75760   1.000 8.86813  ? 111 GLN A CG  1 
ATOM   842  C CD  . GLN A 1 113 ? -8.86650  -3.17169  1.23901   1.000 8.12458  ? 111 GLN A CD  1 
ATOM   843  O OE1 . GLN A 1 113 ? -8.96437  -1.96538  1.49649   1.000 10.99556 ? 111 GLN A OE1 1 
ATOM   844  N NE2 . GLN A 1 113 ? -9.86952  -4.02402  1.38217   1.000 9.28039  ? 111 GLN A NE2 1 
ATOM   845  N N   . PHE A 1 114 ? -3.59276  -1.98639  1.74474   1.000 6.92431  ? 112 PHE A N   1 
ATOM   846  C CA  . PHE A 1 114 ? -2.51039  -1.20365  2.36152   1.000 7.60172  ? 112 PHE A CA  1 
ATOM   847  C C   . PHE A 1 114 ? -2.86456  0.26623   2.23961   1.000 7.88527  ? 112 PHE A C   1 
ATOM   848  O O   . PHE A 1 114 ? -3.73108  0.66327   1.44382   1.000 7.72888  ? 112 PHE A O   1 
ATOM   849  C CB  . PHE A 1 114 ? -1.16808  -1.49384  1.64927   1.000 8.12907  ? 112 PHE A CB  1 
ATOM   850  C CG  . PHE A 1 114 ? -1.17344  -1.10285  0.20884   1.000 6.58498  ? 112 PHE A CG  1 
ATOM   851  C CD1 . PHE A 1 114 ? -0.85587  0.20296   -0.14975  1.000 7.44725  ? 112 PHE A CD1 1 
ATOM   852  C CD2 . PHE A 1 114 ? -1.65567  -1.99798  -0.76157  1.000 7.92245  ? 112 PHE A CD2 1 
ATOM   853  C CE1 . PHE A 1 114 ? -0.94839  0.60853   -1.47279  1.000 8.90364  ? 112 PHE A CE1 1 
ATOM   854  C CE2 . PHE A 1 114 ? -1.74261  -1.58391  -2.09619  1.000 8.25360  ? 112 PHE A CE2 1 
ATOM   855  C CZ  . PHE A 1 114 ? -1.40166  -0.28625  -2.45773  1.000 9.42906  ? 112 PHE A CZ  1 
ATOM   856  N N   . PHE A 1 115 ? -2.11444  1.11028   2.93897   1.000 7.30623  ? 113 PHE A N   1 
ATOM   857  C CA  . PHE A 1 115 ? -2.24600  2.54940   2.72963   1.000 7.11816  ? 113 PHE A CA  1 
ATOM   858  C C   . PHE A 1 115 ? -0.88068  3.22180   2.79523   1.000 6.70404  ? 113 PHE A C   1 
ATOM   859  O O   . PHE A 1 115 ? 0.08762   2.72827   3.41253   1.000 7.76782  ? 113 PHE A O   1 
ATOM   860  C CB  . PHE A 1 115 ? -3.25203  3.20707   3.72258   1.000 7.64042  ? 113 PHE A CB  1 
ATOM   861  C CG  . PHE A 1 115 ? -2.87838  3.05673   5.19275   1.000 7.09530  ? 113 PHE A CG  1 
ATOM   862  C CD1 . PHE A 1 115 ? -3.07170  1.84195   5.84952   1.000 7.61755  ? 113 PHE A CD1 1 
ATOM   863  C CD2 . PHE A 1 115 ? -2.36799  4.14233   5.90302   1.000 8.88982  ? 113 PHE A CD2 1 
ATOM   864  C CE1 . PHE A 1 115 ? -2.76186  1.72770   7.22956   1.000 9.66372  ? 113 PHE A CE1 1 
ATOM   865  C CE2 . PHE A 1 115 ? -2.05698  4.02482   7.27461   1.000 8.73935  ? 113 PHE A CE2 1 
ATOM   866  C CZ  . PHE A 1 115 ? -2.26806  2.84507   7.91554   1.000 9.97812  ? 113 PHE A CZ  1 
ATOM   867  N N   . ILE A 1 116 ? -0.81508  4.34266   2.09177   1.000 8.07954  ? 114 ILE A N   1 
ATOM   868  C CA  . ILE A 1 116 ? 0.36908   5.20018   2.06170   1.000 7.70969  ? 114 ILE A CA  1 
ATOM   869  C C   . ILE A 1 116 ? -0.00237  6.46996   2.78751   1.000 8.83453  ? 114 ILE A C   1 
ATOM   870  O O   . ILE A 1 116 ? -0.92903  7.17656   2.36998   1.000 10.35801 ? 114 ILE A O   1 
ATOM   871  C CB  . ILE A 1 116 ? 0.78406   5.53850   0.61963   1.000 9.05438  ? 114 ILE A CB  1 
ATOM   872  C CG1 . ILE A 1 116 ? 1.02998   4.27777   -0.19815  1.000 9.22481  ? 114 ILE A CG1 1 
ATOM   873  C CG2 . ILE A 1 116 ? 2.06069   6.37644   0.65671   1.000 11.56887 ? 114 ILE A CG2 1 
ATOM   874  C CD1 . ILE A 1 116 ? 1.14937   4.55008   -1.72417  1.000 10.41105 ? 114 ILE A CD1 1 
ATOM   875  N N   . CYS A 1 117 ? 0.67951   6.75388   3.88678   1.000 9.32511  ? 115 CYS A N   1 
ATOM   876  C CA  . CYS A 1 117 ? 0.37227   7.98113   4.61946   1.000 9.14677  ? 115 CYS A CA  1 
ATOM   877  C C   . CYS A 1 117 ? 0.77940   9.22663   3.86405   1.000 10.84286 ? 115 CYS A C   1 
ATOM   878  O O   . CYS A 1 117 ? 1.84338   9.27708   3.23418   1.000 11.01893 ? 115 CYS A O   1 
ATOM   879  C CB  . CYS A 1 117 ? 1.08299   7.96434   5.94385   1.000 9.26989  ? 115 CYS A CB  1 
ATOM   880  S SG  . CYS A 1 117 ? 0.57643   6.60924   7.01338   1.000 13.06327 ? 115 CYS A SG  1 
ATOM   881  N N   . THR A 1 118 ? -0.05610  10.25999  3.96348   1.000 10.61335 ? 116 THR A N   1 
ATOM   882  C CA  . THR A 1 118 ? 0.33318   11.57239  3.46129   1.000 12.14040 ? 116 THR A CA  1 
ATOM   883  C C   . THR A 1 118 ? 0.32486   12.57694  4.58817   1.000 13.64140 ? 116 THR A C   1 
ATOM   884  O O   . THR A 1 118 ? 0.40906   13.78214  4.33936   1.000 20.74403 ? 116 THR A O   1 
ATOM   885  C CB  . THR A 1 118 ? -0.55545  12.00654  2.29616   1.000 12.86030 ? 116 THR A CB  1 
ATOM   886  O OG1 . THR A 1 118 ? -1.93424  11.93766  2.66985   1.000 13.76718 ? 116 THR A OG1 1 
ATOM   887  C CG2 . THR A 1 118 ? -0.40744  11.04574  1.08130   1.000 15.00816 ? 116 THR A CG2 1 
ATOM   888  N N   . ALA A 1 119 ? 0.30565   12.09518  5.81546   1.000 12.41333 ? 117 ALA A N   1 
ATOM   889  C CA  . ALA A 1 119 ? 0.39933   12.88077  7.04428   1.000 13.51279 ? 117 ALA A CA  1 
ATOM   890  C C   . ALA A 1 119 ? 0.92799   11.93669  8.12201   1.000 12.28913 ? 117 ALA A C   1 
ATOM   891  O O   . ALA A 1 119 ? 0.94632   10.70752  7.94838   1.000 13.47239 ? 117 ALA A O   1 
ATOM   892  C CB  . ALA A 1 119 ? -0.97721  13.44261  7.42705   1.000 15.09609 ? 117 ALA A CB  1 
ATOM   893  N N   . LYS A 1 120 ? 1.33708   12.48896  9.25632   1.000 13.32587 ? 118 LYS A N   1 
ATOM   894  C CA  . LYS A 1 120 ? 1.61105   11.66391  10.42490  1.000 12.47818 ? 118 LYS A CA  1 
ATOM   895  C C   . LYS A 1 120 ? 0.29525   11.11635  10.97576  1.000 13.11762 ? 118 LYS A C   1 
ATOM   896  O O   . LYS A 1 120 ? -0.64194  11.87496  11.21486  1.000 15.35829 ? 118 LYS A O   1 
ATOM   897  C CB  . LYS A 1 120 ? 2.32107   12.49550  11.49422  1.000 13.73593 ? 118 LYS A CB  1 
ATOM   898  C CG  . LYS A 1 120 ? 2.70770   11.71273  12.72804  1.000 15.19277 ? 118 LYS A CG  1 
ATOM   899  C CD  . LYS A 1 120 ? 3.59358   12.53299  13.67320  1.000 19.36576 ? 118 LYS A CD  1 
ATOM   900  C CE  . LYS A 1 120 ? 3.91175   11.76890  14.92676  1.000 29.17085 ? 118 LYS A CE  1 
ATOM   901  N NZ  . LYS A 1 120 ? 4.78715   12.53554  15.88153  1.000 37.63903 ? 118 LYS A NZ  1 
ATOM   902  N N   . THR A 1 121 ? 0.18768   9.78920   11.11154  1.000 11.60928 ? 119 THR A N   1 
ATOM   903  C CA  . THR A 1 121 ? -1.07629  9.18495   11.56876  1.000 10.71323 ? 119 THR A CA  1 
ATOM   904  C C   . THR A 1 121 ? -0.79577  8.37289   12.83275  1.000 12.24016 ? 119 THR A C   1 
ATOM   905  O O   . THR A 1 121 ? -1.02677  7.15773   12.90306  1.000 11.24048 ? 119 THR A O   1 
ATOM   906  C CB  . THR A 1 121 ? -1.72049  8.31080   10.48207  1.000 11.00906 ? 119 THR A CB  1 
ATOM   907  O OG1 . THR A 1 121 ? -0.82722  7.25515   10.12272  1.000 12.68013 ? 119 THR A OG1 1 
ATOM   908  C CG2 . THR A 1 121 ? -2.01784  9.14292   9.18462   1.000 11.52373 ? 119 THR A CG2 1 
ATOM   909  N N   . GLU A 1 122 ? -0.32019  9.05543   13.85785  1.000 13.01132 ? 120 GLU A N   1 
ATOM   910  C CA  . GLU A 1 122 ? 0.19216   8.33458   15.02821  1.000 12.71084 ? 120 GLU A CA  1 
ATOM   911  C C   . GLU A 1 122 ? -0.87963  7.57000   15.79818  1.000 11.19391 ? 120 GLU A C   1 
ATOM   912  O O   . GLU A 1 122 ? -0.54456  6.61538   16.53173  1.000 11.97997 ? 120 GLU A O   1 
ATOM   913  C CB  . GLU A 1 122 ? 0.95066   9.32265   15.92880  1.000 15.31514 ? 120 GLU A CB  1 
ATOM   914  C CG  . GLU A 1 122 ? 0.08466   10.30289  16.72884  1.000 17.40185 ? 120 GLU A CG  1 
ATOM   915  C CD  . GLU A 1 122 ? -0.49077  11.51007  15.94359  1.000 24.88378 ? 120 GLU A CD  1 
ATOM   916  O OE1 . GLU A 1 122 ? -0.14344  11.78540  14.75746  1.000 20.03502 ? 120 GLU A OE1 1 
ATOM   917  O OE2 . GLU A 1 122 ? -1.33604  12.21932  16.58793  1.000 33.65269 ? 120 GLU A OE2 1 
ATOM   918  N N   . TRP A 1 123 ? -2.15277  7.96282   15.69252  1.000 10.78471 ? 121 TRP A N   1 
ATOM   919  C CA  . TRP A 1 123 ? -3.21904  7.21707   16.35956  1.000 9.79999  ? 121 TRP A CA  1 
ATOM   920  C C   . TRP A 1 123 ? -3.41735  5.81239   15.81407  1.000 9.42367  ? 121 TRP A C   1 
ATOM   921  O O   . TRP A 1 123 ? -4.14813  5.00903   16.42197  1.000 12.75613 ? 121 TRP A O   1 
ATOM   922  C CB  . TRP A 1 123 ? -4.53823  7.99478   16.27588  1.000 10.32114 ? 121 TRP A CB  1 
ATOM   923  C CG  . TRP A 1 123 ? -5.00215  8.18768   14.87667  1.000 10.72792 ? 121 TRP A CG  1 
ATOM   924  C CD1 . TRP A 1 123 ? -5.79942  7.33935   14.17503  1.000 12.18210 ? 121 TRP A CD1 1 
ATOM   925  C CD2 . TRP A 1 123 ? -4.64168  9.23436   13.99540  1.000 12.42361 ? 121 TRP A CD2 1 
ATOM   926  N NE1 . TRP A 1 123 ? -5.99580  7.79823   12.90670  1.000 14.23841 ? 121 TRP A NE1 1 
ATOM   927  C CE2 . TRP A 1 123 ? -5.29988  8.96872   12.76124  1.000 11.68427 ? 121 TRP A CE2 1 
ATOM   928  C CE3 . TRP A 1 123 ? -3.87253  10.40606  14.12547  1.000 13.63648 ? 121 TRP A CE3 1 
ATOM   929  C CZ2 . TRP A 1 123 ? -5.16710  9.82890   11.66268  1.000 14.63926 ? 121 TRP A CZ2 1 
ATOM   930  C CZ3 . TRP A 1 123 ? -3.74612  11.24225  13.03326  1.000 14.45532 ? 121 TRP A CZ3 1 
ATOM   931  C CH2 . TRP A 1 123 ? -4.39837  10.93938  11.82340  1.000 13.82447 ? 121 TRP A CH2 1 
ATOM   932  N N   . LEU A 1 124 ? -2.74765  5.47402   14.69481  1.000 9.05383  ? 122 LEU A N   1 
ATOM   933  C CA  . LEU A 1 124 ? -2.80172  4.13030   14.15732  1.000 9.08208  ? 122 LEU A CA  1 
ATOM   934  C C   . LEU A 1 124 ? -1.65519  3.26929   14.67704  1.000 9.23759  ? 122 LEU A C   1 
ATOM   935  O O   . LEU A 1 124 ? -1.63665  2.05466   14.42145  1.000 10.32882 ? 122 LEU A O   1 
ATOM   936  C CB  . LEU A 1 124 ? -2.77405  4.16773   12.61892  1.000 10.01606 ? 122 LEU A CB  1 
ATOM   937  C CG  . LEU A 1 124 ? -3.92826  4.97822   12.00110  1.000 9.53347  ? 122 LEU A CG  1 
ATOM   938  C CD1 . LEU A 1 124 ? -3.73980  4.98965   10.49912  1.000 11.79233 ? 122 LEU A CD1 1 
ATOM   939  C CD2 . LEU A 1 124 ? -5.29195  4.38362   12.31100  1.000 12.57308 ? 122 LEU A CD2 1 
ATOM   940  N N   . ASP A 1 125 ? -0.72454  3.85632   15.45115  1.000 9.10751  ? 123 ASP A N   1 
ATOM   941  C CA  . ASP A 1 125 ? 0.38559   3.07208   15.97325  1.000 9.49013  ? 123 ASP A CA  1 
ATOM   942  C C   . ASP A 1 125 ? -0.12267  1.93317   16.84916  1.000 9.90238  ? 123 ASP A C   1 
ATOM   943  O O   . ASP A 1 125 ? -1.00711  2.12655   17.70690  1.000 11.98728 ? 123 ASP A O   1 
ATOM   944  C CB  . ASP A 1 125 ? 1.28428   3.97455   16.81433  1.000 10.09042 ? 123 ASP A CB  1 
ATOM   945  C CG  . ASP A 1 125 ? 2.10695   4.92698   15.98217  1.000 12.73290 ? 123 ASP A CG  1 
ATOM   946  O OD1 . ASP A 1 125 ? 2.08946   4.82790   14.72036  1.000 12.58844 ? 123 ASP A OD1 1 
ATOM   947  O OD2 . ASP A 1 125 ? 2.77228   5.80447   16.63729  1.000 14.29964 ? 123 ASP A OD2 1 
ATOM   948  N N   . GLY A 1 126 ? 0.42747   0.75355   16.65163  1.000 9.62548  ? 124 GLY A N   1 
ATOM   949  C CA  . GLY A 1 126 ? 0.02737   -0.37109  17.46929  1.000 9.55272  ? 124 GLY A CA  1 
ATOM   950  C C   . GLY A 1 126 ? -1.24117  -1.05921  17.04787  1.000 9.05041  ? 124 GLY A C   1 
ATOM   951  O O   . GLY A 1 126 ? -1.62902  -2.05704  17.67244  1.000 10.52470 ? 124 GLY A O   1 
ATOM   952  N N   . LYS A 1 127 ? -1.89668  -0.57917  15.99739  1.000 7.42453  ? 125 LYS A N   1 
ATOM   953  C CA  . LYS A 1 127 ? -3.00310  -1.33156  15.46091  1.000 10.43831 ? 125 LYS A CA  1 
ATOM   954  C C   . LYS A 1 127 ? -2.94606  -1.57132  13.96373  1.000 8.31097  ? 125 LYS A C   1 
ATOM   955  O O   . LYS A 1 127 ? -3.60279  -2.52584  13.50304  1.000 9.70066  ? 125 LYS A O   1 
ATOM   956  C CB  . LYS A 1 127 ? -4.32517  -0.72048  15.86437  1.000 23.67004 ? 125 LYS A CB  1 
ATOM   957  C CG  . LYS A 1 127 ? -4.66085  0.51085   15.33235  1.000 17.88303 ? 125 LYS A CG  1 
ATOM   958  C CD  . LYS A 1 127 ? -6.25081  0.67083   15.54072  1.000 22.42918 ? 125 LYS A CD  1 
ATOM   959  C CE  . LYS A 1 127 ? -6.64318  2.03140   15.01267  1.000 26.21954 ? 125 LYS A CE  1 
ATOM   960  N NZ  . LYS A 1 127 ? -7.92060  2.57566   15.60213  1.000 23.97785 ? 125 LYS A NZ  1 
ATOM   961  N N   . HIS A 1 128 ? -2.15172  -0.81807  13.21176  1.000 8.27807  ? 126 HIS A N   1 
ATOM   962  C CA  . HIS A 1 128 ? -1.83626  -1.17493  11.83032  1.000 7.39437  ? 126 HIS A CA  1 
ATOM   963  C C   . HIS A 1 128 ? -0.34759  -1.44239  11.72480  1.000 6.11764  ? 126 HIS A C   1 
ATOM   964  O O   . HIS A 1 128 ? 0.47129   -0.67150  12.25545  1.000 8.76317  ? 126 HIS A O   1 
ATOM   965  C CB  . HIS A 1 128 ? -2.23887  -0.03040  10.87674  1.000 7.53209  ? 126 HIS A CB  1 
ATOM   966  C CG  . HIS A 1 128 ? -3.71144  0.21215   10.84907  1.000 6.29429  ? 126 HIS A CG  1 
ATOM   967  N ND1 . HIS A 1 128 ? -4.52947  -0.33120  9.88560   1.000 8.53292  ? 126 HIS A ND1 1 
ATOM   968  C CD2 . HIS A 1 128 ? -4.54261  0.83472   11.74203  1.000 7.78213  ? 126 HIS A CD2 1 
ATOM   969  C CE1 . HIS A 1 128 ? -5.79245  -0.01238  10.14724  1.000 8.21179  ? 126 HIS A CE1 1 
ATOM   970  N NE2 . HIS A 1 128 ? -5.83346  0.71345   11.25211  1.000 10.13123 ? 126 HIS A NE2 1 
ATOM   971  N N   . VAL A 1 129 ? 0.01027   -2.52073  11.03038  1.000 8.27794  ? 127 VAL A N   1 
ATOM   972  C CA  . VAL A 1 129 ? 1.41534   -2.93049  10.92296  1.000 8.45853  ? 127 VAL A CA  1 
ATOM   973  C C   . VAL A 1 129 ? 2.09595   -2.08052  9.84269   1.000 7.29995  ? 127 VAL A C   1 
ATOM   974  O O   . VAL A 1 129 ? 1.82000   -2.20419  8.63989   1.000 8.42165  ? 127 VAL A O   1 
ATOM   975  C CB  . VAL A 1 129 ? 1.54567   -4.42565  10.61160  1.000 7.31536  ? 127 VAL A CB  1 
ATOM   976  C CG1 . VAL A 1 129 ? 3.01002   -4.82763  10.40004  1.000 8.96209  ? 127 VAL A CG1 1 
ATOM   977  C CG2 . VAL A 1 129 ? 0.92149   -5.28451  11.73662  1.000 7.92957  ? 127 VAL A CG2 1 
ATOM   978  N N   . VAL A 1 130 ? 3.05245   -1.27635  10.27044  1.000 8.35144  ? 128 VAL A N   1 
ATOM   979  C CA  . VAL A 1 130 ? 3.93602   -0.53343  9.35745   1.000 7.99163  ? 128 VAL A CA  1 
ATOM   980  C C   . VAL A 1 130 ? 5.02231   -1.45155  8.81753   1.000 8.23064  ? 128 VAL A C   1 
ATOM   981  O O   . VAL A 1 130 ? 5.69133   -2.13428  9.59801   1.000 9.72971  ? 128 VAL A O   1 
ATOM   982  C CB  . VAL A 1 130 ? 4.56735   0.64973   10.08792  1.000 7.46842  ? 128 VAL A CB  1 
ATOM   983  C CG1 . VAL A 1 130 ? 5.60353   1.34646   9.15848   1.000 8.38128  ? 128 VAL A CG1 1 
ATOM   984  C CG2 . VAL A 1 130 ? 3.48449   1.63286   10.51448  1.000 9.88095  ? 128 VAL A CG2 1 
ATOM   985  N N   . PHE A 1 131 ? 5.23072   -1.45271  7.49247   1.000 7.66233  ? 129 PHE A N   1 
ATOM   986  C CA  . PHE A 1 131 ? 6.18258   -2.40594  6.92830   1.000 8.12271  ? 129 PHE A CA  1 
ATOM   987  C C   . PHE A 1 131 ? 7.00513   -1.82031  5.79559   1.000 9.39159  ? 129 PHE A C   1 
ATOM   988  O O   . PHE A 1 131 ? 7.79554   -2.56062  5.20666   1.000 10.17030 ? 129 PHE A O   1 
ATOM   989  C CB  . PHE A 1 131 ? 5.46050   -3.69057  6.43695   1.000 8.50723  ? 129 PHE A CB  1 
ATOM   990  C CG  . PHE A 1 131 ? 4.51359   -3.43896  5.30736   1.000 7.83761  ? 129 PHE A CG  1 
ATOM   991  C CD1 . PHE A 1 131 ? 3.21331   -2.97882  5.51626   1.000 9.32503  ? 129 PHE A CD1 1 
ATOM   992  C CD2 . PHE A 1 131 ? 4.94500   -3.61099  3.98524   1.000 8.18419  ? 129 PHE A CD2 1 
ATOM   993  C CE1 . PHE A 1 131 ? 2.33697   -2.71768  4.45291   1.000 9.03404  ? 129 PHE A CE1 1 
ATOM   994  C CE2 . PHE A 1 131 ? 4.07677   -3.38158  2.91362   1.000 9.75970  ? 129 PHE A CE2 1 
ATOM   995  C CZ  . PHE A 1 131 ? 2.75180   -2.92999  3.12255   1.000 8.32294  ? 129 PHE A CZ  1 
ATOM   996  N N   . GLY A 1 132 ? 6.86861   -0.54354  5.48000   1.000 8.22805  ? 130 GLY A N   1 
ATOM   997  C CA  . GLY A 1 132 ? 7.71287   0.04706   4.43793   1.000 8.70813  ? 130 GLY A CA  1 
ATOM   998  C C   . GLY A 1 132 ? 7.57430   1.53661   4.40456   1.000 9.64568  ? 130 GLY A C   1 
ATOM   999  O O   . GLY A 1 132 ? 6.90191   2.14822   5.23620   1.000 9.71258  ? 130 GLY A O   1 
ATOM   1000 N N   . LYS A 1 133 ? 8.25802   2.13892   3.43452   1.000 9.45238  ? 131 LYS A N   1 
ATOM   1001 C CA  . LYS A 1 133 ? 8.21066   3.58021   3.23770   1.000 10.71361 ? 131 LYS A CA  1 
ATOM   1002 C C   . LYS A 1 133 ? 8.47374   3.87994   1.76301   1.000 10.35572 ? 131 LYS A C   1 
ATOM   1003 O O   . LYS A 1 133 ? 9.24036   3.16285   1.08758   1.000 11.92701 ? 131 LYS A O   1 
ATOM   1004 C CB  . LYS A 1 133 ? 9.22405   4.34234   4.12230   1.000 11.49255 ? 131 LYS A CB  1 
ATOM   1005 C CG  . LYS A 1 133 ? 10.66349  4.03148   3.70425   1.000 18.24966 ? 131 LYS A CG  1 
ATOM   1006 N N   . VAL A 1 134 ? 7.86971   4.96177   1.28420   1.000 9.21437  ? 132 VAL A N   1 
ATOM   1007 C CA  . VAL A 1 134 ? 8.18551   5.48110   -0.03394  1.000 8.28534  ? 132 VAL A CA  1 
ATOM   1008 C C   . VAL A 1 134 ? 9.67173   5.82809   -0.06636  1.000 10.01251 ? 132 VAL A C   1 
ATOM   1009 O O   . VAL A 1 134 ? 10.19548  6.50504   0.83507   1.000 13.08778 ? 132 VAL A O   1 
ATOM   1010 C CB  . VAL A 1 134 ? 7.31322   6.70142   -0.36074  1.000 9.59407  ? 132 VAL A CB  1 
ATOM   1011 C CG1 . VAL A 1 134 ? 7.80400   7.34169   -1.67098  1.000 10.09314 ? 132 VAL A CG1 1 
ATOM   1012 C CG2 . VAL A 1 134 ? 5.82942   6.29925   -0.49697  1.000 11.76042 ? 132 VAL A CG2 1 
ATOM   1013 N N   . LYS A 1 135 ? 10.34937  5.35647   -1.11826  1.000 10.52310 ? 133 LYS A N   1 
ATOM   1014 C CA  . LYS A 1 135 ? 11.76234  5.62360   -1.37024  1.000 12.46348 ? 133 LYS A CA  1 
ATOM   1015 C C   . LYS A 1 135 ? 11.93854  6.72688   -2.40529  1.000 13.87612 ? 133 LYS A C   1 
ATOM   1016 O O   . LYS A 1 135 ? 12.59986  7.72631   -2.15552  1.000 21.25774 ? 133 LYS A O   1 
ATOM   1017 C CB  . LYS A 1 135 ? 12.42643  4.29574   -1.83782  1.000 15.63290 ? 133 LYS A CB  1 
ATOM   1018 C CG  . LYS A 1 135 ? 13.90687  4.34434   -2.16435  1.000 25.45165 ? 133 LYS A CG  1 
ATOM   1019 N N   . GLU A 1 136 ? 11.34729  6.56430   -3.56982  1.000 13.18075 ? 134 GLU A N   1 
ATOM   1020 C CA  . GLU A 1 136 ? 11.30820  7.60641   -4.58440  1.000 11.06729 ? 134 GLU A CA  1 
ATOM   1021 C C   . GLU A 1 136 ? 9.86856   7.79005   -5.02463  1.000 9.19878  ? 134 GLU A C   1 
ATOM   1022 O O   . GLU A 1 136 ? 9.05483   6.86817   -4.92414  1.000 11.27276 ? 134 GLU A O   1 
ATOM   1023 C CB  . GLU A 1 136 ? 12.18250  7.21563   -5.77813  1.000 15.11264 ? 134 GLU A CB  1 
ATOM   1024 C CG  . GLU A 1 136 ? 13.67989  7.26348   -5.39086  1.000 19.50707 ? 134 GLU A CG  1 
ATOM   1025 C CD  . GLU A 1 136 ? 14.61808  7.01021   -6.56275  1.000 25.42859 ? 134 GLU A CD  1 
ATOM   1026 O OE1 . GLU A 1 136 ? 15.23987  7.97938   -7.10340  1.000 27.49694 ? 134 GLU A OE1 1 
ATOM   1027 O OE2 . GLU A 1 136 ? 14.73528  5.83313   -6.96340  1.000 23.33605 ? 134 GLU A OE2 1 
ATOM   1028 N N   . GLY A 1 137 ? 9.54796   8.98887   -5.51241  1.000 11.82150 ? 135 GLY A N   1 
ATOM   1029 C CA  . GLY A 1 137 ? 8.21001   9.24793   -6.00446  1.000 8.80534  ? 135 GLY A CA  1 
ATOM   1030 C C   . GLY A 1 137 ? 7.21210   9.79827   -5.02094  1.000 8.35352  ? 135 GLY A C   1 
ATOM   1031 O O   . GLY A 1 137 ? 6.00937   9.71350   -5.31072  1.000 10.54038 ? 135 GLY A O   1 
ATOM   1032 N N   . MET A 1 138 ? 7.65667   10.43403  -3.93688  1.000 11.62929 ? 136 MET A N   1 
ATOM   1033 C CA  . MET A 1 138 ? 6.65946   11.06578  -3.09657  1.000 11.40407 ? 136 MET A CA  1 
ATOM   1034 C C   . MET A 1 138 ? 5.93047   12.18170  -3.84776  1.000 12.03613 ? 136 MET A C   1 
ATOM   1035 O O   . MET A 1 138 ? 4.75474   12.46718  -3.55829  1.000 11.95828 ? 136 MET A O   1 
ATOM   1036 C CB  . MET A 1 138 ? 7.32524   11.57569  -1.82228  1.000 14.60004 ? 136 MET A CB  1 
ATOM   1037 C CG  . MET A 1 138 ? 6.31540   11.88251  -0.75377  1.000 16.84198 ? 136 MET A CG  1 
ATOM   1038 S SD  . MET A 1 138 ? 5.50095   10.35539  -0.13329  1.000 17.38619 ? 136 MET A SD  1 
ATOM   1039 C CE  . MET A 1 138 ? 3.98988   11.10817  0.55364   1.000 22.03404 ? 136 MET A CE  1 
ATOM   1040 N N   . ASN A 1 139 ? 6.59272   12.80055  -4.84289  1.000 12.39129 ? 137 ASN A N   1 
ATOM   1041 C CA  . ASN A 1 139 ? 5.91241   13.75942  -5.70140  1.000 10.73274 ? 137 ASN A CA  1 
ATOM   1042 C C   . ASN A 1 139 ? 4.75705   13.12847  -6.46952  1.000 9.43104  ? 137 ASN A C   1 
ATOM   1043 O O   . ASN A 1 139 ? 3.75363   13.81091  -6.73995  1.000 11.83789 ? 137 ASN A O   1 
ATOM   1044 C CB  . ASN A 1 139 ? 6.90044   14.38577  -6.71486  1.000 10.25158 ? 137 ASN A CB  1 
ATOM   1045 C CG  . ASN A 1 139 ? 7.62838   13.34470  -7.56617  1.000 12.33721 ? 137 ASN A CG  1 
ATOM   1046 O OD1 . ASN A 1 139 ? 8.09123   12.34458  -7.05254  1.000 13.89814 ? 137 ASN A OD1 1 
ATOM   1047 N ND2 . ASN A 1 139 ? 7.70329   13.57567  -8.88102  1.000 14.31138 ? 137 ASN A ND2 1 
ATOM   1048 N N   . ILE A 1 140 ? 4.89189   11.84565  -6.84168  1.000 9.45133  ? 138 ILE A N   1 
ATOM   1049 C CA  . ILE A 1 140 ? 3.80264   11.14825  -7.52761  1.000 10.30104 ? 138 ILE A CA  1 
ATOM   1050 C C   . ILE A 1 140 ? 2.64769   10.86563  -6.54952  1.000 9.32537  ? 138 ILE A C   1 
ATOM   1051 O O   . ILE A 1 140 ? 1.47722   11.01343  -6.91648  1.000 11.31100 ? 138 ILE A O   1 
ATOM   1052 C CB  . ILE A 1 140 ? 4.35298   9.87614   -8.20613  1.000 9.72343  ? 138 ILE A CB  1 
ATOM   1053 C CG1 . ILE A 1 140 ? 5.48309   10.24033  -9.18886  1.000 11.34123 ? 138 ILE A CG1 1 
ATOM   1054 C CG2 . ILE A 1 140 ? 3.22072   9.14674   -8.91250  1.000 10.94250 ? 138 ILE A CG2 1 
ATOM   1055 C CD1 . ILE A 1 140 ? 5.03021   11.30259  -10.20737 1.000 11.46048 ? 138 ILE A CD1 1 
ATOM   1056 N N   . VAL A 1 141 ? 2.96601   10.48158  -5.30024  1.000 10.19820 ? 139 VAL A N   1 
ATOM   1057 C CA  . VAL A 1 141 ? 1.91642   10.32250  -4.28458  1.000 10.12133 ? 139 VAL A CA  1 
ATOM   1058 C C   . VAL A 1 141 ? 1.21071   11.63906  -4.06081  1.000 12.19599 ? 139 VAL A C   1 
ATOM   1059 O O   . VAL A 1 141 ? -0.02289  11.68365  -3.94397  1.000 11.84845 ? 139 VAL A O   1 
ATOM   1060 C CB  . VAL A 1 141 ? 2.53678   9.81352   -2.97617  1.000 9.61007  ? 139 VAL A CB  1 
ATOM   1061 C CG1 . VAL A 1 141 ? 1.48166   9.69967   -1.88608  1.000 12.79152 ? 139 VAL A CG1 1 
ATOM   1062 C CG2 . VAL A 1 141 ? 3.12130   8.40243   -3.20372  1.000 12.82127 ? 139 VAL A CG2 1 
ATOM   1063 N N   . GLU A 1 142 ? 1.97674   12.73334  -3.98151  1.000 11.34760 ? 140 GLU A N   1 
ATOM   1064 C CA  . GLU A 1 142 ? 1.33072   14.03692  -3.80246  1.000 10.62616 ? 140 GLU A CA  1 
ATOM   1065 C C   . GLU A 1 142 ? 0.43519   14.38978  -4.99314  1.000 12.77500 ? 140 GLU A C   1 
ATOM   1066 O O   . GLU A 1 142 ? -0.61305  15.03107  -4.82827  1.000 13.95382 ? 140 GLU A O   1 
ATOM   1067 C CB  . GLU A 1 142 ? 2.38826   15.13321  -3.59365  1.000 13.36201 ? 140 GLU A CB  1 
ATOM   1068 C CG  . GLU A 1 142 ? 3.09003   14.99156  -2.24456  1.000 14.84707 ? 140 GLU A CG  1 
ATOM   1069 C CD  . GLU A 1 142 ? 4.48945   15.65043  -2.18463  1.000 23.60891 ? 140 GLU A CD  1 
ATOM   1070 O OE1 . GLU A 1 142 ? 4.93055   16.24751  -3.20333  1.000 24.16057 ? 140 GLU A OE1 1 
ATOM   1071 O OE2 . GLU A 1 142 ? 5.14722   15.56453  -1.10578  1.000 28.72921 ? 140 GLU A OE2 1 
ATOM   1072 N N   . ALA A 1 143 ? 0.85430   14.03811  -6.21366  1.000 11.11850 ? 141 ALA A N   1 
ATOM   1073 C CA  . ALA A 1 143 ? -0.02094  14.27678  -7.33555  1.000 10.42509 ? 141 ALA A CA  1 
ATOM   1074 C C   . ALA A 1 143 ? -1.28476  13.42701  -7.26512  1.000 11.76574 ? 141 ALA A C   1 
ATOM   1075 O O   . ALA A 1 143 ? -2.38426  13.90005  -7.62086  1.000 14.18756 ? 141 ALA A O   1 
ATOM   1076 C CB  . ALA A 1 143 ? 0.76893   13.99906  -8.62358  1.000 11.45859 ? 141 ALA A CB  1 
ATOM   1077 N N   . MET A 1 144 ? -1.16443  12.16731  -6.80639  1.000 11.81780 ? 142 MET A N   1 
ATOM   1078 C CA  . MET A 1 144 ? -2.34452  11.31817  -6.63070  1.000 13.74841 ? 142 MET A CA  1 
ATOM   1079 C C   . MET A 1 144 ? -3.32790  11.95862  -5.66362  1.000 12.70086 ? 142 MET A C   1 
ATOM   1080 O O   . MET A 1 144 ? -4.55549  11.83492  -5.83016  1.000 13.95011 ? 142 MET A O   1 
ATOM   1081 C CB  . MET A 1 144 ? -1.92043  9.95015   -6.08151  1.000 15.30459 ? 142 MET A CB  1 
ATOM   1082 C CG  . MET A 1 144 ? -1.23593  9.11064   -7.08826  1.000 15.58673 ? 142 MET A CG  1 
ATOM   1083 S SD  . MET A 1 144 ? -0.38820  7.73541   -6.19520  1.000 15.07804 ? 142 MET A SD  1 
ATOM   1084 C CE  . MET A 1 144 ? -1.68966  7.01807   -5.14977  1.000 19.95833 ? 142 MET A CE  1 
ATOM   1085 N N   . GLU A 1 145 ? -2.79874  12.53941  -4.59312  1.000 13.53282 ? 143 GLU A N   1 
ATOM   1086 C CA  . GLU A 1 145 ? -3.59746  13.14940  -3.53993  1.000 13.40763 ? 143 GLU A CA  1 
ATOM   1087 C C   . GLU A 1 145 ? -4.54405  14.20463  -4.08621  1.000 16.19688 ? 143 GLU A C   1 
ATOM   1088 O O   . GLU A 1 145 ? -5.65148  14.38464  -3.54424  1.000 18.74295 ? 143 GLU A O   1 
ATOM   1089 C CB  . GLU A 1 145 ? -2.62298  13.74018  -2.51540  1.000 21.64707 ? 143 GLU A CB  1 
ATOM   1090 C CG  . GLU A 1 145 ? -2.99471  13.69879  -1.15851  1.000 29.81314 ? 143 GLU A CG  1 
ATOM   1091 C CD  . GLU A 1 145 ? -1.90571  14.26480  -0.27233  1.000 28.52066 ? 143 GLU A CD  1 
ATOM   1092 O OE1 . GLU A 1 145 ? -0.68457  14.29023  -0.65129  1.000 32.03623 ? 143 GLU A OE1 1 
ATOM   1093 O OE2 . GLU A 1 145 ? -2.24989  14.70861  0.82659   1.000 25.08215 ? 143 GLU A OE2 1 
ATOM   1094 N N   . ARG A 1 146 ? -4.16565  14.90437  -5.16740  1.000 15.58103 ? 144 ARG A N   1 
ATOM   1095 C CA  . ARG A 1 146 ? -5.05923  15.91523  -5.73175  1.000 14.80609 ? 144 ARG A CA  1 
ATOM   1096 C C   . ARG A 1 146 ? -6.30849  15.34614  -6.37892  1.000 14.51144 ? 144 ARG A C   1 
ATOM   1097 O O   . ARG A 1 146 ? -7.23843  16.10934  -6.67857  1.000 20.55867 ? 144 ARG A O   1 
ATOM   1098 C CB  . ARG A 1 146 ? -4.32223  16.77602  -6.73944  1.000 19.30556 ? 144 ARG A CB  1 
ATOM   1099 C CG  . ARG A 1 146 ? -3.08525  17.37653  -6.12471  1.000 31.36682 ? 144 ARG A CG  1 
ATOM   1100 C CD  . ARG A 1 146 ? -2.60524  18.53301  -6.92570  1.000 33.83965 ? 144 ARG A CD  1 
ATOM   1101 N NE  . ARG A 1 146 ? -1.57137  19.28798  -6.22071  1.000 41.03304 ? 144 ARG A NE  1 
ATOM   1102 C CZ  . ARG A 1 146 ? -0.98427  20.37524  -6.73065  1.000 42.14210 ? 144 ARG A CZ  1 
ATOM   1103 N NH1 . ARG A 1 146 ? -1.33767  20.82301  -7.94196  1.000 42.35522 ? 144 ARG A NH1 1 
ATOM   1104 N NH2 . ARG A 1 146 ? -0.03929  21.01238  -6.04222  1.000 43.42431 ? 144 ARG A NH2 1 
ATOM   1105 N N   . PHE A 1 147 ? -6.36580  14.04771  -6.62847  1.000 12.05920 ? 145 PHE A N   1 
ATOM   1106 C CA  . PHE A 1 147 ? -7.57326  13.41842  -7.11861  1.000 12.24284 ? 145 PHE A CA  1 
ATOM   1107 C C   . PHE A 1 147 ? -8.44634  12.86590  -6.01189  1.000 15.10753 ? 145 PHE A C   1 
ATOM   1108 O O   . PHE A 1 147 ? -9.50690  12.31792  -6.30961  1.000 16.50005 ? 145 PHE A O   1 
ATOM   1109 C CB  . PHE A 1 147 ? -7.18305  12.31737  -8.11873  1.000 13.24723 ? 145 PHE A CB  1 
ATOM   1110 C CG  . PHE A 1 147 ? -6.45355  12.87796  -9.31763  1.000 16.42551 ? 145 PHE A CG  1 
ATOM   1111 C CD1 . PHE A 1 147 ? -7.16065  13.61354  -10.26094 1.000 15.02552 ? 145 PHE A CD1 1 
ATOM   1112 C CD2 . PHE A 1 147 ? -5.07954  12.74176  -9.43848  1.000 12.68624 ? 145 PHE A CD2 1 
ATOM   1113 C CE1 . PHE A 1 147 ? -6.52297  14.15944  -11.34205 1.000 17.87782 ? 145 PHE A CE1 1 
ATOM   1114 C CE2 . PHE A 1 147 ? -4.43951  13.31063  -10.53087 1.000 15.56413 ? 145 PHE A CE2 1 
ATOM   1115 C CZ  . PHE A 1 147 ? -5.16977  14.01034  -11.46440 1.000 16.03750 ? 145 PHE A CZ  1 
ATOM   1116 N N   . GLY A 1 148 ? -8.03952  13.01609  -4.75630  1.000 12.58473 ? 146 GLY A N   1 
ATOM   1117 C CA  . GLY A 1 148 ? -8.85406  12.58712  -3.63177  1.000 11.47599 ? 146 GLY A CA  1 
ATOM   1118 C C   . GLY A 1 148 ? -9.81837  13.66665  -3.19808  1.000 14.72390 ? 146 GLY A C   1 
ATOM   1119 O O   . GLY A 1 148 ? -10.00090 14.68374  -3.86102  1.000 16.49666 ? 146 GLY A O   1 
ATOM   1120 N N   . SER A 1 149 ? -10.48610 13.39490  -2.07555  1.000 10.82103 ? 147 SER A N   1 
ATOM   1121 C CA  . SER A 1 149 ? -11.49915 14.31662  -1.55115  1.000 10.52140 ? 147 SER A CA  1 
ATOM   1122 C C   . SER A 1 149 ? -11.64124 14.06898  -0.05833  1.000 11.46567 ? 147 SER A C   1 
ATOM   1123 O O   . SER A 1 149 ? -11.13751 13.07877  0.45719   1.000 10.19260 ? 147 SER A O   1 
ATOM   1124 C CB  . SER A 1 149 ? -12.83328 14.10343  -2.29955  1.000 14.27814 ? 147 SER A CB  1 
ATOM   1125 O OG  . SER A 1 149 ? -13.38353 12.85240  -1.99040  1.000 14.32070 ? 147 SER A OG  1 
ATOM   1126 N N   . ARG A 1 150 ? -12.42327 14.93483  0.61992   1.000 11.17860 ? 148 ARG A N   1 
ATOM   1127 C CA  . ARG A 1 150 ? -12.55952 14.75554  2.06527   1.000 10.26719 ? 148 ARG A CA  1 
ATOM   1128 C C   . ARG A 1 150 ? -13.14004 13.40970  2.40800   1.000 10.30386 ? 148 ARG A C   1 
ATOM   1129 O O   . ARG A 1 150 ? -12.73727 12.82555  3.42801   1.000 13.26776 ? 148 ARG A O   1 
ATOM   1130 C CB  . ARG A 1 150 ? -13.45078 15.83014  2.70054   1.000 10.53033 ? 148 ARG A CB  1 
ATOM   1131 C CG  . ARG A 1 150 ? -12.83250 17.22435  2.75960   1.000 12.20330 ? 148 ARG A CG  1 
ATOM   1132 C CD  . ARG A 1 150 ? -11.72441 17.33017  3.81663   1.000 11.25543 ? 148 ARG A CD  1 
ATOM   1133 N NE  . ARG A 1 150 ? -12.16959 16.84253  5.13954   1.000 11.55212 ? 148 ARG A NE  1 
ATOM   1134 C CZ  . ARG A 1 150 ? -12.82972 17.59791  6.00843   1.000 12.20758 ? 148 ARG A CZ  1 
ATOM   1135 N NH1 . ARG A 1 150 ? -13.17109 18.84430  5.73110   1.000 12.97131 ? 148 ARG A NH1 1 
ATOM   1136 N NH2 . ARG A 1 150 ? -13.16791 17.05922  7.16033   1.000 10.64479 ? 148 ARG A NH2 1 
ATOM   1137 N N   . ASN A 1 151 ? -14.13625 12.93188  1.63287   1.000 10.87894 ? 149 ASN A N   1 
ATOM   1138 C CA  . ASN A 1 151 ? -14.75958 11.64578  1.95056   1.000 10.60733 ? 149 ASN A CA  1 
ATOM   1139 C C   . ASN A 1 151 ? -14.03410 10.47713  1.28658   1.000 12.64193 ? 149 ASN A C   1 
ATOM   1140 O O   . ASN A 1 151 ? -14.38830 9.32721   1.54256   1.000 13.55820 ? 149 ASN A O   1 
ATOM   1141 C CB  . ASN A 1 151 ? -16.27492 11.61436  1.59739   1.000 11.69978 ? 149 ASN A CB  1 
ATOM   1142 C CG  . ASN A 1 151 ? -16.56325 11.71589  0.12185   1.000 18.62432 ? 149 ASN A CG  1 
ATOM   1143 O OD1 . ASN A 1 151 ? -15.78100 11.33233  -0.69533  1.000 17.47420 ? 149 ASN A OD1 1 
ATOM   1144 N ND2 . ASN A 1 151 ? -17.74502 12.22538  -0.21773  1.000 22.99791 ? 149 ASN A ND2 1 
ATOM   1145 N N   . GLY A 1 152 ? -12.98101 10.75971  0.52710   1.000 11.22820 ? 150 GLY A N   1 
ATOM   1146 C CA  . GLY A 1 152 ? -12.10762 9.74276   -0.01311  1.000 10.68609 ? 150 GLY A CA  1 
ATOM   1147 C C   . GLY A 1 152 ? -12.43352 9.27927   -1.40263  1.000 10.59685 ? 150 GLY A C   1 
ATOM   1148 O O   . GLY A 1 152 ? -11.59334 8.60477   -2.00650  1.000 10.60599 ? 150 GLY A O   1 
ATOM   1149 N N   . LYS A 1 153 ? -13.59733 9.62603   -1.94293  1.000 11.20259 ? 151 LYS A N   1 
ATOM   1150 C CA  . LYS A 1 153 ? -13.90996 9.26716   -3.31773  1.000 13.36800 ? 151 LYS A CA  1 
ATOM   1151 C C   . LYS A 1 153 ? -12.96329 9.99717   -4.26245  1.000 11.25756 ? 151 LYS A C   1 
ATOM   1152 O O   . LYS A 1 153 ? -12.67298 11.18747  -4.09889  1.000 13.78342 ? 151 LYS A O   1 
ATOM   1153 C CB  . LYS A 1 153 ? -15.36831 9.61945   -3.63062  1.000 15.07341 ? 151 LYS A CB  1 
ATOM   1154 C CG  . LYS A 1 153 ? -15.79556 9.25404   -5.05802  1.000 23.11108 ? 151 LYS A CG  1 
ATOM   1155 N N   . THR A 1 154 ? -12.44462 9.27397   -5.24466  1.000 12.36667 ? 152 THR A N   1 
ATOM   1156 C CA  . THR A 1 154 ? -11.51352 9.92590   -6.17306  1.000 10.91734 ? 152 THR A CA  1 
ATOM   1157 C C   . THR A 1 154 ? -12.24997 10.50208  -7.38290  1.000 15.29696 ? 152 THR A C   1 
ATOM   1158 O O   . THR A 1 154 ? -13.28405 9.97662   -7.81087  1.000 17.33016 ? 152 THR A O   1 
ATOM   1159 C CB  . THR A 1 154 ? -10.40654 8.94873   -6.62513  1.000 14.37042 ? 152 THR A CB  1 
ATOM   1160 O OG1 . THR A 1 154 ? -10.97712 7.84125   -7.32872  1.000 16.53823 ? 152 THR A OG1 1 
ATOM   1161 C CG2 . THR A 1 154 ? -9.66761  8.34977   -5.42485  1.000 14.19985 ? 152 THR A CG2 1 
ATOM   1162 N N   . SER A 1 155 ? -11.71737 11.61273  -7.89397  1.000 14.83987 ? 153 SER A N   1 
ATOM   1163 C CA  . SER A 1 155 ? -12.37087 12.31208  -8.99502  1.000 14.54140 ? 153 SER A CA  1 
ATOM   1164 C C   . SER A 1 155 ? -11.96076 11.76388  -10.34237 1.000 16.60145 ? 153 SER A C   1 
ATOM   1165 O O   . SER A 1 155 ? -12.62804 12.06402  -11.33696 1.000 19.14236 ? 153 SER A O   1 
ATOM   1166 C CB  . SER A 1 155 ? -12.08205 13.80934  -8.91112  1.000 18.24355 ? 153 SER A CB  1 
ATOM   1167 O OG  . SER A 1 155 ? -10.68864 14.07088  -8.98281  1.000 20.89207 ? 153 SER A OG  1 
ATOM   1168 N N   . LYS A 1 156 ? -10.87278 10.98646  -10.38165 1.000 13.98177 ? 154 LYS A N   1 
ATOM   1169 C CA  . LYS A 1 156 ? -10.44538 10.21431  -11.54237 1.000 14.76184 ? 154 LYS A CA  1 
ATOM   1170 C C   . LYS A 1 156 ? -9.98427  8.87108   -11.00884 1.000 13.40353 ? 154 LYS A C   1 
ATOM   1171 O O   . LYS A 1 156 ? -9.67885  8.74692   -9.82022  1.000 13.93453 ? 154 LYS A O   1 
ATOM   1172 C CB  . LYS A 1 156 ? -9.31904  10.93782  -12.30896 1.000 15.72387 ? 154 LYS A CB  1 
ATOM   1173 C CG  . LYS A 1 156 ? -9.77165  12.29830  -12.97015 1.000 17.00227 ? 154 LYS A CG  1 
ATOM   1174 C CD  . LYS A 1 156 ? -8.74162  12.74336  -14.04271 1.000 22.15268 ? 154 LYS A CD  1 
ATOM   1175 C CE  . LYS A 1 156 ? -9.11813  14.13312  -14.63880 1.000 28.53459 ? 154 LYS A CE  1 
ATOM   1176 N NZ  . LYS A 1 156 ? -10.57924 14.10096  -14.91320 1.000 39.83266 ? 154 LYS A NZ  1 
ATOM   1177 N N   . LYS A 1 157 ? -9.93146  7.86086   -11.86311 1.000 12.38904 ? 155 LYS A N   1 
ATOM   1178 C CA  . LYS A 1 157 ? -9.60994  6.51128   -11.42987 1.000 12.22479 ? 155 LYS A CA  1 
ATOM   1179 C C   . LYS A 1 157 ? -8.08503  6.37774   -11.34255 1.000 13.18602 ? 155 LYS A C   1 
ATOM   1180 O O   . LYS A 1 157 ? -7.37562  6.58990   -12.32465 1.000 13.57427 ? 155 LYS A O   1 
ATOM   1181 C CB  . LYS A 1 157 ? -10.24063 5.52205   -12.40634 1.000 14.57898 ? 155 LYS A CB  1 
ATOM   1182 C CG  . LYS A 1 157 ? -9.96189  4.09074   -12.12975 1.000 22.18617 ? 155 LYS A CG  1 
ATOM   1183 C CD  . LYS A 1 157 ? -10.83815 3.62510   -11.05728 1.000 30.55052 ? 155 LYS A CD  1 
ATOM   1184 C CE  . LYS A 1 157 ? -10.89821 2.10864   -11.04478 1.000 30.67847 ? 155 LYS A CE  1 
ATOM   1185 N NZ  . LYS A 1 157 ? -11.99833 1.83372   -10.10359 1.000 31.48655 ? 155 LYS A NZ  1 
ATOM   1186 N N   . ILE A 1 158 ? -7.55427  6.06565   -10.16063 1.000 10.32193 ? 156 ILE A N   1 
ATOM   1187 C CA  . ILE A 1 158 ? -6.11179  6.04130   -9.91564  1.000 11.32707 ? 156 ILE A CA  1 
ATOM   1188 C C   . ILE A 1 158 ? -5.71296  4.58572   -9.85968  1.000 10.99140 ? 156 ILE A C   1 
ATOM   1189 O O   . ILE A 1 158 ? -6.16934  3.85364   -8.97373  1.000 11.50398 ? 156 ILE A O   1 
ATOM   1190 C CB  . ILE A 1 158 ? -5.77343  6.78474   -8.61733  1.000 10.92744 ? 156 ILE A CB  1 
ATOM   1191 C CG1 . ILE A 1 158 ? -6.44180  8.18211   -8.59128  1.000 11.59001 ? 156 ILE A CG1 1 
ATOM   1192 C CG2 . ILE A 1 158 ? -4.25631  6.82745   -8.37455  1.000 12.28728 ? 156 ILE A CG2 1 
ATOM   1193 C CD1 . ILE A 1 158 ? -6.01344  9.06432   -9.75935  1.000 15.21207 ? 156 ILE A CD1 1 
ATOM   1194 N N   . THR A 1 159 ? -4.94248  4.10566   -10.83198 1.000 9.54970  ? 157 THR A N   1 
ATOM   1195 C CA  . THR A 1 159 ? -4.62590  2.69740   -10.92540 1.000 11.48142 ? 157 THR A CA  1 
ATOM   1196 C C   . THR A 1 159 ? -3.12943  2.42391   -10.83507 1.000 12.47063 ? 157 THR A C   1 
ATOM   1197 O O   . THR A 1 159 ? -2.27180  3.27986   -11.09650 1.000 11.26176 ? 157 THR A O   1 
ATOM   1198 C CB  . THR A 1 159 ? -5.16812  2.06648   -12.20642 1.000 13.72854 ? 157 THR A CB  1 
ATOM   1199 O OG1 . THR A 1 159 ? -4.66100  2.79876   -13.33351 1.000 13.96484 ? 157 THR A OG1 1 
ATOM   1200 C CG2 . THR A 1 159 ? -6.70109  2.09950   -12.15972 1.000 15.59630 ? 157 THR A CG2 1 
ATOM   1201 N N   . ILE A 1 160 ? -2.84262  1.19274   -10.42751 1.000 9.50556  ? 158 ILE A N   1 
ATOM   1202 C CA  . ILE A 1 160 ? -1.49167  0.60936   -10.51431 1.000 9.41459  ? 158 ILE A CA  1 
ATOM   1203 C C   . ILE A 1 160 ? -1.40731  -0.04949  -11.88585 1.000 10.52921 ? 158 ILE A C   1 
ATOM   1204 O O   . ILE A 1 160 ? -1.82621  -1.20088  -12.07788 1.000 12.93733 ? 158 ILE A O   1 
ATOM   1205 C CB  . ILE A 1 160 ? -1.24087  -0.35898  -9.36649  1.000 9.28744  ? 158 ILE A CB  1 
ATOM   1206 C CG1 . ILE A 1 160 ? -1.39824  0.34693   -8.01251  1.000 10.32881 ? 158 ILE A CG1 1 
ATOM   1207 C CG2 . ILE A 1 160 ? 0.17412   -0.97791  -9.51731  1.000 11.04919 ? 158 ILE A CG2 1 
ATOM   1208 C CD1 . ILE A 1 160 ? -1.28791  -0.67568  -6.85331  1.000 11.28685 ? 158 ILE A CD1 1 
ATOM   1209 N N   . ALA A 1 161 ? -0.91231  0.71025   -12.87543 1.000 9.39557  ? 159 ALA A N   1 
ATOM   1210 C CA  . ALA A 1 161 ? -0.83683  0.15002   -14.22534 1.000 9.96626  ? 159 ALA A CA  1 
ATOM   1211 C C   . ALA A 1 161 ? 0.17843   -0.96653  -14.34233 1.000 11.27455 ? 159 ALA A C   1 
ATOM   1212 O O   . ALA A 1 161 ? -0.00252  -1.89042  -15.14824 1.000 13.98191 ? 159 ALA A O   1 
ATOM   1213 C CB  . ALA A 1 161 ? -0.50084  1.25428   -15.21087 1.000 13.03737 ? 159 ALA A CB  1 
ATOM   1214 N N   . ASP A 1 162 ? 1.25898   -0.90507  -13.58217 1.000 10.56160 ? 160 ASP A N   1 
ATOM   1215 C CA  . ASP A 1 162 ? 2.27281   -1.95852  -13.54879 1.000 9.87457  ? 160 ASP A CA  1 
ATOM   1216 C C   . ASP A 1 162 ? 2.91197   -1.89905  -12.17260 1.000 10.31469 ? 160 ASP A C   1 
ATOM   1217 O O   . ASP A 1 162 ? 2.86229   -0.86832  -11.48960 1.000 10.33953 ? 160 ASP A O   1 
ATOM   1218 C CB  . ASP A 1 162 ? 3.32431   -1.76431  -14.64582 1.000 12.25199 ? 160 ASP A CB  1 
ATOM   1219 C CG  . ASP A 1 162 ? 4.13614   -3.05006  -14.90933 1.000 18.10715 ? 160 ASP A CG  1 
ATOM   1220 O OD1 . ASP A 1 162 ? 3.72277   -4.16742  -14.49303 1.000 15.83836 ? 160 ASP A OD1 1 
ATOM   1221 O OD2 . ASP A 1 162 ? 5.22285   -2.93655  -15.57954 1.000 23.56726 ? 160 ASP A OD2 1 
ATOM   1222 N N   . CYS A 1 163 ? 3.51210   -3.01322  -11.76718 1.000 11.11030 ? 161 CYS A N   1 
ATOM   1223 C CA  . CYS A 1 163 ? 4.22748   -3.05050  -10.49378 1.000 9.20911  ? 161 CYS A CA  1 
ATOM   1224 C C   . CYS A 1 163 ? 5.17315   -4.23599  -10.53529 1.000 9.90893  ? 161 CYS A C   1 
ATOM   1225 O O   . CYS A 1 163 ? 5.01993   -5.16283  -11.35415 1.000 13.28781 ? 161 CYS A O   1 
ATOM   1226 C CB  . CYS A 1 163 ? 3.26327   -3.16048  -9.30002  1.000 8.87245  ? 161 CYS A CB  1 
ATOM   1227 S SG  . CYS A 1 163 ? 1.95816   -4.42729  -9.43730  1.000 11.39895 ? 161 CYS A SG  1 
ATOM   1228 N N   . GLY A 1 164 ? 6.15198   -4.20007  -9.64195  1.000 10.32786 ? 162 GLY A N   1 
ATOM   1229 C CA  . GLY A 1 164 ? 7.12888   -5.26742  -9.59279  1.000 13.27130 ? 162 GLY A CA  1 
ATOM   1230 C C   . GLY A 1 164 ? 8.25826   -4.93170  -8.64810  1.000 12.62129 ? 162 GLY A C   1 
ATOM   1231 O O   . GLY A 1 164 ? 8.15878   -4.02694  -7.82544  1.000 11.16891 ? 162 GLY A O   1 
ATOM   1232 N N   . GLN A 1 165 ? 9.30467   -5.72169  -8.74242  1.000 12.55731 ? 163 GLN A N   1 
ATOM   1233 C CA  . GLN A 1 165 ? 10.44621  -5.58142  -7.85325  1.000 12.10551 ? 163 GLN A CA  1 
ATOM   1234 C C   . GLN A 1 165 ? 11.65123  -4.99669  -8.58104  1.000 11.82233 ? 163 GLN A C   1 
ATOM   1235 O O   . GLN A 1 165 ? 11.92901  -5.34538  -9.74818  1.000 18.71176 ? 163 GLN A O   1 
ATOM   1236 C CB  . GLN A 1 165 ? 10.78137  -6.94364  -7.21384  1.000 13.35689 ? 163 GLN A CB  1 
ATOM   1237 C CG  . GLN A 1 165 ? 11.84157  -6.86890  -6.16158  1.000 13.68530 ? 163 GLN A CG  1 
ATOM   1238 C CD  . GLN A 1 165 ? 11.97897  -8.18516  -5.38449  1.000 11.79280 ? 163 GLN A CD  1 
ATOM   1239 O OE1 . GLN A 1 165 ? 11.27521  -9.16353  -5.67529  1.000 16.06469 ? 163 GLN A OE1 1 
ATOM   1240 N NE2 . GLN A 1 165 ? 12.91372  -8.21968  -4.43332  1.000 17.03906 ? 163 GLN A NE2 1 
ATOM   1241 N N   . LEU A 1 166 ? 12.38884  -4.13595  -7.87877  1.000 13.42683 ? 164 LEU A N   1 
ATOM   1242 C CA  . LEU A 1 166 ? 13.60637  -3.54620  -8.40021  1.000 15.43946 ? 164 LEU A CA  1 
ATOM   1243 C C   . LEU A 1 166 ? 14.78170  -4.20899  -7.69109  1.000 16.04591 ? 164 LEU A C   1 
ATOM   1244 O O   . LEU A 1 166 ? 15.84688  -4.29210  -8.37625  1.000 25.94819 ? 164 LEU A O   1 
ATOM   1245 C CB  . LEU A 1 166 ? 13.61038  -2.01664  -8.19576  1.000 14.74973 ? 164 LEU A CB  1 
ATOM   1246 C CG  . LEU A 1 166 ? 12.51631  -1.21366  -8.93106  1.000 18.95601 ? 164 LEU A CG  1 
ATOM   1247 C CD1 . LEU A 1 166 ? 12.56147  0.26830   -8.52997  1.000 20.70123 ? 164 LEU A CD1 1 
ATOM   1248 C CD2 . LEU A 1 166 ? 12.54987  -1.39372  -10.44985 1.000 25.38686 ? 164 LEU A CD2 1 
HETATM 1249 C C01 . UOD B 2 .   ? -13.86995 5.87893   5.12780   1.000 16.83682 ? 400 UOD A C01 1 
HETATM 1250 C C02 . UOD B 2 .   ? -12.96201 6.62924   5.89196   1.000 15.17104 ? 400 UOD A C02 1 
HETATM 1251 C C03 . UOD B 2 .   ? -12.30622 6.00717   6.94729   1.000 20.36087 ? 400 UOD A C03 1 
HETATM 1252 C C05 . UOD B 2 .   ? -6.92433  4.60192   7.24771   1.000 16.25745 ? 400 UOD A C05 1 
HETATM 1253 C C06 . UOD B 2 .   ? -5.99434  3.40091   7.49450   1.000 12.90188 ? 400 UOD A C06 1 
HETATM 1254 C C07 . UOD B 2 .   ? -6.40089  2.25541   6.55556   1.000 11.74922 ? 400 UOD A C07 1 
HETATM 1255 C C10 . UOD B 2 .   ? -8.40795  4.18223   7.38513   1.000 16.38540 ? 400 UOD A C10 1 
HETATM 1256 C C11 . UOD B 2 .   ? -9.41652  5.26457   6.96274   1.000 15.85061 ? 400 UOD A C11 1 
HETATM 1257 C C13 . UOD B 2 .   ? -11.26697 6.64505   7.87581   1.000 19.21853 ? 400 UOD A C13 1 
HETATM 1258 C C14 . UOD B 2 .   ? -8.31292  0.74813   7.20965   1.000 8.82029  ? 400 UOD A C14 1 
HETATM 1259 C C15 . UOD B 2 .   ? -9.82213  0.59521   7.38086   1.000 9.35499  ? 400 UOD A C15 1 
HETATM 1260 C C18 . UOD B 2 .   ? -10.70563 -1.18474  5.86819   1.000 10.32725 ? 400 UOD A C18 1 
HETATM 1261 C C19 . UOD B 2 .   ? -11.22216 -2.60352  5.72870   1.000 10.88842 ? 400 UOD A C19 1 
HETATM 1262 C C21 . UOD B 2 .   ? -10.50548 -3.40343  4.66398   1.000 9.24867  ? 400 UOD A C21 1 
HETATM 1263 C C22 . UOD B 2 .   ? -9.04239  -3.58633  5.09094   1.000 13.23945 ? 400 UOD A C22 1 
HETATM 1264 C C23 . UOD B 2 .   ? -11.14531 -4.78867  4.55106   1.000 12.40691 ? 400 UOD A C23 1 
HETATM 1265 C C25 . UOD B 2 .   ? -13.62745 -2.36848  6.29048   1.000 16.24997 ? 400 UOD A C25 1 
HETATM 1266 C C27 . UOD B 2 .   ? -10.18101 0.85634   8.85669   1.000 10.37284 ? 400 UOD A C27 1 
HETATM 1267 C C28 . UOD B 2 .   ? -11.78206 6.87682   9.29839   1.000 21.40106 ? 400 UOD A C28 1 
HETATM 1268 C C30 . UOD B 2 .   ? -14.96436 -0.55703  5.50842   1.000 16.29203 ? 400 UOD A C30 1 
HETATM 1269 C C31 . UOD B 2 .   ? -14.44543 0.32034   6.40668   1.000 27.65061 ? 400 UOD A C31 1 
HETATM 1270 C C32 . UOD B 2 .   ? -14.07017 4.49763   5.37211   1.000 15.41637 ? 400 UOD A C32 1 
HETATM 1271 C C33 . UOD B 2 .   ? -13.35321 3.94800   6.44122   1.000 22.84089 ? 400 UOD A C33 1 
HETATM 1272 C C34 . UOD B 2 .   ? -13.50142 2.59445   6.76289   1.000 20.89927 ? 400 UOD A C34 1 
HETATM 1273 C C35 . UOD B 2 .   ? -14.34188 1.74799   6.04919   1.000 22.09413 ? 400 UOD A C35 1 
HETATM 1274 C C36 . UOD B 2 .   ? -15.04576 2.28575   4.96350   1.000 17.75129 ? 400 UOD A C36 1 
HETATM 1275 C C37 . UOD B 2 .   ? -14.94246 3.63472   4.66218   1.000 15.61724 ? 400 UOD A C37 1 
HETATM 1276 C C38 . UOD B 2 .   ? -15.02616 -2.03187  5.76684   1.000 14.49615 ? 400 UOD A C38 1 
HETATM 1277 C C39 . UOD B 2 .   ? -15.28802 -2.77682  4.44401   1.000 17.67804 ? 400 UOD A C39 1 
HETATM 1278 C C40 . UOD B 2 .   ? -16.01963 -2.36507  6.90363   1.000 18.18686 ? 400 UOD A C40 1 
HETATM 1279 N N04 . UOD B 2 .   ? -12.52963 4.67629   7.22065   1.000 22.29063 ? 400 UOD A N04 1 
HETATM 1280 N N08 . UOD B 2 .   ? -7.83254  1.94769   6.80373   1.000 12.02791 ? 400 UOD A N08 1 
HETATM 1281 N N09 . UOD B 2 .   ? -8.73647  3.00928   6.52062   1.000 15.24359 ? 400 UOD A N09 1 
HETATM 1282 N N17 . UOD B 2 .   ? -10.26035 -0.77121  7.07268   1.000 9.45380  ? 400 UOD A N17 1 
HETATM 1283 N N24 . UOD B 2 .   ? -12.62718 -2.41306  5.34698   1.000 12.88395 ? 400 UOD A N24 1 
HETATM 1284 O O12 . UOD B 2 .   ? -10.14993 5.67680   8.05864   1.000 17.74605 ? 400 UOD A O12 1 
HETATM 1285 O O16 . UOD B 2 .   ? -7.55378  -0.18699  7.41869   1.000 10.08798 ? 400 UOD A O16 1 
HETATM 1286 O O20 . UOD B 2 .   ? -10.69387 -0.36628  4.94592   1.000 12.07295 ? 400 UOD A O20 1 
HETATM 1287 O O26 . UOD B 2 .   ? -13.38470 -2.56630  7.48941   1.000 20.28736 ? 400 UOD A O26 1 
HETATM 1288 O O29 . UOD B 2 .   ? -9.61290  5.60787   5.79323   1.000 20.22433 ? 400 UOD A O29 1 
HETATM 1289 O O   . HOH C 3 .   ? 6.99343   17.11560  -4.17050  1.000 30.92670 ? 501 HOH A O   1 
HETATM 1290 O O   . HOH C 3 .   ? 6.32697   -0.52173  -16.12697 1.000 33.45839 ? 502 HOH A O   1 
HETATM 1291 O O   . HOH C 3 .   ? -14.26600 2.50790   -10.88859 1.000 34.85433 ? 503 HOH A O   1 
HETATM 1292 O O   . HOH C 3 .   ? 9.81765   6.34625   10.37785  1.000 29.31425 ? 504 HOH A O   1 
HETATM 1293 O O   . HOH C 3 .   ? 6.38011   -6.76986  -12.82808 1.000 33.90181 ? 505 HOH A O   1 
HETATM 1294 O O   . HOH C 3 .   ? 3.44966   5.66371   19.13492  1.000 28.69222 ? 506 HOH A O   1 
HETATM 1295 O O   . HOH C 3 .   ? 8.72656   9.61298   8.85519   1.000 25.76613 ? 507 HOH A O   1 
HETATM 1296 O O   . HOH C 3 .   ? 7.69190   11.23284  6.61647   1.000 27.48645 ? 508 HOH A O   1 
HETATM 1297 O O   . HOH C 3 .   ? 3.93353   -6.60183  -15.38702 1.000 25.76950 ? 509 HOH A O   1 
HETATM 1298 O O   . HOH C 3 .   ? 16.14096  5.25068   -9.07806  1.000 24.18611 ? 510 HOH A O   1 
HETATM 1299 O O   . HOH C 3 .   ? 13.66204  3.53795   -6.30878  1.000 34.18659 ? 511 HOH A O   1 
HETATM 1300 O O   . HOH C 3 .   ? 15.03736  -0.59442  -0.50531  1.000 34.90698 ? 512 HOH A O   1 
HETATM 1301 O O   . HOH C 3 .   ? -14.12152 -2.59227  10.00491  1.000 22.70651 ? 513 HOH A O   1 
HETATM 1302 O O   . HOH C 3 .   ? 9.02413   -0.03437  18.54541  1.000 30.92990 ? 514 HOH A O   1 
HETATM 1303 O O   . HOH C 3 .   ? 4.68626   14.69376  1.33505   1.000 28.28587 ? 515 HOH A O   1 
HETATM 1304 O O   . HOH C 3 .   ? 6.86323   -16.36535 -0.68925  1.000 26.62828 ? 516 HOH A O   1 
HETATM 1305 O O   . HOH C 3 .   ? -1.05253  14.12506  13.91491  1.000 31.78365 ? 517 HOH A O   1 
HETATM 1306 O O   . HOH C 3 .   ? -12.68349 -11.37606 -1.84773  1.000 30.99365 ? 518 HOH A O   1 
HETATM 1307 O O   . HOH C 3 .   ? 1.01898   10.70046  -19.34731 1.000 34.34112 ? 519 HOH A O   1 
HETATM 1308 O O   . HOH C 3 .   ? -9.04177  -6.94640  6.76831   1.000 15.73696 ? 520 HOH A O   1 
HETATM 1309 O O   . HOH C 3 .   ? -3.88866  16.69193  7.62199   1.000 26.88019 ? 521 HOH A O   1 
HETATM 1310 O O   . HOH C 3 .   ? -3.59881  2.73501   17.87294  1.000 23.02383 ? 522 HOH A O   1 
HETATM 1311 O O   . HOH C 3 .   ? -2.30702  -4.38618  10.43969  1.000 11.46037 ? 523 HOH A O   1 
HETATM 1312 O O   . HOH C 3 .   ? -14.22818 6.79041   0.71487   1.000 25.11073 ? 524 HOH A O   1 
HETATM 1313 O O   . HOH C 3 .   ? 10.26578  1.95268   15.70957  1.000 28.52879 ? 525 HOH A O   1 
HETATM 1314 O O   . HOH C 3 .   ? -11.50614 -10.96433 0.85624   1.000 32.58077 ? 526 HOH A O   1 
HETATM 1315 O O   . HOH C 3 .   ? -0.64441  -10.83151 16.18243  1.000 19.13696 ? 527 HOH A O   1 
HETATM 1316 O O   . HOH C 3 .   ? -5.08715  -6.51372  -9.55912  1.000 16.61230 ? 528 HOH A O   1 
HETATM 1317 O O   . HOH C 3 .   ? 11.21919  -13.80304 -0.78521  1.000 36.40315 ? 529 HOH A O   1 
HETATM 1318 O O   . HOH C 3 .   ? -18.87405 -7.48316  -2.78372  1.000 21.99054 ? 530 HOH A O   1 
HETATM 1319 O O   . HOH C 3 .   ? -4.28299  1.39293   -15.59850 1.000 25.49019 ? 531 HOH A O   1 
HETATM 1320 O O   . HOH C 3 .   ? -10.19723 15.51886  -11.21033 1.000 34.61393 ? 532 HOH A O   1 
HETATM 1321 O O   . HOH C 3 .   ? -6.26789  4.80130   -14.18268 1.000 14.40915 ? 533 HOH A O   1 
HETATM 1322 O O   . HOH C 3 .   ? -4.95661  -5.75714  4.54830   1.000 9.81086  ? 534 HOH A O   1 
HETATM 1323 O O   . HOH C 3 .   ? -9.21533  -3.88715  -8.71426  1.000 17.36344 ? 535 HOH A O   1 
HETATM 1324 O O   . HOH C 3 .   ? 4.05384   7.81751   15.35378  1.000 18.49580 ? 536 HOH A O   1 
HETATM 1325 O O   . HOH C 3 .   ? 7.27137   11.64252  13.51654  1.000 31.02486 ? 537 HOH A O   1 
HETATM 1326 O O   . HOH C 3 .   ? 4.04392   -1.54584  12.99076  1.000 9.55626  ? 538 HOH A O   1 
HETATM 1327 O O   . HOH C 3 .   ? -10.32492 -9.99133  14.26459  1.000 23.38791 ? 539 HOH A O   1 
HETATM 1328 O O   . HOH C 3 .   ? 16.38961  -3.20525  -2.55966  1.000 28.91271 ? 540 HOH A O   1 
HETATM 1329 O O   . HOH C 3 .   ? 0.83831   16.25892  5.37060   1.000 33.90211 ? 541 HOH A O   1 
HETATM 1330 O O   . HOH C 3 .   ? 16.80355  9.66253   -5.65092  1.000 25.93535 ? 542 HOH A O   1 
HETATM 1331 O O   . HOH C 3 .   ? 1.65172   -12.94372 -6.13148  1.000 14.30865 ? 543 HOH A O   1 
HETATM 1332 O O   . HOH C 3 .   ? -8.34225  1.31140   12.12561  1.000 15.09727 ? 544 HOH A O   1 
HETATM 1333 O O   . HOH C 3 .   ? -9.32624  5.64648   -7.87124  1.000 13.49350 ? 545 HOH A O   1 
HETATM 1334 O O   . HOH C 3 .   ? 8.61618   -11.63102 12.45499  1.000 25.61342 ? 546 HOH A O   1 
HETATM 1335 O O   . HOH C 3 .   ? -4.79840  -16.46975 -0.35272  1.000 28.01005 ? 547 HOH A O   1 
HETATM 1336 O O   . HOH C 3 .   ? 7.00984   -17.28847 -4.95006  1.000 29.64713 ? 548 HOH A O   1 
HETATM 1337 O O   . HOH C 3 .   ? 1.77045   -7.17988  3.41276   1.000 12.22633 ? 549 HOH A O   1 
HETATM 1338 O O   . HOH C 3 .   ? 9.03751   8.13354   2.70617   1.000 27.41388 ? 550 HOH A O   1 
HETATM 1339 O O   . HOH C 3 .   ? 3.94759   -13.38889 12.06455  1.000 20.09728 ? 551 HOH A O   1 
HETATM 1340 O O   . HOH C 3 .   ? -8.51164  16.61053  3.02505   1.000 23.59234 ? 552 HOH A O   1 
HETATM 1341 O O   . HOH C 3 .   ? -18.84194 -12.55685 -3.87880  1.000 14.03556 ? 553 HOH A O   1 
HETATM 1342 O O   . HOH C 3 .   ? -5.81905  11.50826  -17.10468 1.000 26.26336 ? 554 HOH A O   1 
HETATM 1343 O O   . HOH C 3 .   ? -8.51782  -13.02400 12.48126  1.000 27.22390 ? 555 HOH A O   1 
HETATM 1344 O O   . HOH C 3 .   ? -5.00157  -13.30423 -10.69877 1.000 23.44792 ? 556 HOH A O   1 
HETATM 1345 O O   . HOH C 3 .   ? 10.49179  -10.25430 1.18343   1.000 19.03173 ? 557 HOH A O   1 
HETATM 1346 O O   . HOH C 3 .   ? 4.07103   13.24892  -14.09873 1.000 27.29440 ? 558 HOH A O   1 
HETATM 1347 O O   . HOH C 3 .   ? 11.24657  -10.90687 -7.81114  1.000 30.38830 ? 559 HOH A O   1 
HETATM 1348 O O   . HOH C 3 .   ? -5.02386  -6.83534  11.45444  1.000 9.96339  ? 560 HOH A O   1 
HETATM 1349 O O   . HOH C 3 .   ? -11.87650 0.33845   2.55427   1.000 14.89857 ? 561 HOH A O   1 
HETATM 1350 O O   . HOH C 3 .   ? -8.21873  -1.16142  -4.01078  1.000 11.66503 ? 562 HOH A O   1 
HETATM 1351 O O   . HOH C 3 .   ? -2.72589  -16.95554 7.33902   1.000 18.84773 ? 563 HOH A O   1 
HETATM 1352 O O   . HOH C 3 .   ? -4.72957  -4.81528  14.63997  1.000 11.60992 ? 564 HOH A O   1 
HETATM 1353 O O   . HOH C 3 .   ? -0.57830  -16.94634 8.99444   1.000 27.15397 ? 565 HOH A O   1 
HETATM 1354 O O   . HOH C 3 .   ? 11.67433  -8.19317  13.83067  1.000 21.51612 ? 566 HOH A O   1 
HETATM 1355 O O   . HOH C 3 .   ? -13.05909 11.11610  5.59425   1.000 16.38752 ? 567 HOH A O   1 
HETATM 1356 O O   . HOH C 3 .   ? -4.35350  -0.85961  -5.40902  1.000 11.58149 ? 568 HOH A O   1 
HETATM 1357 O O   . HOH C 3 .   ? 10.61349  -10.74283 3.88602   1.000 19.69867 ? 569 HOH A O   1 
HETATM 1358 O O   . HOH C 3 .   ? 8.47220   3.99537   11.03902  1.000 22.95999 ? 570 HOH A O   1 
HETATM 1359 O O   . HOH C 3 .   ? -10.49780 15.49611  -6.60072  1.000 30.94424 ? 571 HOH A O   1 
HETATM 1360 O O   . HOH C 3 .   ? 6.68216   -9.10667  -11.87563 1.000 27.89909 ? 572 HOH A O   1 
HETATM 1361 O O   . HOH C 3 .   ? -13.99157 5.78161   -1.71746  1.000 26.80682 ? 573 HOH A O   1 
HETATM 1362 O O   . HOH C 3 .   ? -1.08759  17.02919  -2.93127  1.000 27.14884 ? 574 HOH A O   1 
HETATM 1363 O O   . HOH C 3 .   ? 17.03575  -1.71638  0.35128   1.000 29.34438 ? 575 HOH A O   1 
HETATM 1364 O O   . HOH C 3 .   ? -15.02615 2.26531   -2.16127  1.000 30.42590 ? 576 HOH A O   1 
HETATM 1365 O O   . HOH C 3 .   ? 6.75781   -15.35356 4.83111   1.000 22.72317 ? 577 HOH A O   1 
HETATM 1366 O O   . HOH C 3 .   ? 1.27814   -8.16379  9.83290   1.000 10.98157 ? 578 HOH A O   1 
HETATM 1367 O O   . HOH C 3 .   ? -14.20396 13.07032  -5.52016  1.000 23.93186 ? 579 HOH A O   1 
HETATM 1368 O O   . HOH C 3 .   ? 4.62792   -12.49420 14.56726  1.000 25.39036 ? 580 HOH A O   1 
HETATM 1369 O O   . HOH C 3 .   ? -14.80311 13.85753  -11.52359 1.000 34.52916 ? 581 HOH A O   1 
HETATM 1370 O O   . HOH C 3 .   ? 14.76721  3.80578   1.14593   1.000 35.03211 ? 582 HOH A O   1 
HETATM 1371 O O   . HOH C 3 .   ? -15.44837 8.47606   4.02695   1.000 17.77446 ? 583 HOH A O   1 
HETATM 1372 O O   . HOH C 3 .   ? -3.82006  11.28909  0.64486   1.000 20.32305 ? 584 HOH A O   1 
HETATM 1373 O O   . HOH C 3 .   ? -4.93234  13.22604  8.87753   1.000 13.85924 ? 585 HOH A O   1 
HETATM 1374 O O   . HOH C 3 .   ? 3.64200   16.63617  -7.04997  1.000 24.22884 ? 586 HOH A O   1 
HETATM 1375 O O   . HOH C 3 .   ? 6.47092   15.76958  -10.21266 1.000 21.25338 ? 587 HOH A O   1 
HETATM 1376 O O   . HOH C 3 .   ? -8.78956  -2.09018  -6.81902  1.000 17.49145 ? 588 HOH A O   1 
HETATM 1377 O O   . HOH C 3 .   ? -14.60303 0.35255   1.58592   1.000 19.07243 ? 589 HOH A O   1 
HETATM 1378 O O   . HOH C 3 .   ? -6.09683  -16.38262 -7.23125  1.000 37.18344 ? 590 HOH A O   1 
HETATM 1379 O O   . HOH C 3 .   ? 18.56658  -3.35414  3.75956   1.000 26.09723 ? 591 HOH A O   1 
HETATM 1380 O O   . HOH C 3 .   ? 17.62404  -1.04184  2.84059   1.000 31.17028 ? 592 HOH A O   1 
HETATM 1381 O O   . HOH C 3 .   ? -2.59018  -2.90180  -15.88501 1.000 24.92708 ? 593 HOH A O   1 
HETATM 1382 O O   . HOH C 3 .   ? -14.35822 -13.03819 -1.34528  1.000 29.47414 ? 594 HOH A O   1 
HETATM 1383 O O   . HOH C 3 .   ? -2.95487  -7.28629  17.21351  1.000 15.43603 ? 595 HOH A O   1 
HETATM 1384 O O   . HOH C 3 .   ? -7.19818  -7.01348  2.09460   1.000 14.28940 ? 596 HOH A O   1 
HETATM 1385 O O   . HOH C 3 .   ? -7.67038  -18.61679 3.43551   1.000 25.40883 ? 597 HOH A O   1 
HETATM 1386 O O   . HOH C 3 .   ? 1.38063   15.34692  9.60078   1.000 24.01295 ? 598 HOH A O   1 
HETATM 1387 O O   . HOH C 3 .   ? 6.37181   -3.00565  12.35180  1.000 11.38150 ? 599 HOH A O   1 
HETATM 1388 O O   . HOH C 3 .   ? 13.83144  -10.10564 9.69696   1.000 32.33909 ? 600 HOH A O   1 
HETATM 1389 O O   . HOH C 3 .   ? 2.09407   0.65996   14.24035  1.000 11.07409 ? 601 HOH A O   1 
HETATM 1390 O O   . HOH C 3 .   ? 0.84055   -7.82279  -9.42160  1.000 12.60251 ? 602 HOH A O   1 
HETATM 1391 O O   . HOH C 3 .   ? -14.71405 -5.16373  11.08075  1.000 38.12855 ? 603 HOH A O   1 
HETATM 1392 O O   . HOH C 3 .   ? 4.69203   -12.73407 -12.05360 1.000 32.47553 ? 604 HOH A O   1 
HETATM 1393 O O   . HOH C 3 .   ? 10.86609  -14.71199 -5.52465  1.000 31.86649 ? 605 HOH A O   1 
HETATM 1394 O O   . HOH C 3 .   ? -18.52485 -5.04368  -1.65945  1.000 21.45997 ? 606 HOH A O   1 
HETATM 1395 O O   . HOH C 3 .   ? -13.27250 17.29434  -0.82607  1.000 19.26131 ? 607 HOH A O   1 
HETATM 1396 O O   . HOH C 3 .   ? 0.39725   -17.94100 -2.22436  1.000 30.24165 ? 608 HOH A O   1 
HETATM 1397 O O   . HOH C 3 .   ? -2.33683  15.77488  -9.83167  1.000 20.04026 ? 609 HOH A O   1 
HETATM 1398 O O   . HOH C 3 .   ? -16.56889 -2.59466  -6.74077  1.000 15.93232 ? 610 HOH A O   1 
HETATM 1399 O O   . HOH C 3 .   ? 2.60029   1.57556   19.19630  1.000 25.08158 ? 611 HOH A O   1 
HETATM 1400 O O   . HOH C 3 .   ? 6.12518   13.89518  10.33404  1.000 32.96855 ? 612 HOH A O   1 
HETATM 1401 O O   . HOH C 3 .   ? -14.62621 20.57711  7.56985   1.000 11.67479 ? 613 HOH A O   1 
HETATM 1402 O O   . HOH C 3 .   ? 13.54091  -10.45263 -2.66618  1.000 27.35748 ? 614 HOH A O   1 
HETATM 1403 O O   . HOH C 3 .   ? -2.94302  -8.65259  -11.46511 1.000 22.18365 ? 615 HOH A O   1 
HETATM 1404 O O   . HOH C 3 .   ? 10.37112  10.68618  -2.90024  1.000 22.94104 ? 616 HOH A O   1 
HETATM 1405 O O   . HOH C 3 .   ? -12.85565 6.30498   -5.24150  1.000 19.09462 ? 617 HOH A O   1 
HETATM 1406 O O   . HOH C 3 .   ? -7.99905  -10.05143 5.16443   1.000 23.71128 ? 618 HOH A O   1 
HETATM 1407 O O   . HOH C 3 .   ? 9.11672   -7.92963  -10.66520 1.000 17.83484 ? 619 HOH A O   1 
HETATM 1408 O O   . HOH C 3 .   ? 3.32792   18.22565  -4.68533  1.000 29.62066 ? 620 HOH A O   1 
HETATM 1409 O O   . HOH C 3 .   ? -16.04968 13.64365  -2.97725  1.000 28.15740 ? 621 HOH A O   1 
HETATM 1410 O O   . HOH C 3 .   ? 12.66921  6.19730   2.42185   1.000 28.23085 ? 622 HOH A O   1 
HETATM 1411 O O   . HOH C 3 .   ? 5.70700   -4.94947  18.57739  1.000 19.79790 ? 623 HOH A O   1 
HETATM 1412 O O   . HOH C 3 .   ? -12.78432 20.66472  3.40201   1.000 21.42099 ? 624 HOH A O   1 
HETATM 1413 O O   . HOH C 3 .   ? 18.31726  -3.63730  6.70890   1.000 29.55471 ? 625 HOH A O   1 
HETATM 1414 O O   . HOH C 3 .   ? -5.24484  -14.31597 10.99902  1.000 23.80531 ? 626 HOH A O   1 
HETATM 1415 O O   . HOH C 3 .   ? -9.29523  -14.72224 -5.83199  1.000 32.93797 ? 627 HOH A O   1 
HETATM 1416 O O   . HOH C 3 .   ? 9.21108   3.81275   13.83686  1.000 18.69404 ? 628 HOH A O   1 
HETATM 1417 O O   . HOH C 3 .   ? 8.05856   -10.09614 15.03714  1.000 21.31996 ? 629 HOH A O   1 
HETATM 1418 O O   . HOH C 3 .   ? -3.14751  -15.96173 10.64210  1.000 21.58997 ? 630 HOH A O   1 
HETATM 1419 O O   . HOH C 3 .   ? -18.73367 -0.51329  -4.37949  1.000 23.73572 ? 631 HOH A O   1 
HETATM 1420 O O   . HOH C 3 .   ? 5.00079   -1.91020  19.88912  1.000 31.39475 ? 632 HOH A O   1 
HETATM 1421 O O   . HOH C 3 .   ? 2.90295   -18.20875 0.86510   1.000 27.70954 ? 633 HOH A O   1 
HETATM 1422 O O   . HOH C 3 .   ? -15.71694 14.85240  -0.10536  1.000 29.01305 ? 634 HOH A O   1 
HETATM 1423 O O   . HOH C 3 .   ? 12.04597  -1.14262  -13.75984 1.000 33.37698 ? 635 HOH A O   1 
HETATM 1424 O O   . HOH C 3 .   ? 2.90574   -7.49986  -11.24575 1.000 18.63388 ? 636 HOH A O   1 
HETATM 1425 O O   . HOH C 3 .   ? -4.95692  -10.83747 -9.11509  1.000 20.61237 ? 637 HOH A O   1 
HETATM 1426 O O   . HOH C 3 .   ? 2.28691   8.26542   9.26190   1.000 14.00989 ? 638 HOH A O   1 
HETATM 1427 O O   . HOH C 3 .   ? -0.23935  -12.30721 -11.29229 1.000 30.98201 ? 639 HOH A O   1 
HETATM 1428 O O   . HOH C 3 .   ? 4.23573   9.83960   17.30045  1.000 35.21197 ? 640 HOH A O   1 
HETATM 1429 O O   . HOH C 3 .   ? -6.96553  -16.94434 6.36360   1.000 25.39887 ? 641 HOH A O   1 
HETATM 1430 O O   . HOH C 3 .   ? -2.96108  17.73424  0.96746   1.000 34.99648 ? 642 HOH A O   1 
HETATM 1431 O O   . HOH C 3 .   ? -0.33407  -19.54647 5.96264   1.000 39.47200 ? 643 HOH A O   1 
HETATM 1432 O O   . HOH C 3 .   ? 2.07127   14.00072  1.62474   1.000 35.28505 ? 644 HOH A O   1 
HETATM 1433 O O   . HOH C 3 .   ? 1.04567   17.63836  -7.13357  1.000 30.14267 ? 645 HOH A O   1 
HETATM 1434 O O   . HOH C 3 .   ? -7.92423  -4.83631  -13.22205 1.000 33.80595 ? 646 HOH A O   1 
HETATM 1435 O O   . HOH C 3 .   ? 1.69813   -18.83442 7.03874   1.000 35.24711 ? 647 HOH A O   1 
HETATM 1436 O O   . HOH C 3 .   ? -7.22189  17.19489  -9.78731  1.000 32.95284 ? 648 HOH A O   1 
HETATM 1437 O O   . HOH C 3 .   ? -2.79513  2.25505   -17.91219 1.000 29.79904 ? 649 HOH A O   1 
HETATM 1438 O O   . HOH C 3 .   ? -0.84615  -9.85176  -10.52733 1.000 23.99645 ? 650 HOH A O   1 
HETATM 1439 O O   . HOH C 3 .   ? 30.06792  -7.89779  7.68666   1.000 38.66491 ? 651 HOH A O   1 
HETATM 1440 O O   . HOH C 3 .   ? 10.21879  15.05428  -6.92519  1.000 34.77543 ? 652 HOH A O   1 
HETATM 1441 O O   . HOH C 3 .   ? -12.14534 -8.47057  13.69962  1.000 36.40913 ? 653 HOH A O   1 
HETATM 1442 O O   . HOH C 3 .   ? -11.79001 4.33828   -7.73008  1.000 36.16848 ? 654 HOH A O   1 
HETATM 1443 O O   . HOH C 3 .   ? -9.27169  3.75654   10.85368  1.000 19.91438 ? 655 HOH A O   1 
HETATM 1444 O O   . HOH C 3 .   ? 8.67370   -14.51207 6.95317   1.000 33.72058 ? 656 HOH A O   1 
HETATM 1445 O O   . HOH C 3 .   ? -10.37724 -13.32546 -1.29919  1.000 34.45502 ? 657 HOH A O   1 
HETATM 1446 O O   . HOH C 3 .   ? -0.43389  3.55654   -18.25192 1.000 30.62562 ? 658 HOH A O   1 
HETATM 1447 O O   . HOH C 3 .   ? 12.76196  -10.34429 12.18432  1.000 31.86085 ? 659 HOH A O   1 
HETATM 1448 O O   . HOH C 3 .   ? 3.28356   -8.79675  -13.45714 1.000 31.45722 ? 660 HOH A O   1 
HETATM 1449 O O   . HOH C 3 .   ? -7.56528  -5.49040  -10.08684 1.000 24.79424 ? 661 HOH A O   1 
HETATM 1450 O O   . HOH C 3 .   ? 12.38364  -13.29735 -3.48268  1.000 35.18415 ? 662 HOH A O   1 
HETATM 1451 O O   . HOH C 3 .   ? -9.42191  -17.77037 -6.31722  1.000 31.34952 ? 663 HOH A O   1 
HETATM 1452 O O   . HOH C 3 .   ? -8.27133  3.26482   -15.42301 1.000 25.76814 ? 664 HOH A O   1 
HETATM 1453 O O   . HOH C 3 .   ? -15.95695 12.61386  -7.38515  1.000 38.74193 ? 665 HOH A O   1 
HETATM 1454 O O   . HOH C 3 .   ? 3.16288   1.12484   -16.94370 1.000 35.33211 ? 666 HOH A O   1 
HETATM 1455 O O   . HOH C 3 .   ? -19.44046 -11.40031 0.01972   1.000 31.17562 ? 667 HOH A O   1 
HETATM 1456 O O   . HOH C 3 .   ? 5.40398   -17.50421 1.10436   1.000 38.14453 ? 668 HOH A O   1 
HETATM 1457 O O   . HOH C 3 .   ? -13.98553 -6.23740  6.44355   1.000 29.81956 ? 669 HOH A O   1 
HETATM 1458 O O   . HOH C 3 .   ? -0.06760  17.40260  -9.44144  1.000 28.42448 ? 670 HOH A O   1 
HETATM 1459 O O   . HOH C 3 .   ? 2.28601   -1.12221  20.33973  1.000 23.37915 ? 671 HOH A O   1 
HETATM 1460 O O   . HOH C 3 .   ? -4.89078  18.82482  2.32272   1.000 35.92158 ? 672 HOH A O   1 
HETATM 1461 O O   . HOH C 3 .   ? -13.48782 15.66028  -5.72322  1.000 28.89084 ? 673 HOH A O   1 
HETATM 1462 O O   . HOH C 3 .   ? 5.19679   -17.23397 6.49451   1.000 37.29559 ? 674 HOH A O   1 
HETATM 1463 O O   . HOH C 3 .   ? -3.70393  17.60745  -1.97856  1.000 33.42726 ? 675 HOH A O   1 
HETATM 1464 O O   . HOH C 3 .   ? 6.15746   -14.56428 11.41446  1.000 32.40547 ? 676 HOH A O   1 
HETATM 1465 O O   . HOH C 3 .   ? 10.06753  11.50120  10.39554  1.000 39.09585 ? 677 HOH A O   1 
HETATM 1466 O O   . HOH C 3 .   ? -3.34610  -5.46954  -15.68972 1.000 31.91110 ? 678 HOH A O   1 
HETATM 1467 O O   . HOH C 3 .   ? 15.54473  1.80213   -6.77094  1.000 38.56689 ? 679 HOH A O   1 
HETATM 1468 O O   . HOH C 3 .   ? 10.47442  -9.30099  16.13134  1.000 18.80810 ? 680 HOH A O   1 
HETATM 1469 O O   . HOH C 3 .   ? -12.17478 -1.25514  11.43224  1.000 18.19349 ? 681 HOH A O   1 
HETATM 1470 O O   . HOH C 3 .   ? -11.60886 22.66180  4.94603   1.000 25.47576 ? 682 HOH A O   1 
HETATM 1471 O O   . HOH C 3 .   ? -15.13715 2.43752   -4.69428  1.000 31.15771 ? 683 HOH A O   1 
HETATM 1472 O O   . HOH C 3 .   ? 13.58206  -6.66598  14.90901  1.000 29.49624 ? 684 HOH A O   1 
HETATM 1473 O O   . HOH C 3 .   ? 13.04460  -10.64638 0.19469   1.000 24.61425 ? 685 HOH A O   1 
HETATM 1474 O O   . HOH C 3 .   ? 13.08764  -11.74042 4.61681   1.000 31.79853 ? 686 HOH A O   1 
HETATM 1475 O O   . HOH C 3 .   ? -20.11149 -8.66331  -0.09315  1.000 34.38769 ? 687 HOH A O   1 
HETATM 1476 O O   . HOH C 3 .   ? -16.94697 0.74862   -6.28837  1.000 32.64455 ? 688 HOH A O   1 
HETATM 1477 O O   . HOH C 3 .   ? -15.32911 -6.40258  8.54702   1.000 35.15034 ? 689 HOH A O   1 
HETATM 1478 O O   . HOH C 3 .   ? -11.40063 -8.31955  6.88314   1.000 28.03605 ? 690 HOH A O   1 
HETATM 1479 O O   . HOH C 3 .   ? -1.80743  16.42031  9.65416   1.000 31.96277 ? 691 HOH A O   1 
HETATM 1480 O O   . HOH C 3 .   ? 6.82903   7.68583   16.45485  1.000 32.53920 ? 692 HOH A O   1 
HETATM 1481 O O   . HOH C 3 .   ? 0.90279   -10.05571 -13.04192 1.000 34.49970 ? 693 HOH A O   1 
HETATM 1482 O O   . HOH C 3 .   ? 6.32427   5.95268   19.44523  1.000 35.93181 ? 694 HOH A O   1 
HETATM 1483 O O   . HOH C 3 .   ? -21.05434 -12.67696 -2.15530  1.000 21.56915 ? 695 HOH A O   1 
HETATM 1484 O O   . HOH C 3 .   ? -16.37968 -1.00351  10.63686  1.000 27.01667 ? 696 HOH A O   1 
HETATM 1485 O O   . HOH C 3 .   ? -10.98189 -12.34813 12.18647  1.000 34.03978 ? 697 HOH A O   1 
HETATM 1486 O O   . HOH C 3 .   ? -5.97992  -5.21913  -15.57103 1.000 38.32584 ? 698 HOH A O   1 
HETATM 1487 O O   . HOH C 3 .   ? 7.96908   -7.02212  18.46202  1.000 31.32469 ? 699 HOH A O   1 
HETATM 1488 O O   . HOH C 3 .   ? 9.22926   5.98038   15.60708  1.000 26.22479 ? 700 HOH A O   1 
HETATM 1489 O O   . HOH C 3 .   ? -17.36322 0.17588   2.40014   1.000 25.65313 ? 701 HOH A O   1 
HETATM 1490 O O   . HOH C 3 .   ? -4.42688  17.60931  -10.33664 1.000 27.51381 ? 702 HOH A O   1 
HETATM 1491 O O   . HOH C 3 .   ? -1.69287  15.00978  -12.36672 1.000 26.54430 ? 703 HOH A O   1 
HETATM 1492 O O   . HOH C 3 .   ? 4.00648   -19.17427 5.46392   1.000 34.97267 ? 704 HOH A O   1 
HETATM 1493 O O   . HOH C 3 .   ? -5.01244  13.94341  -15.01110 1.000 35.68766 ? 705 HOH A O   1 
HETATM 1494 O O   . HOH C 3 .   ? -5.70247  16.36236  -14.30946 1.000 39.37415 ? 706 HOH A O   1 
HETATM 1495 O O   . HOH C 3 .   ? -18.64264 -1.81796  9.64724   1.000 38.90687 ? 707 HOH A O   1 
# 
loop_
_pdbx_poly_seq_scheme.asym_id 
_pdbx_poly_seq_scheme.entity_id 
_pdbx_poly_seq_scheme.seq_id 
_pdbx_poly_seq_scheme.mon_id 
_pdbx_poly_seq_scheme.ndb_seq_num 
_pdbx_poly_seq_scheme.pdb_seq_num 
_pdbx_poly_seq_scheme.auth_seq_num 
_pdbx_poly_seq_scheme.pdb_mon_id 
_pdbx_poly_seq_scheme.auth_mon_id 
_pdbx_poly_seq_scheme.pdb_strand_id 
_pdbx_poly_seq_scheme.pdb_ins_code 
_pdbx_poly_seq_scheme.hetero 
A 1 1   GLY 1   -1  ?   ?   ?   A . n 
A 1 2   HIS 2   0   0   HIS HIS A . n 
A 1 3   MET 3   1   1   MET MET A . n 
A 1 4   VAL 4   2   2   VAL VAL A . n 
A 1 5   ASN 5   3   3   ASN ASN A . n 
A 1 6   PRO 6   4   4   PRO PRO A . n 
A 1 7   THR 7   5   5   THR THR A . n 
A 1 8   VAL 8   6   6   VAL VAL A . n 
A 1 9   PHE 9   7   7   PHE PHE A . n 
A 1 10  PHE 10  8   8   PHE PHE A . n 
A 1 11  ASP 11  9   9   ASP ASP A . n 
A 1 12  ILE 12  10  10  ILE ILE A . n 
A 1 13  ALA 13  11  11  ALA ALA A . n 
A 1 14  VAL 14  12  12  VAL VAL A . n 
A 1 15  ASP 15  13  13  ASP ASP A . n 
A 1 16  GLY 16  14  14  GLY GLY A . n 
A 1 17  GLU 17  15  15  GLU GLU A . n 
A 1 18  PRO 18  16  16  PRO PRO A . n 
A 1 19  LEU 19  17  17  LEU LEU A . n 
A 1 20  GLY 20  18  18  GLY GLY A . n 
A 1 21  ARG 21  19  19  ARG ARG A . n 
A 1 22  VAL 22  20  20  VAL VAL A . n 
A 1 23  SER 23  21  21  SER SER A . n 
A 1 24  PHE 24  22  22  PHE PHE A . n 
A 1 25  GLU 25  23  23  GLU GLU A . n 
A 1 26  LEU 26  24  24  LEU LEU A . n 
A 1 27  PHE 27  25  25  PHE PHE A . n 
A 1 28  ALA 28  26  26  ALA ALA A . n 
A 1 29  ASP 29  27  27  ASP ASP A . n 
A 1 30  LYS 30  28  28  LYS LYS A . n 
A 1 31  VAL 31  29  29  VAL VAL A . n 
A 1 32  PRO 32  30  30  PRO PRO A . n 
A 1 33  LYS 33  31  31  LYS LYS A . n 
A 1 34  THR 34  32  32  THR THR A . n 
A 1 35  ALA 35  33  33  ALA ALA A . n 
A 1 36  GLU 36  34  34  GLU GLU A . n 
A 1 37  ASN 37  35  35  ASN ASN A . n 
A 1 38  PHE 38  36  36  PHE PHE A . n 
A 1 39  ARG 39  37  37  ARG ARG A . n 
A 1 40  ALA 40  38  38  ALA ALA A . n 
A 1 41  LEU 41  39  39  LEU LEU A . n 
A 1 42  SER 42  40  40  SER SER A . n 
A 1 43  THR 43  41  41  THR THR A . n 
A 1 44  GLY 44  42  42  GLY GLY A . n 
A 1 45  GLU 45  43  43  GLU GLU A . n 
A 1 46  LYS 46  44  44  LYS LYS A . n 
A 1 47  GLY 47  45  45  GLY GLY A . n 
A 1 48  PHE 48  46  46  PHE PHE A . n 
A 1 49  GLY 49  47  47  GLY GLY A . n 
A 1 50  TYR 50  48  48  TYR TYR A . n 
A 1 51  LYS 51  49  49  LYS LYS A . n 
A 1 52  GLY 52  50  50  GLY GLY A . n 
A 1 53  SER 53  51  51  SER SER A . n 
A 1 54  CYS 54  52  52  CYS CYS A . n 
A 1 55  PHE 55  53  53  PHE PHE A . n 
A 1 56  HIS 56  54  54  HIS HIS A . n 
A 1 57  ARG 57  55  55  ARG ARG A . n 
A 1 58  ILE 58  56  56  ILE ILE A . n 
A 1 59  ILE 59  57  57  ILE ILE A . n 
A 1 60  PRO 60  58  58  PRO PRO A . n 
A 1 61  GLY 61  59  59  GLY GLY A . n 
A 1 62  PHE 62  60  60  PHE PHE A . n 
A 1 63  MET 63  61  61  MET MET A . n 
A 1 64  CYS 64  62  62  CYS CYS A . n 
A 1 65  GLN 65  63  63  GLN GLN A . n 
A 1 66  GLY 66  64  64  GLY GLY A . n 
A 1 67  GLY 67  65  65  GLY GLY A . n 
A 1 68  ASP 68  66  66  ASP ASP A . n 
A 1 69  PHE 69  67  67  PHE PHE A . n 
A 1 70  THR 70  68  68  THR THR A . n 
A 1 71  ARG 71  69  69  ARG ARG A . n 
A 1 72  HIS 72  70  70  HIS HIS A . n 
A 1 73  ASN 73  71  71  ASN ASN A . n 
A 1 74  GLY 74  72  72  GLY GLY A . n 
A 1 75  THR 75  73  73  THR THR A . n 
A 1 76  GLY 76  74  74  GLY GLY A . n 
A 1 77  GLY 77  75  75  GLY GLY A . n 
A 1 78  LYS 78  76  76  LYS LYS A . n 
A 1 79  SER 79  77  77  SER SER A . n 
A 1 80  ILE 80  78  78  ILE ILE A . n 
A 1 81  TYR 81  79  79  TYR TYR A . n 
A 1 82  GLY 82  80  80  GLY GLY A . n 
A 1 83  GLU 83  81  81  GLU GLU A . n 
A 1 84  LYS 84  82  82  LYS LYS A . n 
A 1 85  PHE 85  83  83  PHE PHE A . n 
A 1 86  GLU 86  84  84  GLU GLU A . n 
A 1 87  ASP 87  85  85  ASP ASP A . n 
A 1 88  GLU 88  86  86  GLU GLU A . n 
A 1 89  ASN 89  87  87  ASN ASN A . n 
A 1 90  PHE 90  88  88  PHE PHE A . n 
A 1 91  ILE 91  89  89  ILE ILE A . n 
A 1 92  LEU 92  90  90  LEU LEU A . n 
A 1 93  LYS 93  91  91  LYS LYS A . n 
A 1 94  HIS 94  92  92  HIS HIS A . n 
A 1 95  THR 95  93  93  THR THR A . n 
A 1 96  GLY 96  94  94  GLY GLY A . n 
A 1 97  PRO 97  95  95  PRO PRO A . n 
A 1 98  GLY 98  96  96  GLY GLY A . n 
A 1 99  ILE 99  97  97  ILE ILE A . n 
A 1 100 LEU 100 98  98  LEU LEU A . n 
A 1 101 SER 101 99  99  SER SER A . n 
A 1 102 MET 102 100 100 MET MET A . n 
A 1 103 ALA 103 101 101 ALA ALA A . n 
A 1 104 ASN 104 102 102 ASN ASN A . n 
A 1 105 ALA 105 103 103 ALA ALA A . n 
A 1 106 GLY 106 104 104 GLY GLY A . n 
A 1 107 PRO 107 105 105 PRO PRO A . n 
A 1 108 ASN 108 106 106 ASN ASN A . n 
A 1 109 THR 109 107 107 THR THR A . n 
A 1 110 ASN 110 108 108 ASN ASN A . n 
A 1 111 GLY 111 109 109 GLY GLY A . n 
A 1 112 SER 112 110 110 SER SER A . n 
A 1 113 GLN 113 111 111 GLN GLN A . n 
A 1 114 PHE 114 112 112 PHE PHE A . n 
A 1 115 PHE 115 113 113 PHE PHE A . n 
A 1 116 ILE 116 114 114 ILE ILE A . n 
A 1 117 CYS 117 115 115 CYS CYS A . n 
A 1 118 THR 118 116 116 THR THR A . n 
A 1 119 ALA 119 117 117 ALA ALA A . n 
A 1 120 LYS 120 118 118 LYS LYS A . n 
A 1 121 THR 121 119 119 THR THR A . n 
A 1 122 GLU 122 120 120 GLU GLU A . n 
A 1 123 TRP 123 121 121 TRP TRP A . n 
A 1 124 LEU 124 122 122 LEU LEU A . n 
A 1 125 ASP 125 123 123 ASP ASP A . n 
A 1 126 GLY 126 124 124 GLY GLY A . n 
A 1 127 LYS 127 125 125 LYS LYS A . n 
A 1 128 HIS 128 126 126 HIS HIS A . n 
A 1 129 VAL 129 127 127 VAL VAL A . n 
A 1 130 VAL 130 128 128 VAL VAL A . n 
A 1 131 PHE 131 129 129 PHE PHE A . n 
A 1 132 GLY 132 130 130 GLY GLY A . n 
A 1 133 LYS 133 131 131 LYS LYS A . n 
A 1 134 VAL 134 132 132 VAL VAL A . n 
A 1 135 LYS 135 133 133 LYS LYS A . n 
A 1 136 GLU 136 134 134 GLU GLU A . n 
A 1 137 GLY 137 135 135 GLY GLY A . n 
A 1 138 MET 138 136 136 MET MET A . n 
A 1 139 ASN 139 137 137 ASN ASN A . n 
A 1 140 ILE 140 138 138 ILE ILE A . n 
A 1 141 VAL 141 139 139 VAL VAL A . n 
A 1 142 GLU 142 140 140 GLU GLU A . n 
A 1 143 ALA 143 141 141 ALA ALA A . n 
A 1 144 MET 144 142 142 MET MET A . n 
A 1 145 GLU 145 143 143 GLU GLU A . n 
A 1 146 ARG 146 144 144 ARG ARG A . n 
A 1 147 PHE 147 145 145 PHE PHE A . n 
A 1 148 GLY 148 146 146 GLY GLY A . n 
A 1 149 SER 149 147 147 SER SER A . n 
A 1 150 ARG 150 148 148 ARG ARG A . n 
A 1 151 ASN 151 149 149 ASN ASN A . n 
A 1 152 GLY 152 150 150 GLY GLY A . n 
A 1 153 LYS 153 151 151 LYS LYS A . n 
A 1 154 THR 154 152 152 THR THR A . n 
A 1 155 SER 155 153 153 SER SER A . n 
A 1 156 LYS 156 154 154 LYS LYS A . n 
A 1 157 LYS 157 155 155 LYS LYS A . n 
A 1 158 ILE 158 156 156 ILE ILE A . n 
A 1 159 THR 159 157 157 THR THR A . n 
A 1 160 ILE 160 158 158 ILE ILE A . n 
A 1 161 ALA 161 159 159 ALA ALA A . n 
A 1 162 ASP 162 160 160 ASP ASP A . n 
A 1 163 CYS 163 161 161 CYS CYS A . n 
A 1 164 GLY 164 162 162 GLY GLY A . n 
A 1 165 GLN 165 163 163 GLN GLN A . n 
A 1 166 LEU 166 164 164 LEU LEU A . n 
A 1 167 GLU 167 165 ?   ?   ?   A . n 
# 
loop_
_pdbx_nonpoly_scheme.asym_id 
_pdbx_nonpoly_scheme.entity_id 
_pdbx_nonpoly_scheme.mon_id 
_pdbx_nonpoly_scheme.ndb_seq_num 
_pdbx_nonpoly_scheme.pdb_seq_num 
_pdbx_nonpoly_scheme.auth_seq_num 
_pdbx_nonpoly_scheme.pdb_mon_id 
_pdbx_nonpoly_scheme.auth_mon_id 
_pdbx_nonpoly_scheme.pdb_strand_id 
_pdbx_nonpoly_scheme.pdb_ins_code 
B 2 UOD 1   400 400 UOD 671 A . 
C 3 HOH 1   501 152 HOH HOH A . 
C 3 HOH 2   502 131 HOH HOH A . 
C 3 HOH 3   503 274 HOH HOH A . 
C 3 HOH 4   504 217 HOH HOH A . 
C 3 HOH 5   505 110 HOH HOH A . 
C 3 HOH 6   506 162 HOH HOH A . 
C 3 HOH 7   507 76  HOH HOH A . 
C 3 HOH 8   508 118 HOH HOH A . 
C 3 HOH 9   509 151 HOH HOH A . 
C 3 HOH 10  510 85  HOH HOH A . 
C 3 HOH 11  511 157 HOH HOH A . 
C 3 HOH 12  512 205 HOH HOH A . 
C 3 HOH 13  513 68  HOH HOH A . 
C 3 HOH 14  514 104 HOH HOH A . 
C 3 HOH 15  515 106 HOH HOH A . 
C 3 HOH 16  516 81  HOH HOH A . 
C 3 HOH 17  517 210 HOH HOH A . 
C 3 HOH 18  518 173 HOH HOH A . 
C 3 HOH 19  519 223 HOH HOH A . 
C 3 HOH 20  520 19  HOH HOH A . 
C 3 HOH 21  521 126 HOH HOH A . 
C 3 HOH 22  522 52  HOH HOH A . 
C 3 HOH 23  523 14  HOH HOH A . 
C 3 HOH 24  524 195 HOH HOH A . 
C 3 HOH 25  525 125 HOH HOH A . 
C 3 HOH 26  526 160 HOH HOH A . 
C 3 HOH 27  527 53  HOH HOH A . 
C 3 HOH 28  528 38  HOH HOH A . 
C 3 HOH 29  529 159 HOH HOH A . 
C 3 HOH 30  530 58  HOH HOH A . 
C 3 HOH 31  531 60  HOH HOH A . 
C 3 HOH 32  532 211 HOH HOH A . 
C 3 HOH 33  533 18  HOH HOH A . 
C 3 HOH 34  534 1   HOH HOH A . 
C 3 HOH 35  535 37  HOH HOH A . 
C 3 HOH 36  536 40  HOH HOH A . 
C 3 HOH 37  537 113 HOH HOH A . 
C 3 HOH 38  538 4   HOH HOH A . 
C 3 HOH 39  539 44  HOH HOH A . 
C 3 HOH 40  540 197 HOH HOH A . 
C 3 HOH 41  541 207 HOH HOH A . 
C 3 HOH 42  542 155 HOH HOH A . 
C 3 HOH 43  543 13  HOH HOH A . 
C 3 HOH 44  544 16  HOH HOH A . 
C 3 HOH 45  545 23  HOH HOH A . 
C 3 HOH 46  546 114 HOH HOH A . 
C 3 HOH 47  547 175 HOH HOH A . 
C 3 HOH 48  548 130 HOH HOH A . 
C 3 HOH 49  549 10  HOH HOH A . 
C 3 HOH 50  550 116 HOH HOH A . 
C 3 HOH 51  551 34  HOH HOH A . 
C 3 HOH 52  552 64  HOH HOH A . 
C 3 HOH 53  553 12  HOH HOH A . 
C 3 HOH 54  554 67  HOH HOH A . 
C 3 HOH 55  555 115 HOH HOH A . 
C 3 HOH 56  556 107 HOH HOH A . 
C 3 HOH 57  557 26  HOH HOH A . 
C 3 HOH 58  558 166 HOH HOH A . 
C 3 HOH 59  559 108 HOH HOH A . 
C 3 HOH 60  560 2   HOH HOH A . 
C 3 HOH 61  561 31  HOH HOH A . 
C 3 HOH 62  562 6   HOH HOH A . 
C 3 HOH 63  563 39  HOH HOH A . 
C 3 HOH 64  564 5   HOH HOH A . 
C 3 HOH 65  565 169 HOH HOH A . 
C 3 HOH 66  566 35  HOH HOH A . 
C 3 HOH 67  567 28  HOH HOH A . 
C 3 HOH 68  568 15  HOH HOH A . 
C 3 HOH 69  569 27  HOH HOH A . 
C 3 HOH 70  570 69  HOH HOH A . 
C 3 HOH 71  571 149 HOH HOH A . 
C 3 HOH 72  572 83  HOH HOH A . 
C 3 HOH 73  573 72  HOH HOH A . 
C 3 HOH 74  574 196 HOH HOH A . 
C 3 HOH 75  575 142 HOH HOH A . 
C 3 HOH 76  576 129 HOH HOH A . 
C 3 HOH 77  577 54  HOH HOH A . 
C 3 HOH 78  578 7   HOH HOH A . 
C 3 HOH 79  579 63  HOH HOH A . 
C 3 HOH 80  580 184 HOH HOH A . 
C 3 HOH 81  581 148 HOH HOH A . 
C 3 HOH 82  582 257 HOH HOH A . 
C 3 HOH 83  583 21  HOH HOH A . 
C 3 HOH 84  584 99  HOH HOH A . 
C 3 HOH 85  585 17  HOH HOH A . 
C 3 HOH 86  586 57  HOH HOH A . 
C 3 HOH 87  587 65  HOH HOH A . 
C 3 HOH 88  588 41  HOH HOH A . 
C 3 HOH 89  589 71  HOH HOH A . 
C 3 HOH 90  590 140 HOH HOH A . 
C 3 HOH 91  591 92  HOH HOH A . 
C 3 HOH 92  592 154 HOH HOH A . 
C 3 HOH 93  593 62  HOH HOH A . 
C 3 HOH 94  594 138 HOH HOH A . 
C 3 HOH 95  595 25  HOH HOH A . 
C 3 HOH 96  596 20  HOH HOH A . 
C 3 HOH 97  597 127 HOH HOH A . 
C 3 HOH 98  598 94  HOH HOH A . 
C 3 HOH 99  599 8   HOH HOH A . 
C 3 HOH 100 600 265 HOH HOH A . 
C 3 HOH 101 601 11  HOH HOH A . 
C 3 HOH 102 602 9   HOH HOH A . 
C 3 HOH 103 603 320 HOH HOH A . 
C 3 HOH 104 604 225 HOH HOH A . 
C 3 HOH 105 605 139 HOH HOH A . 
C 3 HOH 106 606 45  HOH HOH A . 
C 3 HOH 107 607 75  HOH HOH A . 
C 3 HOH 108 608 180 HOH HOH A . 
C 3 HOH 109 609 32  HOH HOH A . 
C 3 HOH 110 610 30  HOH HOH A . 
C 3 HOH 111 611 91  HOH HOH A . 
C 3 HOH 112 612 201 HOH HOH A . 
C 3 HOH 113 613 3   HOH HOH A . 
C 3 HOH 114 614 80  HOH HOH A . 
C 3 HOH 115 615 78  HOH HOH A . 
C 3 HOH 116 616 77  HOH HOH A . 
C 3 HOH 117 617 42  HOH HOH A . 
C 3 HOH 118 618 102 HOH HOH A . 
C 3 HOH 119 619 22  HOH HOH A . 
C 3 HOH 120 620 119 HOH HOH A . 
C 3 HOH 121 621 167 HOH HOH A . 
C 3 HOH 122 622 98  HOH HOH A . 
C 3 HOH 123 623 70  HOH HOH A . 
C 3 HOH 124 624 55  HOH HOH A . 
C 3 HOH 125 625 145 HOH HOH A . 
C 3 HOH 126 626 73  HOH HOH A . 
C 3 HOH 127 627 150 HOH HOH A . 
C 3 HOH 128 628 29  HOH HOH A . 
C 3 HOH 129 629 50  HOH HOH A . 
C 3 HOH 130 630 88  HOH HOH A . 
C 3 HOH 131 631 59  HOH HOH A . 
C 3 HOH 132 632 161 HOH HOH A . 
C 3 HOH 133 633 84  HOH HOH A . 
C 3 HOH 134 634 187 HOH HOH A . 
C 3 HOH 135 635 203 HOH HOH A . 
C 3 HOH 136 636 61  HOH HOH A . 
C 3 HOH 137 637 43  HOH HOH A . 
C 3 HOH 138 638 33  HOH HOH A . 
C 3 HOH 139 639 128 HOH HOH A . 
C 3 HOH 140 640 242 HOH HOH A . 
C 3 HOH 141 641 193 HOH HOH A . 
C 3 HOH 142 642 153 HOH HOH A . 
C 3 HOH 143 643 185 HOH HOH A . 
C 3 HOH 144 644 172 HOH HOH A . 
C 3 HOH 145 645 310 HOH HOH A . 
C 3 HOH 146 646 132 HOH HOH A . 
C 3 HOH 147 647 249 HOH HOH A . 
C 3 HOH 148 648 230 HOH HOH A . 
C 3 HOH 149 649 133 HOH HOH A . 
C 3 HOH 150 650 49  HOH HOH A . 
C 3 HOH 151 651 240 HOH HOH A . 
C 3 HOH 152 652 202 HOH HOH A . 
C 3 HOH 153 653 247 HOH HOH A . 
C 3 HOH 154 654 158 HOH HOH A . 
C 3 HOH 155 655 36  HOH HOH A . 
C 3 HOH 156 656 177 HOH HOH A . 
C 3 HOH 157 657 244 HOH HOH A . 
C 3 HOH 158 658 97  HOH HOH A . 
C 3 HOH 159 659 236 HOH HOH A . 
C 3 HOH 160 660 176 HOH HOH A . 
C 3 HOH 161 661 144 HOH HOH A . 
C 3 HOH 162 662 156 HOH HOH A . 
C 3 HOH 163 663 204 HOH HOH A . 
C 3 HOH 164 664 74  HOH HOH A . 
C 3 HOH 165 665 208 HOH HOH A . 
C 3 HOH 166 666 219 HOH HOH A . 
C 3 HOH 167 667 112 HOH HOH A . 
C 3 HOH 168 668 117 HOH HOH A . 
C 3 HOH 169 669 266 HOH HOH A . 
C 3 HOH 170 670 147 HOH HOH A . 
C 3 HOH 171 671 308 HOH HOH A . 
C 3 HOH 172 672 143 HOH HOH A . 
C 3 HOH 173 673 134 HOH HOH A . 
C 3 HOH 174 674 174 HOH HOH A . 
C 3 HOH 175 675 198 HOH HOH A . 
C 3 HOH 176 676 235 HOH HOH A . 
C 3 HOH 177 677 188 HOH HOH A . 
C 3 HOH 178 678 120 HOH HOH A . 
C 3 HOH 179 679 239 HOH HOH A . 
C 3 HOH 180 680 56  HOH HOH A . 
C 3 HOH 181 681 46  HOH HOH A . 
C 3 HOH 182 682 90  HOH HOH A . 
C 3 HOH 183 683 267 HOH HOH A . 
C 3 HOH 184 684 103 HOH HOH A . 
C 3 HOH 185 685 48  HOH HOH A . 
C 3 HOH 186 686 163 HOH HOH A . 
C 3 HOH 187 687 234 HOH HOH A . 
C 3 HOH 188 688 135 HOH HOH A . 
C 3 HOH 189 689 280 HOH HOH A . 
C 3 HOH 190 690 200 HOH HOH A . 
C 3 HOH 191 691 182 HOH HOH A . 
C 3 HOH 192 692 312 HOH HOH A . 
C 3 HOH 193 693 259 HOH HOH A . 
C 3 HOH 194 694 191 HOH HOH A . 
C 3 HOH 195 695 47  HOH HOH A . 
C 3 HOH 196 696 105 HOH HOH A . 
C 3 HOH 197 697 137 HOH HOH A . 
C 3 HOH 198 698 231 HOH HOH A . 
C 3 HOH 199 699 86  HOH HOH A . 
C 3 HOH 200 700 111 HOH HOH A . 
C 3 HOH 201 701 100 HOH HOH A . 
C 3 HOH 202 702 79  HOH HOH A . 
C 3 HOH 203 703 168 HOH HOH A . 
C 3 HOH 204 704 213 HOH HOH A . 
C 3 HOH 205 705 250 HOH HOH A . 
C 3 HOH 206 706 227 HOH HOH A . 
C 3 HOH 207 707 224 HOH HOH A . 
# 
_pdbx_struct_assembly.id                   1 
_pdbx_struct_assembly.details              author_and_software_defined_assembly 
_pdbx_struct_assembly.method_details       PISA 
_pdbx_struct_assembly.oligomeric_details   monomeric 
_pdbx_struct_assembly.oligomeric_count     1 
# 
_pdbx_struct_assembly_gen.assembly_id       1 
_pdbx_struct_assembly_gen.oper_expression   1 
_pdbx_struct_assembly_gen.asym_id_list      A,B,C 
# 
loop_
_pdbx_struct_assembly_prop.biol_id 
_pdbx_struct_assembly_prop.type 
_pdbx_struct_assembly_prop.value 
_pdbx_struct_assembly_prop.details 
1 'ABSA (A^2)' 0    ? 
1 MORE         0    ? 
1 'SSA (A^2)'  7590 ? 
# 
_pdbx_struct_oper_list.id                   1 
_pdbx_struct_oper_list.type                 'identity operation' 
_pdbx_struct_oper_list.name                 1_555 
_pdbx_struct_oper_list.symmetry_operation   x,y,z 
_pdbx_struct_oper_list.matrix[1][1]         1.0000000000 
_pdbx_struct_oper_list.matrix[1][2]         0.0000000000 
_pdbx_struct_oper_list.matrix[1][3]         0.0000000000 
_pdbx_struct_oper_list.vector[1]            0.0000000000 
_pdbx_struct_oper_list.matrix[2][1]         0.0000000000 
_pdbx_struct_oper_list.matrix[2][2]         1.0000000000 
_pdbx_struct_oper_list.matrix[2][3]         0.0000000000 
_pdbx_struct_oper_list.vector[2]            0.0000000000 
_pdbx_struct_oper_list.matrix[3][1]         0.0000000000 
_pdbx_struct_oper_list.matrix[3][2]         0.0000000000 
_pdbx_struct_oper_list.matrix[3][3]         1.0000000000 
_pdbx_struct_oper_list.vector[3]            0.0000000000 
# 
loop_
_pdbx_audit_revision_history.ordinal 
_pdbx_audit_revision_history.data_content_type 
_pdbx_audit_revision_history.major_revision 
_pdbx_audit_revision_history.minor_revision 
_pdbx_audit_revision_history.revision_date 
1 'Structure model' 1 0 2020-06-24 
2 'Structure model' 1 1 2020-07-01 
3 'Structure model' 1 2 2020-08-26 
4 'Structure model' 1 3 2023-10-18 
# 
_pdbx_audit_revision_details.ordinal             1 
_pdbx_audit_revision_details.revision_ordinal    1 
_pdbx_audit_revision_details.data_content_type   'Structure model' 
_pdbx_audit_revision_details.provider            repository 
_pdbx_audit_revision_details.type                'Initial release' 
_pdbx_audit_revision_details.description         ? 
_pdbx_audit_revision_details.details             ? 
# 
loop_
_pdbx_audit_revision_group.ordinal 
_pdbx_audit_revision_group.revision_ordinal 
_pdbx_audit_revision_group.data_content_type 
_pdbx_audit_revision_group.group 
1 2 'Structure model' 'Database references'    
2 3 'Structure model' 'Database references'    
3 4 'Structure model' 'Data collection'        
4 4 'Structure model' 'Database references'    
5 4 'Structure model' 'Refinement description' 
# 
loop_
_pdbx_audit_revision_category.ordinal 
_pdbx_audit_revision_category.revision_ordinal 
_pdbx_audit_revision_category.data_content_type 
_pdbx_audit_revision_category.category 
1 2 'Structure model' citation                      
2 3 'Structure model' citation                      
3 3 'Structure model' citation_author               
4 4 'Structure model' chem_comp_atom                
5 4 'Structure model' chem_comp_bond                
6 4 'Structure model' database_2                    
7 4 'Structure model' pdbx_initial_refinement_model 
# 
loop_
_pdbx_audit_revision_item.ordinal 
_pdbx_audit_revision_item.revision_ordinal 
_pdbx_audit_revision_item.data_content_type 
_pdbx_audit_revision_item.item 
1  2 'Structure model' '_citation.country'                   
2  2 'Structure model' '_citation.journal_abbrev'            
3  2 'Structure model' '_citation.journal_id_CSD'            
4  2 'Structure model' '_citation.journal_id_ISSN'           
5  2 'Structure model' '_citation.pdbx_database_id_DOI'      
6  2 'Structure model' '_citation.pdbx_database_id_PubMed'   
7  2 'Structure model' '_citation.title'                     
8  2 'Structure model' '_citation.year'                      
9  3 'Structure model' '_citation.journal_volume'            
10 3 'Structure model' '_citation.page_first'                
11 3 'Structure model' '_citation.page_last'                 
12 3 'Structure model' '_citation_author.identifier_ORCID'   
13 3 'Structure model' '_citation_author.name'               
14 4 'Structure model' '_database_2.pdbx_DOI'                
15 4 'Structure model' '_database_2.pdbx_database_accession' 
# 
loop_
_space_group_symop.id 
_space_group_symop.operation_xyz 
1 x,y,z           
2 x+1/2,-y+1/2,-z 
3 -x,y+1/2,-z+1/2 
4 -x+1/2,-y,z+1/2 
# 
loop_
_software.citation_id 
_software.classification 
_software.compiler_name 
_software.compiler_version 
_software.contact_author 
_software.contact_author_email 
_software.date 
_software.description 
_software.dependencies 
_software.hardware 
_software.language 
_software.location 
_software.mods 
_software.name 
_software.os 
_software.os_version 
_software.type 
_software.version 
_software.pdbx_ordinal 
? refinement       ? ? ? ? ? ? ? ? ? ? ? PHENIX    ? ? ? 1.17.1_3660 1 
? refinement       ? ? ? ? ? ? ? ? ? ? ? PHENIX    ? ? ? 1.17.1_3660 2 
? 'data reduction' ? ? ? ? ? ? ? ? ? ? ? HKL-2000  ? ? ? .           3 
? 'data scaling'   ? ? ? ? ? ? ? ? ? ? ? SCALEPACK ? ? ? .           4 
? phasing          ? ? ? ? ? ? ? ? ? ? ? PHASER    ? ? ? .           5 
# 
_pdbx_entry_details.entry_id                 6X4N 
_pdbx_entry_details.has_ligand_of_interest   Y 
_pdbx_entry_details.compound_details         ? 
_pdbx_entry_details.source_details           ? 
_pdbx_entry_details.nonpolymer_details       ? 
_pdbx_entry_details.sequence_details         ? 
# 
_pdbx_validate_torsion.id              1 
_pdbx_validate_torsion.PDB_model_num   1 
_pdbx_validate_torsion.auth_comp_id    PHE 
_pdbx_validate_torsion.auth_asym_id    A 
_pdbx_validate_torsion.auth_seq_id     60 
_pdbx_validate_torsion.PDB_ins_code    ? 
_pdbx_validate_torsion.label_alt_id    ? 
_pdbx_validate_torsion.phi             -147.22 
_pdbx_validate_torsion.psi             -80.07 
# 
_pdbx_validate_chiral.id              1 
_pdbx_validate_chiral.PDB_model_num   1 
_pdbx_validate_chiral.auth_atom_id    N08 
_pdbx_validate_chiral.label_alt_id    ? 
_pdbx_validate_chiral.auth_asym_id    A 
_pdbx_validate_chiral.auth_comp_id    UOD 
_pdbx_validate_chiral.auth_seq_id     400 
_pdbx_validate_chiral.PDB_ins_code    ? 
_pdbx_validate_chiral.details         PLANAR 
_pdbx_validate_chiral.omega           . 
# 
loop_
_pdbx_unobs_or_zero_occ_atoms.id 
_pdbx_unobs_or_zero_occ_atoms.PDB_model_num 
_pdbx_unobs_or_zero_occ_atoms.polymer_flag 
_pdbx_unobs_or_zero_occ_atoms.occupancy_flag 
_pdbx_unobs_or_zero_occ_atoms.auth_asym_id 
_pdbx_unobs_or_zero_occ_atoms.auth_comp_id 
_pdbx_unobs_or_zero_occ_atoms.auth_seq_id 
_pdbx_unobs_or_zero_occ_atoms.PDB_ins_code 
_pdbx_unobs_or_zero_occ_atoms.auth_atom_id 
_pdbx_unobs_or_zero_occ_atoms.label_alt_id 
_pdbx_unobs_or_zero_occ_atoms.label_asym_id 
_pdbx_unobs_or_zero_occ_atoms.label_comp_id 
_pdbx_unobs_or_zero_occ_atoms.label_seq_id 
_pdbx_unobs_or_zero_occ_atoms.label_atom_id 
1  1 Y 1 A MET 1   ? CG  ? A MET 3   CG  
2  1 Y 1 A MET 1   ? SD  ? A MET 3   SD  
3  1 Y 1 A MET 1   ? CE  ? A MET 3   CE  
4  1 Y 1 A GLU 81  ? CD  ? A GLU 83  CD  
5  1 Y 1 A GLU 81  ? OE1 ? A GLU 83  OE1 
6  1 Y 1 A GLU 81  ? OE2 ? A GLU 83  OE2 
7  1 Y 1 A LYS 82  ? CD  ? A LYS 84  CD  
8  1 Y 1 A LYS 82  ? CE  ? A LYS 84  CE  
9  1 Y 1 A LYS 82  ? NZ  ? A LYS 84  NZ  
10 1 Y 1 A LYS 131 ? CD  ? A LYS 133 CD  
11 1 Y 1 A LYS 131 ? CE  ? A LYS 133 CE  
12 1 Y 1 A LYS 131 ? NZ  ? A LYS 133 NZ  
13 1 Y 1 A LYS 133 ? CD  ? A LYS 135 CD  
14 1 Y 1 A LYS 133 ? CE  ? A LYS 135 CE  
15 1 Y 1 A LYS 133 ? NZ  ? A LYS 135 NZ  
16 1 Y 1 A LYS 151 ? CD  ? A LYS 153 CD  
17 1 Y 1 A LYS 151 ? CE  ? A LYS 153 CE  
18 1 Y 1 A LYS 151 ? NZ  ? A LYS 153 NZ  
# 
loop_
_pdbx_unobs_or_zero_occ_residues.id 
_pdbx_unobs_or_zero_occ_residues.PDB_model_num 
_pdbx_unobs_or_zero_occ_residues.polymer_flag 
_pdbx_unobs_or_zero_occ_residues.occupancy_flag 
_pdbx_unobs_or_zero_occ_residues.auth_asym_id 
_pdbx_unobs_or_zero_occ_residues.auth_comp_id 
_pdbx_unobs_or_zero_occ_residues.auth_seq_id 
_pdbx_unobs_or_zero_occ_residues.PDB_ins_code 
_pdbx_unobs_or_zero_occ_residues.label_asym_id 
_pdbx_unobs_or_zero_occ_residues.label_comp_id 
_pdbx_unobs_or_zero_occ_residues.label_seq_id 
1 1 Y 1 A GLY -1  ? A GLY 1   
2 1 Y 1 A GLU 165 ? A GLU 167 
# 
loop_
_chem_comp_atom.comp_id 
_chem_comp_atom.atom_id 
_chem_comp_atom.type_symbol 
_chem_comp_atom.pdbx_aromatic_flag 
_chem_comp_atom.pdbx_stereo_config 
_chem_comp_atom.pdbx_ordinal 
ALA N    N N N 1   
ALA CA   C N S 2   
ALA C    C N N 3   
ALA O    O N N 4   
ALA CB   C N N 5   
ALA OXT  O N N 6   
ALA H    H N N 7   
ALA H2   H N N 8   
ALA HA   H N N 9   
ALA HB1  H N N 10  
ALA HB2  H N N 11  
ALA HB3  H N N 12  
ALA HXT  H N N 13  
ARG N    N N N 14  
ARG CA   C N S 15  
ARG C    C N N 16  
ARG O    O N N 17  
ARG CB   C N N 18  
ARG CG   C N N 19  
ARG CD   C N N 20  
ARG NE   N N N 21  
ARG CZ   C N N 22  
ARG NH1  N N N 23  
ARG NH2  N N N 24  
ARG OXT  O N N 25  
ARG H    H N N 26  
ARG H2   H N N 27  
ARG HA   H N N 28  
ARG HB2  H N N 29  
ARG HB3  H N N 30  
ARG HG2  H N N 31  
ARG HG3  H N N 32  
ARG HD2  H N N 33  
ARG HD3  H N N 34  
ARG HE   H N N 35  
ARG HH11 H N N 36  
ARG HH12 H N N 37  
ARG HH21 H N N 38  
ARG HH22 H N N 39  
ARG HXT  H N N 40  
ASN N    N N N 41  
ASN CA   C N S 42  
ASN C    C N N 43  
ASN O    O N N 44  
ASN CB   C N N 45  
ASN CG   C N N 46  
ASN OD1  O N N 47  
ASN ND2  N N N 48  
ASN OXT  O N N 49  
ASN H    H N N 50  
ASN H2   H N N 51  
ASN HA   H N N 52  
ASN HB2  H N N 53  
ASN HB3  H N N 54  
ASN HD21 H N N 55  
ASN HD22 H N N 56  
ASN HXT  H N N 57  
ASP N    N N N 58  
ASP CA   C N S 59  
ASP C    C N N 60  
ASP O    O N N 61  
ASP CB   C N N 62  
ASP CG   C N N 63  
ASP OD1  O N N 64  
ASP OD2  O N N 65  
ASP OXT  O N N 66  
ASP H    H N N 67  
ASP H2   H N N 68  
ASP HA   H N N 69  
ASP HB2  H N N 70  
ASP HB3  H N N 71  
ASP HD2  H N N 72  
ASP HXT  H N N 73  
CYS N    N N N 74  
CYS CA   C N R 75  
CYS C    C N N 76  
CYS O    O N N 77  
CYS CB   C N N 78  
CYS SG   S N N 79  
CYS OXT  O N N 80  
CYS H    H N N 81  
CYS H2   H N N 82  
CYS HA   H N N 83  
CYS HB2  H N N 84  
CYS HB3  H N N 85  
CYS HG   H N N 86  
CYS HXT  H N N 87  
GLN N    N N N 88  
GLN CA   C N S 89  
GLN C    C N N 90  
GLN O    O N N 91  
GLN CB   C N N 92  
GLN CG   C N N 93  
GLN CD   C N N 94  
GLN OE1  O N N 95  
GLN NE2  N N N 96  
GLN OXT  O N N 97  
GLN H    H N N 98  
GLN H2   H N N 99  
GLN HA   H N N 100 
GLN HB2  H N N 101 
GLN HB3  H N N 102 
GLN HG2  H N N 103 
GLN HG3  H N N 104 
GLN HE21 H N N 105 
GLN HE22 H N N 106 
GLN HXT  H N N 107 
GLU N    N N N 108 
GLU CA   C N S 109 
GLU C    C N N 110 
GLU O    O N N 111 
GLU CB   C N N 112 
GLU CG   C N N 113 
GLU CD   C N N 114 
GLU OE1  O N N 115 
GLU OE2  O N N 116 
GLU OXT  O N N 117 
GLU H    H N N 118 
GLU H2   H N N 119 
GLU HA   H N N 120 
GLU HB2  H N N 121 
GLU HB3  H N N 122 
GLU HG2  H N N 123 
GLU HG3  H N N 124 
GLU HE2  H N N 125 
GLU HXT  H N N 126 
GLY N    N N N 127 
GLY CA   C N N 128 
GLY C    C N N 129 
GLY O    O N N 130 
GLY OXT  O N N 131 
GLY H    H N N 132 
GLY H2   H N N 133 
GLY HA2  H N N 134 
GLY HA3  H N N 135 
GLY HXT  H N N 136 
HIS N    N N N 137 
HIS CA   C N S 138 
HIS C    C N N 139 
HIS O    O N N 140 
HIS CB   C N N 141 
HIS CG   C Y N 142 
HIS ND1  N Y N 143 
HIS CD2  C Y N 144 
HIS CE1  C Y N 145 
HIS NE2  N Y N 146 
HIS OXT  O N N 147 
HIS H    H N N 148 
HIS H2   H N N 149 
HIS HA   H N N 150 
HIS HB2  H N N 151 
HIS HB3  H N N 152 
HIS HD1  H N N 153 
HIS HD2  H N N 154 
HIS HE1  H N N 155 
HIS HE2  H N N 156 
HIS HXT  H N N 157 
HOH O    O N N 158 
HOH H1   H N N 159 
HOH H2   H N N 160 
ILE N    N N N 161 
ILE CA   C N S 162 
ILE C    C N N 163 
ILE O    O N N 164 
ILE CB   C N S 165 
ILE CG1  C N N 166 
ILE CG2  C N N 167 
ILE CD1  C N N 168 
ILE OXT  O N N 169 
ILE H    H N N 170 
ILE H2   H N N 171 
ILE HA   H N N 172 
ILE HB   H N N 173 
ILE HG12 H N N 174 
ILE HG13 H N N 175 
ILE HG21 H N N 176 
ILE HG22 H N N 177 
ILE HG23 H N N 178 
ILE HD11 H N N 179 
ILE HD12 H N N 180 
ILE HD13 H N N 181 
ILE HXT  H N N 182 
LEU N    N N N 183 
LEU CA   C N S 184 
LEU C    C N N 185 
LEU O    O N N 186 
LEU CB   C N N 187 
LEU CG   C N N 188 
LEU CD1  C N N 189 
LEU CD2  C N N 190 
LEU OXT  O N N 191 
LEU H    H N N 192 
LEU H2   H N N 193 
LEU HA   H N N 194 
LEU HB2  H N N 195 
LEU HB3  H N N 196 
LEU HG   H N N 197 
LEU HD11 H N N 198 
LEU HD12 H N N 199 
LEU HD13 H N N 200 
LEU HD21 H N N 201 
LEU HD22 H N N 202 
LEU HD23 H N N 203 
LEU HXT  H N N 204 
LYS N    N N N 205 
LYS CA   C N S 206 
LYS C    C N N 207 
LYS O    O N N 208 
LYS CB   C N N 209 
LYS CG   C N N 210 
LYS CD   C N N 211 
LYS CE   C N N 212 
LYS NZ   N N N 213 
LYS OXT  O N N 214 
LYS H    H N N 215 
LYS H2   H N N 216 
LYS HA   H N N 217 
LYS HB2  H N N 218 
LYS HB3  H N N 219 
LYS HG2  H N N 220 
LYS HG3  H N N 221 
LYS HD2  H N N 222 
LYS HD3  H N N 223 
LYS HE2  H N N 224 
LYS HE3  H N N 225 
LYS HZ1  H N N 226 
LYS HZ2  H N N 227 
LYS HZ3  H N N 228 
LYS HXT  H N N 229 
MET N    N N N 230 
MET CA   C N S 231 
MET C    C N N 232 
MET O    O N N 233 
MET CB   C N N 234 
MET CG   C N N 235 
MET SD   S N N 236 
MET CE   C N N 237 
MET OXT  O N N 238 
MET H    H N N 239 
MET H2   H N N 240 
MET HA   H N N 241 
MET HB2  H N N 242 
MET HB3  H N N 243 
MET HG2  H N N 244 
MET HG3  H N N 245 
MET HE1  H N N 246 
MET HE2  H N N 247 
MET HE3  H N N 248 
MET HXT  H N N 249 
PHE N    N N N 250 
PHE CA   C N S 251 
PHE C    C N N 252 
PHE O    O N N 253 
PHE CB   C N N 254 
PHE CG   C Y N 255 
PHE CD1  C Y N 256 
PHE CD2  C Y N 257 
PHE CE1  C Y N 258 
PHE CE2  C Y N 259 
PHE CZ   C Y N 260 
PHE OXT  O N N 261 
PHE H    H N N 262 
PHE H2   H N N 263 
PHE HA   H N N 264 
PHE HB2  H N N 265 
PHE HB3  H N N 266 
PHE HD1  H N N 267 
PHE HD2  H N N 268 
PHE HE1  H N N 269 
PHE HE2  H N N 270 
PHE HZ   H N N 271 
PHE HXT  H N N 272 
PRO N    N N N 273 
PRO CA   C N S 274 
PRO C    C N N 275 
PRO O    O N N 276 
PRO CB   C N N 277 
PRO CG   C N N 278 
PRO CD   C N N 279 
PRO OXT  O N N 280 
PRO H    H N N 281 
PRO HA   H N N 282 
PRO HB2  H N N 283 
PRO HB3  H N N 284 
PRO HG2  H N N 285 
PRO HG3  H N N 286 
PRO HD2  H N N 287 
PRO HD3  H N N 288 
PRO HXT  H N N 289 
SER N    N N N 290 
SER CA   C N S 291 
SER C    C N N 292 
SER O    O N N 293 
SER CB   C N N 294 
SER OG   O N N 295 
SER OXT  O N N 296 
SER H    H N N 297 
SER H2   H N N 298 
SER HA   H N N 299 
SER HB2  H N N 300 
SER HB3  H N N 301 
SER HG   H N N 302 
SER HXT  H N N 303 
THR N    N N N 304 
THR CA   C N S 305 
THR C    C N N 306 
THR O    O N N 307 
THR CB   C N R 308 
THR OG1  O N N 309 
THR CG2  C N N 310 
THR OXT  O N N 311 
THR H    H N N 312 
THR H2   H N N 313 
THR HA   H N N 314 
THR HB   H N N 315 
THR HG1  H N N 316 
THR HG21 H N N 317 
THR HG22 H N N 318 
THR HG23 H N N 319 
THR HXT  H N N 320 
TRP N    N N N 321 
TRP CA   C N S 322 
TRP C    C N N 323 
TRP O    O N N 324 
TRP CB   C N N 325 
TRP CG   C Y N 326 
TRP CD1  C Y N 327 
TRP CD2  C Y N 328 
TRP NE1  N Y N 329 
TRP CE2  C Y N 330 
TRP CE3  C Y N 331 
TRP CZ2  C Y N 332 
TRP CZ3  C Y N 333 
TRP CH2  C Y N 334 
TRP OXT  O N N 335 
TRP H    H N N 336 
TRP H2   H N N 337 
TRP HA   H N N 338 
TRP HB2  H N N 339 
TRP HB3  H N N 340 
TRP HD1  H N N 341 
TRP HE1  H N N 342 
TRP HE3  H N N 343 
TRP HZ2  H N N 344 
TRP HZ3  H N N 345 
TRP HH2  H N N 346 
TRP HXT  H N N 347 
TYR N    N N N 348 
TYR CA   C N S 349 
TYR C    C N N 350 
TYR O    O N N 351 
TYR CB   C N N 352 
TYR CG   C Y N 353 
TYR CD1  C Y N 354 
TYR CD2  C Y N 355 
TYR CE1  C Y N 356 
TYR CE2  C Y N 357 
TYR CZ   C Y N 358 
TYR OH   O N N 359 
TYR OXT  O N N 360 
TYR H    H N N 361 
TYR H2   H N N 362 
TYR HA   H N N 363 
TYR HB2  H N N 364 
TYR HB3  H N N 365 
TYR HD1  H N N 366 
TYR HD2  H N N 367 
TYR HE1  H N N 368 
TYR HE2  H N N 369 
TYR HH   H N N 370 
TYR HXT  H N N 371 
UOD C01  C Y N 372 
UOD C02  C Y N 373 
UOD C03  C Y N 374 
UOD C05  C N N 375 
UOD C06  C N N 376 
UOD C07  C N N 377 
UOD C10  C N S 378 
UOD C11  C N N 379 
UOD C13  C N R 380 
UOD C14  C N N 381 
UOD C15  C N S 382 
UOD C18  C N N 383 
UOD C19  C N S 384 
UOD C21  C N N 385 
UOD C22  C N N 386 
UOD C23  C N N 387 
UOD C25  C N N 388 
UOD C27  C N N 389 
UOD C28  C N N 390 
UOD C30  C N N 391 
UOD C31  C N N 392 
UOD C32  C Y N 393 
UOD C33  C Y N 394 
UOD C34  C Y N 395 
UOD C35  C Y N 396 
UOD C36  C Y N 397 
UOD C37  C Y N 398 
UOD C38  C N N 399 
UOD C39  C N N 400 
UOD C40  C N N 401 
UOD N04  N Y N 402 
UOD N08  N N R 403 
UOD N09  N N N 404 
UOD N17  N N N 405 
UOD N24  N N N 406 
UOD O12  O N N 407 
UOD O16  O N N 408 
UOD O20  O N N 409 
UOD O26  O N N 410 
UOD O29  O N N 411 
UOD H1   H N N 412 
UOD H2   H N N 413 
UOD H3   H N N 414 
UOD H4   H N N 415 
UOD H5   H N N 416 
UOD H6   H N N 417 
UOD H7   H N N 418 
UOD H8   H N N 419 
UOD H9   H N N 420 
UOD H10  H N N 421 
UOD H11  H N N 422 
UOD H12  H N N 423 
UOD H13  H N N 424 
UOD H14  H N N 425 
UOD H15  H N N 426 
UOD H16  H N N 427 
UOD H17  H N N 428 
UOD H18  H N N 429 
UOD H19  H N N 430 
UOD H20  H N N 431 
UOD H21  H N N 432 
UOD H22  H N N 433 
UOD H23  H N N 434 
UOD H24  H N N 435 
UOD H25  H N N 436 
UOD H26  H N N 437 
UOD H27  H N N 438 
UOD H28  H N N 439 
UOD H29  H N N 440 
UOD H30  H N N 441 
UOD H31  H N N 442 
UOD H32  H N N 443 
UOD H33  H N N 444 
UOD H34  H N N 445 
UOD H35  H N N 446 
UOD H36  H N N 447 
UOD H37  H N N 448 
UOD H38  H N N 449 
UOD H39  H N N 450 
VAL N    N N N 451 
VAL CA   C N S 452 
VAL C    C N N 453 
VAL O    O N N 454 
VAL CB   C N N 455 
VAL CG1  C N N 456 
VAL CG2  C N N 457 
VAL OXT  O N N 458 
VAL H    H N N 459 
VAL H2   H N N 460 
VAL HA   H N N 461 
VAL HB   H N N 462 
VAL HG11 H N N 463 
VAL HG12 H N N 464 
VAL HG13 H N N 465 
VAL HG21 H N N 466 
VAL HG22 H N N 467 
VAL HG23 H N N 468 
VAL HXT  H N N 469 
# 
loop_
_chem_comp_bond.comp_id 
_chem_comp_bond.atom_id_1 
_chem_comp_bond.atom_id_2 
_chem_comp_bond.value_order 
_chem_comp_bond.pdbx_aromatic_flag 
_chem_comp_bond.pdbx_stereo_config 
_chem_comp_bond.pdbx_ordinal 
ALA N   CA   sing N N 1   
ALA N   H    sing N N 2   
ALA N   H2   sing N N 3   
ALA CA  C    sing N N 4   
ALA CA  CB   sing N N 5   
ALA CA  HA   sing N N 6   
ALA C   O    doub N N 7   
ALA C   OXT  sing N N 8   
ALA CB  HB1  sing N N 9   
ALA CB  HB2  sing N N 10  
ALA CB  HB3  sing N N 11  
ALA OXT HXT  sing N N 12  
ARG N   CA   sing N N 13  
ARG N   H    sing N N 14  
ARG N   H2   sing N N 15  
ARG CA  C    sing N N 16  
ARG CA  CB   sing N N 17  
ARG CA  HA   sing N N 18  
ARG C   O    doub N N 19  
ARG C   OXT  sing N N 20  
ARG CB  CG   sing N N 21  
ARG CB  HB2  sing N N 22  
ARG CB  HB3  sing N N 23  
ARG CG  CD   sing N N 24  
ARG CG  HG2  sing N N 25  
ARG CG  HG3  sing N N 26  
ARG CD  NE   sing N N 27  
ARG CD  HD2  sing N N 28  
ARG CD  HD3  sing N N 29  
ARG NE  CZ   sing N N 30  
ARG NE  HE   sing N N 31  
ARG CZ  NH1  sing N N 32  
ARG CZ  NH2  doub N N 33  
ARG NH1 HH11 sing N N 34  
ARG NH1 HH12 sing N N 35  
ARG NH2 HH21 sing N N 36  
ARG NH2 HH22 sing N N 37  
ARG OXT HXT  sing N N 38  
ASN N   CA   sing N N 39  
ASN N   H    sing N N 40  
ASN N   H2   sing N N 41  
ASN CA  C    sing N N 42  
ASN CA  CB   sing N N 43  
ASN CA  HA   sing N N 44  
ASN C   O    doub N N 45  
ASN C   OXT  sing N N 46  
ASN CB  CG   sing N N 47  
ASN CB  HB2  sing N N 48  
ASN CB  HB3  sing N N 49  
ASN CG  OD1  doub N N 50  
ASN CG  ND2  sing N N 51  
ASN ND2 HD21 sing N N 52  
ASN ND2 HD22 sing N N 53  
ASN OXT HXT  sing N N 54  
ASP N   CA   sing N N 55  
ASP N   H    sing N N 56  
ASP N   H2   sing N N 57  
ASP CA  C    sing N N 58  
ASP CA  CB   sing N N 59  
ASP CA  HA   sing N N 60  
ASP C   O    doub N N 61  
ASP C   OXT  sing N N 62  
ASP CB  CG   sing N N 63  
ASP CB  HB2  sing N N 64  
ASP CB  HB3  sing N N 65  
ASP CG  OD1  doub N N 66  
ASP CG  OD2  sing N N 67  
ASP OD2 HD2  sing N N 68  
ASP OXT HXT  sing N N 69  
CYS N   CA   sing N N 70  
CYS N   H    sing N N 71  
CYS N   H2   sing N N 72  
CYS CA  C    sing N N 73  
CYS CA  CB   sing N N 74  
CYS CA  HA   sing N N 75  
CYS C   O    doub N N 76  
CYS C   OXT  sing N N 77  
CYS CB  SG   sing N N 78  
CYS CB  HB2  sing N N 79  
CYS CB  HB3  sing N N 80  
CYS SG  HG   sing N N 81  
CYS OXT HXT  sing N N 82  
GLN N   CA   sing N N 83  
GLN N   H    sing N N 84  
GLN N   H2   sing N N 85  
GLN CA  C    sing N N 86  
GLN CA  CB   sing N N 87  
GLN CA  HA   sing N N 88  
GLN C   O    doub N N 89  
GLN C   OXT  sing N N 90  
GLN CB  CG   sing N N 91  
GLN CB  HB2  sing N N 92  
GLN CB  HB3  sing N N 93  
GLN CG  CD   sing N N 94  
GLN CG  HG2  sing N N 95  
GLN CG  HG3  sing N N 96  
GLN CD  OE1  doub N N 97  
GLN CD  NE2  sing N N 98  
GLN NE2 HE21 sing N N 99  
GLN NE2 HE22 sing N N 100 
GLN OXT HXT  sing N N 101 
GLU N   CA   sing N N 102 
GLU N   H    sing N N 103 
GLU N   H2   sing N N 104 
GLU CA  C    sing N N 105 
GLU CA  CB   sing N N 106 
GLU CA  HA   sing N N 107 
GLU C   O    doub N N 108 
GLU C   OXT  sing N N 109 
GLU CB  CG   sing N N 110 
GLU CB  HB2  sing N N 111 
GLU CB  HB3  sing N N 112 
GLU CG  CD   sing N N 113 
GLU CG  HG2  sing N N 114 
GLU CG  HG3  sing N N 115 
GLU CD  OE1  doub N N 116 
GLU CD  OE2  sing N N 117 
GLU OE2 HE2  sing N N 118 
GLU OXT HXT  sing N N 119 
GLY N   CA   sing N N 120 
GLY N   H    sing N N 121 
GLY N   H2   sing N N 122 
GLY CA  C    sing N N 123 
GLY CA  HA2  sing N N 124 
GLY CA  HA3  sing N N 125 
GLY C   O    doub N N 126 
GLY C   OXT  sing N N 127 
GLY OXT HXT  sing N N 128 
HIS N   CA   sing N N 129 
HIS N   H    sing N N 130 
HIS N   H2   sing N N 131 
HIS CA  C    sing N N 132 
HIS CA  CB   sing N N 133 
HIS CA  HA   sing N N 134 
HIS C   O    doub N N 135 
HIS C   OXT  sing N N 136 
HIS CB  CG   sing N N 137 
HIS CB  HB2  sing N N 138 
HIS CB  HB3  sing N N 139 
HIS CG  ND1  sing Y N 140 
HIS CG  CD2  doub Y N 141 
HIS ND1 CE1  doub Y N 142 
HIS ND1 HD1  sing N N 143 
HIS CD2 NE2  sing Y N 144 
HIS CD2 HD2  sing N N 145 
HIS CE1 NE2  sing Y N 146 
HIS CE1 HE1  sing N N 147 
HIS NE2 HE2  sing N N 148 
HIS OXT HXT  sing N N 149 
HOH O   H1   sing N N 150 
HOH O   H2   sing N N 151 
ILE N   CA   sing N N 152 
ILE N   H    sing N N 153 
ILE N   H2   sing N N 154 
ILE CA  C    sing N N 155 
ILE CA  CB   sing N N 156 
ILE CA  HA   sing N N 157 
ILE C   O    doub N N 158 
ILE C   OXT  sing N N 159 
ILE CB  CG1  sing N N 160 
ILE CB  CG2  sing N N 161 
ILE CB  HB   sing N N 162 
ILE CG1 CD1  sing N N 163 
ILE CG1 HG12 sing N N 164 
ILE CG1 HG13 sing N N 165 
ILE CG2 HG21 sing N N 166 
ILE CG2 HG22 sing N N 167 
ILE CG2 HG23 sing N N 168 
ILE CD1 HD11 sing N N 169 
ILE CD1 HD12 sing N N 170 
ILE CD1 HD13 sing N N 171 
ILE OXT HXT  sing N N 172 
LEU N   CA   sing N N 173 
LEU N   H    sing N N 174 
LEU N   H2   sing N N 175 
LEU CA  C    sing N N 176 
LEU CA  CB   sing N N 177 
LEU CA  HA   sing N N 178 
LEU C   O    doub N N 179 
LEU C   OXT  sing N N 180 
LEU CB  CG   sing N N 181 
LEU CB  HB2  sing N N 182 
LEU CB  HB3  sing N N 183 
LEU CG  CD1  sing N N 184 
LEU CG  CD2  sing N N 185 
LEU CG  HG   sing N N 186 
LEU CD1 HD11 sing N N 187 
LEU CD1 HD12 sing N N 188 
LEU CD1 HD13 sing N N 189 
LEU CD2 HD21 sing N N 190 
LEU CD2 HD22 sing N N 191 
LEU CD2 HD23 sing N N 192 
LEU OXT HXT  sing N N 193 
LYS N   CA   sing N N 194 
LYS N   H    sing N N 195 
LYS N   H2   sing N N 196 
LYS CA  C    sing N N 197 
LYS CA  CB   sing N N 198 
LYS CA  HA   sing N N 199 
LYS C   O    doub N N 200 
LYS C   OXT  sing N N 201 
LYS CB  CG   sing N N 202 
LYS CB  HB2  sing N N 203 
LYS CB  HB3  sing N N 204 
LYS CG  CD   sing N N 205 
LYS CG  HG2  sing N N 206 
LYS CG  HG3  sing N N 207 
LYS CD  CE   sing N N 208 
LYS CD  HD2  sing N N 209 
LYS CD  HD3  sing N N 210 
LYS CE  NZ   sing N N 211 
LYS CE  HE2  sing N N 212 
LYS CE  HE3  sing N N 213 
LYS NZ  HZ1  sing N N 214 
LYS NZ  HZ2  sing N N 215 
LYS NZ  HZ3  sing N N 216 
LYS OXT HXT  sing N N 217 
MET N   CA   sing N N 218 
MET N   H    sing N N 219 
MET N   H2   sing N N 220 
MET CA  C    sing N N 221 
MET CA  CB   sing N N 222 
MET CA  HA   sing N N 223 
MET C   O    doub N N 224 
MET C   OXT  sing N N 225 
MET CB  CG   sing N N 226 
MET CB  HB2  sing N N 227 
MET CB  HB3  sing N N 228 
MET CG  SD   sing N N 229 
MET CG  HG2  sing N N 230 
MET CG  HG3  sing N N 231 
MET SD  CE   sing N N 232 
MET CE  HE1  sing N N 233 
MET CE  HE2  sing N N 234 
MET CE  HE3  sing N N 235 
MET OXT HXT  sing N N 236 
PHE N   CA   sing N N 237 
PHE N   H    sing N N 238 
PHE N   H2   sing N N 239 
PHE CA  C    sing N N 240 
PHE CA  CB   sing N N 241 
PHE CA  HA   sing N N 242 
PHE C   O    doub N N 243 
PHE C   OXT  sing N N 244 
PHE CB  CG   sing N N 245 
PHE CB  HB2  sing N N 246 
PHE CB  HB3  sing N N 247 
PHE CG  CD1  doub Y N 248 
PHE CG  CD2  sing Y N 249 
PHE CD1 CE1  sing Y N 250 
PHE CD1 HD1  sing N N 251 
PHE CD2 CE2  doub Y N 252 
PHE CD2 HD2  sing N N 253 
PHE CE1 CZ   doub Y N 254 
PHE CE1 HE1  sing N N 255 
PHE CE2 CZ   sing Y N 256 
PHE CE2 HE2  sing N N 257 
PHE CZ  HZ   sing N N 258 
PHE OXT HXT  sing N N 259 
PRO N   CA   sing N N 260 
PRO N   CD   sing N N 261 
PRO N   H    sing N N 262 
PRO CA  C    sing N N 263 
PRO CA  CB   sing N N 264 
PRO CA  HA   sing N N 265 
PRO C   O    doub N N 266 
PRO C   OXT  sing N N 267 
PRO CB  CG   sing N N 268 
PRO CB  HB2  sing N N 269 
PRO CB  HB3  sing N N 270 
PRO CG  CD   sing N N 271 
PRO CG  HG2  sing N N 272 
PRO CG  HG3  sing N N 273 
PRO CD  HD2  sing N N 274 
PRO CD  HD3  sing N N 275 
PRO OXT HXT  sing N N 276 
SER N   CA   sing N N 277 
SER N   H    sing N N 278 
SER N   H2   sing N N 279 
SER CA  C    sing N N 280 
SER CA  CB   sing N N 281 
SER CA  HA   sing N N 282 
SER C   O    doub N N 283 
SER C   OXT  sing N N 284 
SER CB  OG   sing N N 285 
SER CB  HB2  sing N N 286 
SER CB  HB3  sing N N 287 
SER OG  HG   sing N N 288 
SER OXT HXT  sing N N 289 
THR N   CA   sing N N 290 
THR N   H    sing N N 291 
THR N   H2   sing N N 292 
THR CA  C    sing N N 293 
THR CA  CB   sing N N 294 
THR CA  HA   sing N N 295 
THR C   O    doub N N 296 
THR C   OXT  sing N N 297 
THR CB  OG1  sing N N 298 
THR CB  CG2  sing N N 299 
THR CB  HB   sing N N 300 
THR OG1 HG1  sing N N 301 
THR CG2 HG21 sing N N 302 
THR CG2 HG22 sing N N 303 
THR CG2 HG23 sing N N 304 
THR OXT HXT  sing N N 305 
TRP N   CA   sing N N 306 
TRP N   H    sing N N 307 
TRP N   H2   sing N N 308 
TRP CA  C    sing N N 309 
TRP CA  CB   sing N N 310 
TRP CA  HA   sing N N 311 
TRP C   O    doub N N 312 
TRP C   OXT  sing N N 313 
TRP CB  CG   sing N N 314 
TRP CB  HB2  sing N N 315 
TRP CB  HB3  sing N N 316 
TRP CG  CD1  doub Y N 317 
TRP CG  CD2  sing Y N 318 
TRP CD1 NE1  sing Y N 319 
TRP CD1 HD1  sing N N 320 
TRP CD2 CE2  doub Y N 321 
TRP CD2 CE3  sing Y N 322 
TRP NE1 CE2  sing Y N 323 
TRP NE1 HE1  sing N N 324 
TRP CE2 CZ2  sing Y N 325 
TRP CE3 CZ3  doub Y N 326 
TRP CE3 HE3  sing N N 327 
TRP CZ2 CH2  doub Y N 328 
TRP CZ2 HZ2  sing N N 329 
TRP CZ3 CH2  sing Y N 330 
TRP CZ3 HZ3  sing N N 331 
TRP CH2 HH2  sing N N 332 
TRP OXT HXT  sing N N 333 
TYR N   CA   sing N N 334 
TYR N   H    sing N N 335 
TYR N   H2   sing N N 336 
TYR CA  C    sing N N 337 
TYR CA  CB   sing N N 338 
TYR CA  HA   sing N N 339 
TYR C   O    doub N N 340 
TYR C   OXT  sing N N 341 
TYR CB  CG   sing N N 342 
TYR CB  HB2  sing N N 343 
TYR CB  HB3  sing N N 344 
TYR CG  CD1  doub Y N 345 
TYR CG  CD2  sing Y N 346 
TYR CD1 CE1  sing Y N 347 
TYR CD1 HD1  sing N N 348 
TYR CD2 CE2  doub Y N 349 
TYR CD2 HD2  sing N N 350 
TYR CE1 CZ   doub Y N 351 
TYR CE1 HE1  sing N N 352 
TYR CE2 CZ   sing Y N 353 
TYR CE2 HE2  sing N N 354 
TYR CZ  OH   sing N N 355 
TYR OH  HH   sing N N 356 
TYR OXT HXT  sing N N 357 
UOD C23 C21  sing N N 358 
UOD C21 C22  sing N N 359 
UOD C21 C19  sing N N 360 
UOD O20 C18  doub N N 361 
UOD C39 C38  sing N N 362 
UOD N24 C19  sing N N 363 
UOD N24 C25  sing N N 364 
UOD C19 C18  sing N N 365 
UOD C18 N17  sing N N 366 
UOD C07 N08  sing N N 367 
UOD C07 C06  sing N N 368 
UOD C38 C30  sing N N 369 
UOD C38 C25  sing N N 370 
UOD C38 C40  sing N N 371 
UOD C30 C31  doub N E 372 
UOD C37 C36  doub Y N 373 
UOD C37 C32  sing Y N 374 
UOD C36 C35  sing Y N 375 
UOD C25 O26  doub N N 376 
UOD N08 N09  sing N N 377 
UOD N08 C14  sing N N 378 
UOD O16 C14  doub N N 379 
UOD N09 C10  sing N N 380 
UOD O29 C11  doub N N 381 
UOD N17 C15  sing N N 382 
UOD C14 C15  sing N N 383 
UOD C32 C01  doub Y N 384 
UOD C32 C33  sing Y N 385 
UOD C01 C02  sing Y N 386 
UOD C06 C05  sing N N 387 
UOD C35 C31  sing N N 388 
UOD C35 C34  doub Y N 389 
UOD C15 C27  sing N N 390 
UOD C05 C10  sing N N 391 
UOD C10 C11  sing N N 392 
UOD C02 C03  doub Y N 393 
UOD C11 O12  sing N N 394 
UOD C33 C34  sing Y N 395 
UOD C33 N04  doub Y N 396 
UOD C03 N04  sing Y N 397 
UOD C03 C13  sing N N 398 
UOD O12 C13  sing N N 399 
UOD C13 C28  sing N N 400 
UOD C01 H1   sing N N 401 
UOD C02 H2   sing N N 402 
UOD C05 H3   sing N N 403 
UOD C05 H4   sing N N 404 
UOD C06 H5   sing N N 405 
UOD C06 H6   sing N N 406 
UOD C07 H7   sing N N 407 
UOD C07 H8   sing N N 408 
UOD C10 H9   sing N N 409 
UOD C13 H10  sing N N 410 
UOD C15 H11  sing N N 411 
UOD C19 H12  sing N N 412 
UOD C21 H13  sing N N 413 
UOD C22 H14  sing N N 414 
UOD C22 H15  sing N N 415 
UOD C22 H16  sing N N 416 
UOD C23 H17  sing N N 417 
UOD C23 H18  sing N N 418 
UOD C23 H19  sing N N 419 
UOD C27 H20  sing N N 420 
UOD C27 H21  sing N N 421 
UOD C27 H22  sing N N 422 
UOD C28 H23  sing N N 423 
UOD C28 H24  sing N N 424 
UOD C28 H25  sing N N 425 
UOD C30 H26  sing N N 426 
UOD C31 H27  sing N N 427 
UOD C34 H28  sing N N 428 
UOD C36 H29  sing N N 429 
UOD C37 H30  sing N N 430 
UOD C39 H31  sing N N 431 
UOD C39 H32  sing N N 432 
UOD C39 H33  sing N N 433 
UOD C40 H34  sing N N 434 
UOD C40 H35  sing N N 435 
UOD C40 H36  sing N N 436 
UOD N09 H37  sing N N 437 
UOD N17 H38  sing N N 438 
UOD N24 H39  sing N N 439 
VAL N   CA   sing N N 440 
VAL N   H    sing N N 441 
VAL N   H2   sing N N 442 
VAL CA  C    sing N N 443 
VAL CA  CB   sing N N 444 
VAL CA  HA   sing N N 445 
VAL C   O    doub N N 446 
VAL C   OXT  sing N N 447 
VAL CB  CG1  sing N N 448 
VAL CB  CG2  sing N N 449 
VAL CB  HB   sing N N 450 
VAL CG1 HG11 sing N N 451 
VAL CG1 HG12 sing N N 452 
VAL CG1 HG13 sing N N 453 
VAL CG2 HG21 sing N N 454 
VAL CG2 HG22 sing N N 455 
VAL CG2 HG23 sing N N 456 
VAL OXT HXT  sing N N 457 
# 
_pdbx_entity_instance_feature.ordinal        1 
_pdbx_entity_instance_feature.comp_id        UOD 
_pdbx_entity_instance_feature.asym_id        ? 
_pdbx_entity_instance_feature.seq_num        ? 
_pdbx_entity_instance_feature.auth_comp_id   UOD 
_pdbx_entity_instance_feature.auth_asym_id   ? 
_pdbx_entity_instance_feature.auth_seq_num   ? 
_pdbx_entity_instance_feature.feature_type   'SUBJECT OF INVESTIGATION' 
_pdbx_entity_instance_feature.details        ? 
# 
loop_
_pdbx_entity_nonpoly.entity_id 
_pdbx_entity_nonpoly.name 
_pdbx_entity_nonpoly.comp_id 
2 
;(2R,5S,11S,14S,18E)-2,11,17,17-tetramethyl-14-(propan-2-yl)-3-oxa-9,12,15,26,29-pentaazatetracyclo[18.5.3.1~5,9~.0~23,27~]nonacosa-1(25),18,20(28),21,23,26-hexaene-4,10,13,16-tetrone
;
UOD 
3 water HOH 
# 
_pdbx_initial_refinement_model.id               1 
_pdbx_initial_refinement_model.entity_id_list   ? 
_pdbx_initial_refinement_model.type             'experimental model' 
_pdbx_initial_refinement_model.source_name      PDB 
_pdbx_initial_refinement_model.accession_code   2CPL 
_pdbx_initial_refinement_model.details          'PDB entry 2CPL' 
# 
_pdbx_struct_assembly_auth_evidence.id                     1 
_pdbx_struct_assembly_auth_evidence.assembly_id            1 
_pdbx_struct_assembly_auth_evidence.experimental_support   'gel filtration' 
_pdbx_struct_assembly_auth_evidence.details                ? 
# 
_space_group.name_H-M_alt     'P 21 21 21' 
_space_group.name_Hall        'P 2ac 2ab' 
_space_group.IT_number        19 
_space_group.crystal_system   orthorhombic 
_space_group.id               1 
# 
